data_4R69
#
_entry.id   4R69
#
_cell.length_a   75.007
_cell.length_b   80.682
_cell.length_c   101.983
_cell.angle_alpha   90.00
_cell.angle_beta   96.49
_cell.angle_gamma   90.00
#
_symmetry.space_group_name_H-M   'P 1 21 1'
#
loop_
_entity.id
_entity.type
_entity.pdbx_description
1 polymer 'L-lactate dehydrogenase A chain'
2 non-polymer '4-(2-HYDROXYETHYL)-1-PIPERAZINE ETHANESULFONIC ACID'
3 non-polymer '1,4-DIHYDRONICOTINAMIDE ADENINE DINUCLEOTIDE'
4 non-polymer (5R)-2-[(2-chlorophenyl)sulfanyl]-5-[2,6-dichloro-3-(tetrahydro-2H-pyran-4-ylamino)phenyl]-3-hydroxycyclohex-2-en-1-one
5 non-polymer 'SULFATE ION'
#
_entity_poly.entity_id   1
_entity_poly.type   'polypeptide(L)'
_entity_poly.pdbx_seq_one_letter_code
;ATLKDQLIYNLLKEEQTPQNKITVVGVGAVGMACAISILMKDLADELALVDVIEDKLKGEMMDLQHGSLFLRTPKIVSGK
DYNVTANSKLVIITAGARQQEGESRLNLVQRNVNIFKFIIPNVVKYSPNCKLLIVSNPVDILTYVAWKISGFPKNRVIGS
GCNLDSARFRYLMGERLGVHPLSCHGWVLGEHGDSSVPVWSGMNVAGVSLKTLHPDLGTDKDKEQWKEVHKQVVESAYEV
IKLKGYTSWAIGLSVADLAESIMKNLRRVHPVSTMIKGLYGIKDDVFLSVPCILGQNGISDLVKVTLTSEEEARLKKSAD
TLWGIQKELQF
;
_entity_poly.pdbx_strand_id   A,B,C,D
#
loop_
_chem_comp.id
_chem_comp.type
_chem_comp.name
_chem_comp.formula
EPE non-polymer '4-(2-HYDROXYETHYL)-1-PIPERAZINE ETHANESULFONIC ACID' 'C8 H18 N2 O4 S'
NAI non-polymer '1,4-DIHYDRONICOTINAMIDE ADENINE DINUCLEOTIDE' 'C21 H29 N7 O14 P2'
SO4 non-polymer 'SULFATE ION' 'O4 S -2'
W13 non-polymer (5R)-2-[(2-chlorophenyl)sulfanyl]-5-[2,6-dichloro-3-(tetrahydro-2H-pyran-4-ylamino)phenyl]-3-hydroxycyclohex-2-en-1-one 'C23 H22 Cl3 N O3 S'
#
# COMPACT_ATOMS: atom_id res chain seq x y z
N ALA A 1 41.39 5.61 -7.88
CA ALA A 1 40.13 5.41 -7.18
C ALA A 1 39.12 4.68 -8.06
N THR A 2 38.25 3.85 -7.44
CA THR A 2 37.21 3.13 -8.16
C THR A 2 36.09 4.09 -8.55
N LEU A 3 35.27 3.70 -9.54
CA LEU A 3 34.11 4.46 -10.02
C LEU A 3 33.15 4.78 -8.85
N LYS A 4 32.99 3.83 -7.89
CA LYS A 4 32.16 4.01 -6.70
C LYS A 4 32.70 5.18 -5.87
N ASP A 5 34.03 5.23 -5.66
CA ASP A 5 34.71 6.28 -4.90
C ASP A 5 34.64 7.61 -5.63
N GLN A 6 34.71 7.58 -6.97
CA GLN A 6 34.65 8.77 -7.85
C GLN A 6 33.23 9.38 -7.84
N LEU A 7 32.21 8.52 -7.91
CA LEU A 7 30.80 8.92 -7.95
C LEU A 7 30.26 9.26 -6.57
N ILE A 8 30.58 8.46 -5.55
CA ILE A 8 30.02 8.64 -4.20
C ILE A 8 31.08 8.95 -3.12
N TYR A 9 30.82 10.02 -2.34
CA TYR A 9 31.63 10.37 -1.16
C TYR A 9 30.92 9.78 0.06
N ASN A 10 31.67 9.05 0.88
CA ASN A 10 31.14 8.39 2.07
C ASN A 10 31.29 9.25 3.33
N LEU A 11 30.21 9.36 4.11
CA LEU A 11 30.17 10.10 5.37
C LEU A 11 30.51 9.14 6.50
N LEU A 12 29.86 7.95 6.52
CA LEU A 12 30.11 6.89 7.50
C LEU A 12 30.01 5.52 6.84
N LYS A 13 30.94 4.62 7.17
CA LYS A 13 30.92 3.29 6.60
C LYS A 13 30.01 2.35 7.39
N GLU A 14 28.83 2.88 7.81
CA GLU A 14 27.73 2.19 8.52
C GLU A 14 28.25 1.50 9.83
N GLU A 15 27.64 0.42 10.40
CA GLU A 15 26.44 -0.34 10.06
C GLU A 15 25.68 -0.70 11.34
N GLN A 16 24.40 -0.32 11.40
CA GLN A 16 23.53 -0.61 12.53
C GLN A 16 23.12 -2.08 12.52
N THR A 17 22.84 -2.64 13.72
CA THR A 17 22.35 -4.02 13.86
C THR A 17 20.94 -4.03 13.24
N PRO A 18 20.47 -5.16 12.64
CA PRO A 18 19.14 -5.12 11.99
C PRO A 18 18.04 -4.64 12.93
N GLN A 19 17.18 -3.73 12.43
CA GLN A 19 16.10 -3.09 13.19
C GLN A 19 14.76 -3.83 13.09
N ASN A 20 14.19 -3.96 11.89
CA ASN A 20 12.93 -4.66 11.67
C ASN A 20 13.17 -5.92 10.86
N LYS A 21 13.87 -6.89 11.48
CA LYS A 21 14.28 -8.14 10.84
C LYS A 21 13.29 -9.30 11.01
N ILE A 22 13.04 -10.02 9.90
CA ILE A 22 12.17 -11.20 9.87
C ILE A 22 12.98 -12.38 9.30
N THR A 23 12.85 -13.57 9.91
CA THR A 23 13.53 -14.78 9.46
C THR A 23 12.50 -15.85 9.10
N VAL A 24 12.69 -16.51 7.95
CA VAL A 24 11.82 -17.58 7.49
C VAL A 24 12.65 -18.87 7.47
N VAL A 25 12.30 -19.83 8.34
CA VAL A 25 13.00 -21.11 8.45
C VAL A 25 12.19 -22.15 7.68
N GLY A 26 12.79 -22.68 6.62
CA GLY A 26 12.19 -23.64 5.72
C GLY A 26 11.60 -22.94 4.53
N VAL A 27 12.42 -22.79 3.46
CA VAL A 27 12.01 -22.12 2.20
C VAL A 27 11.14 -23.04 1.30
N GLY A 28 10.22 -23.78 1.93
CA GLY A 28 9.30 -24.66 1.23
C GLY A 28 8.19 -23.90 0.53
N ALA A 29 7.14 -24.61 0.14
CA ALA A 29 5.97 -24.04 -0.52
C ALA A 29 5.31 -22.98 0.36
N VAL A 30 5.14 -23.29 1.67
CA VAL A 30 4.56 -22.40 2.68
C VAL A 30 5.51 -21.24 2.99
N GLY A 31 6.77 -21.58 3.33
CA GLY A 31 7.81 -20.61 3.67
C GLY A 31 8.00 -19.50 2.66
N MET A 32 8.08 -19.86 1.38
CA MET A 32 8.28 -18.92 0.28
C MET A 32 7.08 -18.01 0.02
N ALA A 33 5.87 -18.51 0.29
CA ALA A 33 4.65 -17.73 0.16
C ALA A 33 4.56 -16.72 1.29
N CYS A 34 5.05 -17.09 2.51
CA CYS A 34 5.10 -16.20 3.66
C CYS A 34 6.08 -15.07 3.33
N ALA A 35 7.24 -15.43 2.76
CA ALA A 35 8.31 -14.54 2.34
C ALA A 35 7.83 -13.44 1.39
N ILE A 36 7.19 -13.83 0.26
CA ILE A 36 6.68 -12.88 -0.73
C ILE A 36 5.58 -11.98 -0.14
N SER A 37 4.66 -12.55 0.66
CA SER A 37 3.58 -11.79 1.31
C SER A 37 4.12 -10.74 2.27
N ILE A 38 5.21 -11.08 3.02
CA ILE A 38 5.90 -10.18 3.96
C ILE A 38 6.61 -9.06 3.18
N LEU A 39 7.32 -9.43 2.10
CA LEU A 39 8.09 -8.49 1.26
C LEU A 39 7.20 -7.44 0.61
N MET A 40 6.02 -7.87 0.10
CA MET A 40 5.10 -6.94 -0.57
CA MET A 40 5.04 -7.01 -0.57
C MET A 40 4.28 -6.11 0.40
N LYS A 41 4.18 -6.53 1.68
CA LYS A 41 3.49 -5.78 2.73
C LYS A 41 4.42 -4.80 3.43
N ASP A 42 5.70 -4.75 2.98
CA ASP A 42 6.78 -3.88 3.48
C ASP A 42 6.90 -3.91 5.02
N LEU A 43 7.01 -5.13 5.58
CA LEU A 43 7.06 -5.35 7.03
C LEU A 43 8.46 -5.42 7.62
N ALA A 44 9.45 -5.82 6.81
CA ALA A 44 10.84 -5.96 7.23
C ALA A 44 11.81 -5.09 6.44
N ASP A 45 12.93 -4.70 7.08
CA ASP A 45 14.02 -3.95 6.44
C ASP A 45 15.16 -4.94 6.11
N GLU A 46 15.02 -6.18 6.63
CA GLU A 46 15.92 -7.30 6.40
C GLU A 46 15.17 -8.62 6.50
N LEU A 47 15.31 -9.46 5.46
CA LEU A 47 14.71 -10.79 5.42
C LEU A 47 15.80 -11.86 5.35
N ALA A 48 15.75 -12.82 6.28
CA ALA A 48 16.73 -13.90 6.33
C ALA A 48 16.04 -15.24 6.06
N LEU A 49 16.66 -16.07 5.21
CA LEU A 49 16.11 -17.37 4.85
C LEU A 49 17.02 -18.49 5.28
N VAL A 50 16.45 -19.53 5.94
CA VAL A 50 17.22 -20.68 6.43
C VAL A 50 16.59 -21.98 5.93
N ASP A 51 17.44 -22.91 5.44
CA ASP A 51 17.02 -24.23 4.96
C ASP A 51 18.21 -25.21 5.00
N VAL A 52 17.90 -26.52 4.98
CA VAL A 52 18.88 -27.60 4.95
C VAL A 52 19.39 -27.81 3.52
N ILE A 53 18.50 -27.65 2.51
CA ILE A 53 18.81 -27.78 1.08
C ILE A 53 19.40 -26.44 0.60
N GLU A 54 20.75 -26.33 0.61
CA GLU A 54 21.47 -25.09 0.27
C GLU A 54 21.23 -24.57 -1.15
N ASP A 55 21.13 -25.49 -2.16
CA ASP A 55 20.88 -25.14 -3.56
CA ASP A 55 20.88 -25.13 -3.57
C ASP A 55 19.55 -24.40 -3.74
N LYS A 56 18.45 -24.98 -3.22
CA LYS A 56 17.11 -24.39 -3.27
C LYS A 56 17.11 -23.05 -2.54
N LEU A 57 17.74 -23.02 -1.33
CA LEU A 57 17.88 -21.87 -0.43
C LEU A 57 18.55 -20.68 -1.14
N LYS A 58 19.67 -20.93 -1.84
CA LYS A 58 20.39 -19.90 -2.60
C LYS A 58 19.53 -19.39 -3.76
N GLY A 59 18.88 -20.33 -4.45
CA GLY A 59 18.01 -20.05 -5.60
C GLY A 59 16.88 -19.14 -5.24
N GLU A 60 16.14 -19.50 -4.17
CA GLU A 60 14.99 -18.74 -3.65
C GLU A 60 15.41 -17.33 -3.22
N MET A 61 16.58 -17.21 -2.55
CA MET A 61 17.13 -15.94 -2.12
C MET A 61 17.44 -15.04 -3.32
N MET A 62 18.18 -15.56 -4.32
CA MET A 62 18.57 -14.85 -5.54
C MET A 62 17.35 -14.36 -6.32
N ASP A 63 16.30 -15.19 -6.41
CA ASP A 63 15.06 -14.86 -7.12
C ASP A 63 14.40 -13.66 -6.45
N LEU A 64 14.32 -13.66 -5.09
CA LEU A 64 13.75 -12.55 -4.33
C LEU A 64 14.61 -11.31 -4.51
N GLN A 65 15.95 -11.48 -4.47
CA GLN A 65 16.96 -10.42 -4.63
C GLN A 65 16.82 -9.71 -5.97
N HIS A 66 16.48 -10.44 -7.05
CA HIS A 66 16.31 -9.84 -8.36
C HIS A 66 15.08 -8.94 -8.45
N GLY A 67 14.09 -9.22 -7.62
CA GLY A 67 12.86 -8.44 -7.53
C GLY A 67 12.97 -7.20 -6.64
N SER A 68 14.17 -6.95 -6.06
CA SER A 68 14.49 -5.81 -5.17
C SER A 68 14.01 -4.44 -5.64
N LEU A 69 14.05 -4.20 -6.97
CA LEU A 69 13.63 -2.96 -7.60
C LEU A 69 12.13 -2.66 -7.31
N PHE A 70 11.31 -3.72 -7.28
CA PHE A 70 9.87 -3.67 -7.03
C PHE A 70 9.52 -3.87 -5.54
N LEU A 71 10.54 -3.96 -4.68
CA LEU A 71 10.37 -4.16 -3.24
C LEU A 71 10.96 -3.00 -2.42
N ARG A 72 10.54 -2.89 -1.14
CA ARG A 72 11.02 -1.87 -0.20
C ARG A 72 11.74 -2.52 1.00
N THR A 73 12.35 -3.71 0.75
CA THR A 73 13.14 -4.49 1.71
C THR A 73 14.59 -4.50 1.16
N PRO A 74 15.48 -3.67 1.72
CA PRO A 74 16.84 -3.53 1.14
C PRO A 74 17.80 -4.70 1.32
N LYS A 75 17.56 -5.61 2.29
CA LYS A 75 18.48 -6.72 2.53
C LYS A 75 17.81 -8.09 2.61
N ILE A 76 18.07 -8.95 1.61
CA ILE A 76 17.54 -10.32 1.59
C ILE A 76 18.74 -11.25 1.65
N VAL A 77 18.92 -11.92 2.80
CA VAL A 77 20.04 -12.82 3.04
C VAL A 77 19.57 -14.25 3.32
N SER A 78 20.44 -15.24 3.07
CA SER A 78 20.14 -16.64 3.33
C SER A 78 21.37 -17.40 3.83
N GLY A 79 21.14 -18.59 4.37
CA GLY A 79 22.22 -19.45 4.87
C GLY A 79 21.75 -20.63 5.69
N LYS A 80 22.53 -21.72 5.66
CA LYS A 80 22.30 -22.96 6.43
C LYS A 80 22.64 -22.60 7.89
N ASP A 81 23.70 -21.77 8.07
CA ASP A 81 24.16 -21.27 9.36
C ASP A 81 23.17 -20.21 9.87
N TYR A 82 22.76 -20.33 11.14
CA TYR A 82 21.79 -19.43 11.76
C TYR A 82 22.36 -18.05 12.13
N ASN A 83 23.64 -17.79 11.77
CA ASN A 83 24.31 -16.50 11.98
C ASN A 83 23.61 -15.42 11.16
N VAL A 84 22.95 -15.83 10.05
CA VAL A 84 22.19 -14.97 9.14
C VAL A 84 20.90 -14.46 9.81
N THR A 85 20.39 -15.17 10.85
CA THR A 85 19.15 -14.84 11.57
C THR A 85 19.34 -13.78 12.65
N ALA A 86 20.59 -13.57 13.11
CA ALA A 86 20.96 -12.65 14.20
C ALA A 86 20.19 -11.33 14.21
N ASN A 87 19.59 -11.03 15.38
CA ASN A 87 18.83 -9.82 15.66
C ASN A 87 17.51 -9.75 14.86
N SER A 88 16.77 -10.87 14.85
CA SER A 88 15.47 -10.93 14.21
C SER A 88 14.43 -10.52 15.25
N LYS A 89 13.40 -9.82 14.81
CA LYS A 89 12.30 -9.41 15.68
C LYS A 89 11.31 -10.57 15.69
N LEU A 90 11.07 -11.17 14.50
CA LEU A 90 10.16 -12.28 14.30
C LEU A 90 10.81 -13.40 13.49
N VAL A 91 10.76 -14.64 14.05
CA VAL A 91 11.28 -15.85 13.39
C VAL A 91 10.11 -16.79 13.12
N ILE A 92 9.89 -17.12 11.84
CA ILE A 92 8.81 -17.98 11.38
C ILE A 92 9.34 -19.36 11.00
N ILE A 93 8.77 -20.42 11.62
CA ILE A 93 9.15 -21.81 11.35
C ILE A 93 8.12 -22.49 10.45
N THR A 94 8.52 -22.70 9.19
CA THR A 94 7.76 -23.34 8.12
C THR A 94 8.57 -24.53 7.58
N ALA A 95 9.44 -25.10 8.44
CA ALA A 95 10.37 -26.19 8.13
C ALA A 95 9.80 -27.61 8.33
N GLY A 96 10.41 -28.57 7.62
CA GLY A 96 10.04 -29.98 7.67
C GLY A 96 9.72 -30.54 6.29
N ALA A 97 8.42 -30.81 6.06
CA ALA A 97 7.81 -31.34 4.84
C ALA A 97 6.30 -31.43 5.07
N ARG A 98 5.54 -31.78 4.01
CA ARG A 98 4.08 -31.84 4.01
C ARG A 98 3.50 -32.98 4.90
N GLN A 99 3.62 -34.27 4.48
CA GLN A 99 3.12 -35.48 5.16
C GLN A 99 3.21 -36.70 4.24
N LEU A 106 1.34 -39.11 14.28
CA LEU A 106 2.48 -39.37 15.17
C LEU A 106 3.83 -39.32 14.43
N ASN A 107 3.86 -39.80 13.17
CA ASN A 107 5.08 -39.81 12.35
C ASN A 107 5.58 -38.38 12.14
N LEU A 108 4.68 -37.48 11.66
CA LEU A 108 4.96 -36.06 11.39
C LEU A 108 5.37 -35.34 12.68
N VAL A 109 4.83 -35.78 13.84
CA VAL A 109 5.14 -35.23 15.17
C VAL A 109 6.61 -35.52 15.52
N GLN A 110 6.98 -36.80 15.70
CA GLN A 110 8.34 -37.19 16.07
C GLN A 110 9.38 -36.77 15.01
N ARG A 111 8.99 -36.75 13.72
CA ARG A 111 9.86 -36.31 12.63
C ARG A 111 10.22 -34.83 12.83
N ASN A 112 9.19 -33.94 12.90
CA ASN A 112 9.37 -32.49 13.07
C ASN A 112 9.90 -32.11 14.43
N VAL A 113 9.65 -32.90 15.50
CA VAL A 113 10.19 -32.65 16.84
C VAL A 113 11.72 -32.71 16.74
N ASN A 114 12.24 -33.76 16.08
CA ASN A 114 13.66 -33.99 15.89
C ASN A 114 14.33 -32.86 15.14
N ILE A 115 13.62 -32.25 14.18
CA ILE A 115 14.06 -31.11 13.35
C ILE A 115 14.16 -29.84 14.26
N PHE A 116 13.13 -29.62 15.10
CA PHE A 116 13.01 -28.51 16.04
C PHE A 116 14.11 -28.52 17.12
N LYS A 117 14.65 -29.72 17.44
CA LYS A 117 15.72 -29.94 18.42
C LYS A 117 17.02 -29.22 18.01
N PHE A 118 17.13 -28.85 16.72
CA PHE A 118 18.27 -28.11 16.18
C PHE A 118 17.84 -26.67 15.86
N ILE A 119 16.67 -26.50 15.21
CA ILE A 119 16.16 -25.18 14.80
C ILE A 119 16.08 -24.21 15.97
N ILE A 120 15.20 -24.51 16.94
CA ILE A 120 14.88 -23.67 18.09
C ILE A 120 16.13 -23.24 18.89
N PRO A 121 17.07 -24.13 19.32
CA PRO A 121 18.26 -23.64 20.06
C PRO A 121 19.12 -22.68 19.25
N ASN A 122 19.22 -22.91 17.93
CA ASN A 122 19.98 -22.09 17.00
C ASN A 122 19.34 -20.70 16.82
N VAL A 123 18.00 -20.65 16.80
CA VAL A 123 17.22 -19.41 16.67
C VAL A 123 17.41 -18.53 17.91
N VAL A 124 17.23 -19.12 19.11
CA VAL A 124 17.38 -18.47 20.42
C VAL A 124 18.82 -17.94 20.60
N LYS A 125 19.82 -18.70 20.10
CA LYS A 125 21.24 -18.37 20.16
C LYS A 125 21.56 -17.03 19.48
N TYR A 126 20.93 -16.75 18.31
CA TYR A 126 21.19 -15.54 17.53
C TYR A 126 20.16 -14.42 17.72
N SER A 127 18.90 -14.76 18.05
CA SER A 127 17.84 -13.79 18.28
C SER A 127 17.14 -14.17 19.62
N PRO A 128 17.77 -13.87 20.79
CA PRO A 128 17.17 -14.29 22.08
C PRO A 128 15.93 -13.51 22.53
N ASN A 129 15.68 -12.32 21.94
CA ASN A 129 14.54 -11.49 22.30
C ASN A 129 13.50 -11.41 21.14
N CYS A 130 13.48 -12.44 20.29
CA CYS A 130 12.58 -12.53 19.14
C CYS A 130 11.22 -13.11 19.52
N LYS A 131 10.29 -13.07 18.56
CA LYS A 131 8.97 -13.65 18.69
C LYS A 131 8.96 -14.82 17.72
N LEU A 132 8.54 -15.99 18.20
CA LEU A 132 8.49 -17.19 17.39
C LEU A 132 7.12 -17.39 16.83
N LEU A 133 7.02 -17.59 15.52
CA LEU A 133 5.75 -17.86 14.86
C LEU A 133 5.85 -19.25 14.21
N ILE A 134 5.21 -20.23 14.85
CA ILE A 134 5.26 -21.63 14.39
C ILE A 134 4.16 -21.88 13.37
N VAL A 135 4.52 -22.49 12.21
CA VAL A 135 3.58 -22.82 11.14
C VAL A 135 3.55 -24.34 10.90
N SER A 136 4.74 -24.97 10.90
CA SER A 136 4.94 -26.40 10.69
C SER A 136 3.95 -27.23 11.52
N ASN A 137 3.38 -28.27 10.89
CA ASN A 137 2.36 -29.13 11.51
C ASN A 137 2.87 -30.36 12.25
N PRO A 138 2.19 -30.82 13.33
CA PRO A 138 0.99 -30.26 13.99
C PRO A 138 1.37 -28.98 14.71
N VAL A 139 0.83 -27.84 14.23
CA VAL A 139 1.17 -26.50 14.72
C VAL A 139 0.97 -26.38 16.25
N ASP A 140 -0.18 -26.85 16.79
CA ASP A 140 -0.46 -26.77 18.22
C ASP A 140 0.55 -27.54 19.09
N ILE A 141 0.98 -28.73 18.62
CA ILE A 141 1.97 -29.56 19.31
C ILE A 141 3.36 -28.95 19.19
N LEU A 142 3.75 -28.55 17.96
CA LEU A 142 5.08 -27.97 17.69
C LEU A 142 5.28 -26.59 18.34
N THR A 143 4.20 -25.83 18.60
CA THR A 143 4.29 -24.54 19.30
C THR A 143 4.74 -24.79 20.76
N TYR A 144 4.21 -25.88 21.38
CA TYR A 144 4.58 -26.33 22.72
C TYR A 144 6.05 -26.73 22.73
N VAL A 145 6.45 -27.58 21.76
CA VAL A 145 7.81 -28.09 21.53
C VAL A 145 8.78 -26.91 21.49
N ALA A 146 8.47 -25.88 20.67
CA ALA A 146 9.27 -24.66 20.53
C ALA A 146 9.38 -23.93 21.85
N TRP A 147 8.23 -23.70 22.52
CA TRP A 147 8.14 -23.02 23.82
C TRP A 147 8.98 -23.71 24.89
N LYS A 148 8.94 -25.05 24.92
CA LYS A 148 9.69 -25.87 25.87
C LYS A 148 11.19 -25.79 25.63
N ILE A 149 11.63 -25.96 24.36
CA ILE A 149 13.05 -25.91 23.96
C ILE A 149 13.63 -24.48 24.13
N SER A 150 12.90 -23.46 23.65
CA SER A 150 13.32 -22.06 23.74
C SER A 150 13.47 -21.55 25.16
N GLY A 151 12.50 -21.89 26.02
CA GLY A 151 12.46 -21.41 27.40
C GLY A 151 11.96 -19.98 27.42
N PHE A 152 11.38 -19.53 26.30
CA PHE A 152 10.82 -18.21 26.09
C PHE A 152 9.51 -18.08 26.88
N PRO A 153 9.08 -16.85 27.27
CA PRO A 153 7.77 -16.74 27.94
C PRO A 153 6.63 -16.98 26.94
N LYS A 154 5.47 -17.46 27.44
CA LYS A 154 4.31 -17.83 26.63
C LYS A 154 3.91 -16.79 25.55
N ASN A 155 4.12 -15.48 25.82
CA ASN A 155 3.81 -14.38 24.91
C ASN A 155 4.66 -14.35 23.63
N ARG A 156 5.95 -14.73 23.73
CA ARG A 156 6.88 -14.71 22.60
C ARG A 156 6.84 -16.00 21.75
N VAL A 157 5.97 -16.96 22.11
CA VAL A 157 5.78 -18.22 21.36
C VAL A 157 4.35 -18.20 20.82
N ILE A 158 4.22 -17.87 19.52
CA ILE A 158 2.95 -17.75 18.81
C ILE A 158 2.82 -18.85 17.74
N GLY A 159 1.73 -19.58 17.78
CA GLY A 159 1.45 -20.64 16.81
C GLY A 159 0.36 -20.18 15.86
N SER A 160 0.51 -20.45 14.55
CA SER A 160 -0.47 -20.08 13.52
C SER A 160 -1.88 -20.53 13.90
N GLY A 161 -1.98 -21.76 14.42
CA GLY A 161 -3.23 -22.36 14.86
C GLY A 161 -4.38 -22.23 13.88
N CYS A 162 -5.53 -21.74 14.39
CA CYS A 162 -6.75 -21.58 13.61
C CYS A 162 -6.87 -20.24 12.84
N ASN A 163 -5.73 -19.59 12.52
CA ASN A 163 -5.74 -18.35 11.74
C ASN A 163 -6.24 -18.60 10.32
N LEU A 164 -5.64 -19.61 9.63
CA LEU A 164 -6.02 -20.04 8.27
C LEU A 164 -7.43 -20.66 8.27
N ASP A 165 -7.78 -21.40 9.35
CA ASP A 165 -9.09 -22.04 9.52
C ASP A 165 -10.18 -20.97 9.53
N SER A 166 -9.98 -19.88 10.30
CA SER A 166 -10.91 -18.77 10.40
C SER A 166 -10.95 -17.97 9.09
N ALA A 167 -9.78 -17.86 8.41
CA ALA A 167 -9.61 -17.17 7.14
C ALA A 167 -10.41 -17.89 6.04
N ARG A 168 -10.41 -19.23 6.07
CA ARG A 168 -11.15 -20.07 5.14
C ARG A 168 -12.64 -20.02 5.45
N PHE A 169 -12.99 -20.01 6.75
CA PHE A 169 -14.37 -19.94 7.23
C PHE A 169 -15.04 -18.64 6.82
N ARG A 170 -14.34 -17.51 7.01
CA ARG A 170 -14.82 -16.16 6.65
C ARG A 170 -14.99 -16.00 5.14
N TYR A 171 -14.21 -16.75 4.33
CA TYR A 171 -14.33 -16.74 2.88
C TYR A 171 -15.61 -17.48 2.46
N LEU A 172 -15.83 -18.67 3.05
CA LEU A 172 -16.98 -19.53 2.78
C LEU A 172 -18.29 -18.84 3.21
N MET A 173 -18.28 -18.26 4.43
CA MET A 173 -19.39 -17.49 5.02
C MET A 173 -19.68 -16.31 4.09
N GLY A 174 -18.61 -15.65 3.63
CA GLY A 174 -18.64 -14.53 2.71
C GLY A 174 -19.29 -14.84 1.39
N GLU A 175 -18.99 -16.03 0.83
CA GLU A 175 -19.57 -16.53 -0.42
C GLU A 175 -21.05 -16.81 -0.23
N ARG A 176 -21.39 -17.48 0.89
CA ARG A 176 -22.76 -17.84 1.25
C ARG A 176 -23.68 -16.61 1.35
N LEU A 177 -23.17 -15.52 1.95
CA LEU A 177 -23.92 -14.29 2.19
C LEU A 177 -23.74 -13.19 1.15
N GLY A 178 -22.75 -13.34 0.27
CA GLY A 178 -22.46 -12.34 -0.77
C GLY A 178 -21.98 -11.03 -0.16
N VAL A 179 -21.08 -11.14 0.83
CA VAL A 179 -20.49 -10.05 1.58
C VAL A 179 -18.98 -10.38 1.67
N HIS A 180 -18.10 -9.35 1.64
CA HIS A 180 -16.64 -9.54 1.71
C HIS A 180 -16.22 -10.24 3.00
N PRO A 181 -15.25 -11.20 2.96
CA PRO A 181 -14.79 -11.88 4.20
C PRO A 181 -14.41 -10.94 5.35
N LEU A 182 -13.95 -9.72 5.04
CA LEU A 182 -13.60 -8.70 6.02
C LEU A 182 -14.80 -8.31 6.87
N SER A 183 -15.96 -8.20 6.24
CA SER A 183 -17.19 -7.81 6.91
C SER A 183 -17.95 -9.00 7.53
N CYS A 184 -17.59 -10.23 7.14
CA CYS A 184 -18.17 -11.47 7.66
C CYS A 184 -17.32 -11.93 8.83
N HIS A 185 -17.86 -11.84 10.04
CA HIS A 185 -17.13 -12.20 11.23
C HIS A 185 -17.50 -13.55 11.77
N GLY A 186 -16.49 -14.37 12.00
CA GLY A 186 -16.62 -15.72 12.51
C GLY A 186 -15.33 -16.19 13.15
N TRP A 187 -15.43 -17.08 14.15
CA TRP A 187 -14.24 -17.55 14.84
C TRP A 187 -14.15 -19.05 14.96
N VAL A 188 -13.07 -19.60 14.38
CA VAL A 188 -12.72 -21.01 14.44
C VAL A 188 -11.58 -21.08 15.45
N LEU A 189 -11.80 -21.80 16.56
CA LEU A 189 -10.82 -21.89 17.66
C LEU A 189 -10.51 -23.35 18.03
N GLY A 190 -9.57 -23.52 18.96
CA GLY A 190 -9.15 -24.83 19.43
C GLY A 190 -7.97 -25.40 18.69
N GLU A 191 -8.03 -26.70 18.39
CA GLU A 191 -6.99 -27.45 17.69
C GLU A 191 -7.08 -27.20 16.19
N HIS A 192 -5.98 -26.72 15.58
CA HIS A 192 -5.91 -26.48 14.14
C HIS A 192 -6.10 -27.77 13.37
N GLY A 193 -6.89 -27.71 12.31
CA GLY A 193 -7.14 -28.86 11.45
C GLY A 193 -8.55 -29.39 11.52
N ASP A 194 -8.66 -30.72 11.59
CA ASP A 194 -9.92 -31.47 11.62
C ASP A 194 -10.71 -31.23 12.91
N SER A 195 -10.01 -31.20 14.04
CA SER A 195 -10.59 -31.06 15.37
C SER A 195 -10.88 -29.59 15.78
N SER A 196 -10.93 -28.66 14.81
CA SER A 196 -11.21 -27.23 15.06
C SER A 196 -12.67 -27.02 15.46
N VAL A 197 -12.91 -25.93 16.22
CA VAL A 197 -14.24 -25.60 16.75
C VAL A 197 -14.84 -24.31 16.15
N PRO A 198 -15.96 -24.43 15.39
CA PRO A 198 -16.63 -23.21 14.92
C PRO A 198 -17.48 -22.60 16.05
N VAL A 199 -17.18 -21.36 16.43
CA VAL A 199 -17.91 -20.68 17.51
C VAL A 199 -19.10 -19.92 16.90
N TRP A 200 -20.26 -20.63 16.85
CA TRP A 200 -21.52 -20.21 16.26
C TRP A 200 -22.14 -18.97 16.90
N SER A 201 -21.85 -18.76 18.19
CA SER A 201 -22.32 -17.60 18.96
C SER A 201 -21.69 -16.29 18.46
N GLY A 202 -20.43 -16.37 18.07
CA GLY A 202 -19.66 -15.24 17.57
C GLY A 202 -19.84 -14.90 16.10
N MET A 203 -20.42 -15.83 15.31
CA MET A 203 -20.67 -15.67 13.87
C MET A 203 -21.70 -14.54 13.61
N ASN A 204 -21.24 -13.41 13.00
CA ASN A 204 -22.03 -12.21 12.76
C ASN A 204 -21.58 -11.38 11.56
N VAL A 205 -22.46 -10.46 11.14
CA VAL A 205 -22.26 -9.46 10.10
C VAL A 205 -22.86 -8.18 10.71
N ALA A 206 -22.03 -7.12 10.85
CA ALA A 206 -22.39 -5.83 11.42
C ALA A 206 -22.93 -5.90 12.87
N GLY A 207 -22.42 -6.86 13.64
CA GLY A 207 -22.82 -7.07 15.03
C GLY A 207 -24.14 -7.79 15.19
N VAL A 208 -24.71 -8.30 14.09
CA VAL A 208 -25.98 -9.02 14.08
C VAL A 208 -25.67 -10.50 14.17
N SER A 209 -25.92 -11.11 15.36
CA SER A 209 -25.66 -12.52 15.62
C SER A 209 -26.52 -13.42 14.74
N LEU A 210 -25.84 -14.27 13.96
CA LEU A 210 -26.48 -15.21 13.06
C LEU A 210 -27.22 -16.32 13.83
N LYS A 211 -26.66 -16.72 15.00
CA LYS A 211 -27.25 -17.74 15.89
C LYS A 211 -28.52 -17.19 16.57
N THR A 212 -28.62 -15.86 16.73
CA THR A 212 -29.81 -15.22 17.32
C THR A 212 -30.96 -15.25 16.31
N LEU A 213 -30.68 -14.93 15.03
CA LEU A 213 -31.66 -14.92 13.94
C LEU A 213 -32.04 -16.34 13.53
N HIS A 214 -31.04 -17.25 13.52
CA HIS A 214 -31.20 -18.65 13.11
C HIS A 214 -30.70 -19.52 14.26
N PRO A 215 -31.58 -19.90 15.22
CA PRO A 215 -31.14 -20.68 16.37
C PRO A 215 -30.55 -22.05 16.03
N ASP A 216 -30.94 -22.61 14.86
CA ASP A 216 -30.46 -23.89 14.33
C ASP A 216 -29.05 -23.82 13.72
N LEU A 217 -28.36 -22.65 13.81
CA LEU A 217 -27.02 -22.41 13.26
C LEU A 217 -25.97 -23.34 13.87
N GLY A 218 -25.33 -24.14 13.02
CA GLY A 218 -24.32 -25.09 13.45
C GLY A 218 -24.85 -26.30 14.18
N THR A 219 -26.13 -26.64 13.93
CA THR A 219 -26.79 -27.81 14.50
C THR A 219 -27.10 -28.83 13.40
N ASP A 220 -27.39 -30.07 13.81
CA ASP A 220 -27.73 -31.17 12.90
C ASP A 220 -29.04 -30.91 12.14
N LYS A 221 -30.01 -30.26 12.83
CA LYS A 221 -31.33 -29.94 12.29
C LYS A 221 -31.36 -28.73 11.34
N ASP A 222 -30.22 -28.02 11.23
CA ASP A 222 -30.02 -26.84 10.37
C ASP A 222 -30.57 -27.07 8.98
N LYS A 223 -31.72 -26.45 8.68
CA LYS A 223 -32.39 -26.58 7.39
C LYS A 223 -31.53 -26.06 6.23
N GLU A 224 -30.71 -25.04 6.48
CA GLU A 224 -29.79 -24.42 5.51
C GLU A 224 -28.41 -25.09 5.55
N GLN A 225 -28.19 -25.97 6.54
CA GLN A 225 -26.97 -26.75 6.80
C GLN A 225 -25.71 -25.86 6.86
N TRP A 226 -25.70 -24.92 7.82
CA TRP A 226 -24.57 -24.02 8.05
C TRP A 226 -23.36 -24.74 8.65
N LYS A 227 -23.53 -25.98 9.20
CA LYS A 227 -22.44 -26.80 9.74
C LYS A 227 -21.46 -27.13 8.61
N GLU A 228 -21.99 -27.24 7.38
CA GLU A 228 -21.23 -27.51 6.17
C GLU A 228 -20.19 -26.44 5.89
N VAL A 229 -20.42 -25.18 6.36
CA VAL A 229 -19.46 -24.08 6.20
C VAL A 229 -18.16 -24.48 6.93
N HIS A 230 -18.25 -25.06 8.13
CA HIS A 230 -17.08 -25.54 8.88
C HIS A 230 -16.53 -26.83 8.27
N LYS A 231 -17.42 -27.74 7.83
CA LYS A 231 -17.02 -29.00 7.21
C LYS A 231 -16.19 -28.73 5.96
N GLN A 232 -16.63 -27.76 5.12
CA GLN A 232 -15.97 -27.31 3.91
C GLN A 232 -14.57 -26.73 4.16
N VAL A 233 -14.33 -26.14 5.37
CA VAL A 233 -13.00 -25.62 5.75
C VAL A 233 -12.03 -26.81 5.78
N VAL A 234 -12.48 -27.94 6.38
CA VAL A 234 -11.71 -29.18 6.48
C VAL A 234 -11.59 -29.85 5.11
N GLU A 235 -12.73 -30.03 4.40
CA GLU A 235 -12.78 -30.64 3.06
C GLU A 235 -11.87 -29.93 2.05
N SER A 236 -11.93 -28.57 2.01
CA SER A 236 -11.14 -27.72 1.11
C SER A 236 -9.66 -27.93 1.28
N ALA A 237 -9.20 -28.01 2.54
CA ALA A 237 -7.80 -28.21 2.88
C ALA A 237 -7.24 -29.43 2.15
N TYR A 238 -7.93 -30.58 2.25
CA TYR A 238 -7.56 -31.83 1.62
C TYR A 238 -7.78 -31.78 0.09
N GLU A 239 -8.78 -31.00 -0.37
CA GLU A 239 -9.11 -30.83 -1.79
C GLU A 239 -7.98 -30.11 -2.53
N VAL A 240 -7.47 -28.98 -1.98
CA VAL A 240 -6.36 -28.21 -2.55
C VAL A 240 -5.12 -29.13 -2.67
N ILE A 241 -4.91 -30.00 -1.65
CA ILE A 241 -3.82 -30.97 -1.62
C ILE A 241 -4.00 -32.01 -2.75
N LYS A 242 -5.25 -32.46 -2.98
CA LYS A 242 -5.59 -33.41 -4.05
C LYS A 242 -5.38 -32.78 -5.43
N LEU A 243 -5.78 -31.49 -5.58
CA LEU A 243 -5.75 -30.72 -6.81
C LEU A 243 -4.37 -30.22 -7.24
N LYS A 244 -3.68 -29.40 -6.41
CA LYS A 244 -2.36 -28.86 -6.79
C LYS A 244 -1.16 -29.54 -6.08
N GLY A 245 -1.42 -30.30 -5.01
CA GLY A 245 -0.36 -31.03 -4.30
C GLY A 245 0.16 -30.39 -3.03
N TYR A 246 -0.15 -29.10 -2.82
CA TYR A 246 0.30 -28.31 -1.67
C TYR A 246 -0.63 -27.11 -1.44
N THR A 247 -0.37 -26.33 -0.38
CA THR A 247 -1.08 -25.08 -0.07
C THR A 247 -0.02 -24.04 0.23
N SER A 248 -0.11 -22.86 -0.42
CA SER A 248 0.90 -21.81 -0.23
C SER A 248 0.32 -20.40 -0.06
N TRP A 249 -0.45 -19.92 -1.05
CA TRP A 249 -1.00 -18.56 -1.10
C TRP A 249 -1.86 -18.18 0.11
N ALA A 250 -2.82 -19.03 0.50
CA ALA A 250 -3.71 -18.76 1.62
C ALA A 250 -2.96 -18.66 2.95
N ILE A 251 -2.03 -19.60 3.21
CA ILE A 251 -1.24 -19.62 4.44
C ILE A 251 -0.20 -18.47 4.44
N GLY A 252 0.41 -18.22 3.29
CA GLY A 252 1.40 -17.16 3.10
C GLY A 252 0.88 -15.79 3.49
N LEU A 253 -0.35 -15.48 3.02
CA LEU A 253 -1.06 -14.23 3.31
C LEU A 253 -1.45 -14.10 4.78
N SER A 254 -1.96 -15.21 5.37
CA SER A 254 -2.40 -15.27 6.77
CA SER A 254 -2.40 -15.27 6.77
C SER A 254 -1.24 -15.02 7.74
N VAL A 255 -0.06 -15.64 7.48
CA VAL A 255 1.16 -15.50 8.28
C VAL A 255 1.65 -14.05 8.21
N ALA A 256 1.57 -13.44 7.01
CA ALA A 256 1.96 -12.05 6.78
C ALA A 256 1.09 -11.08 7.56
N ASP A 257 -0.22 -11.41 7.69
CA ASP A 257 -1.18 -10.60 8.43
C ASP A 257 -0.82 -10.57 9.91
N LEU A 258 -0.40 -11.73 10.47
CA LEU A 258 0.03 -11.86 11.87
C LEU A 258 1.30 -11.05 12.07
N ALA A 259 2.28 -11.22 11.12
CA ALA A 259 3.55 -10.50 11.07
C ALA A 259 3.35 -8.99 11.12
N GLU A 260 2.31 -8.47 10.42
CA GLU A 260 1.95 -7.05 10.39
C GLU A 260 1.63 -6.54 11.80
N SER A 261 0.74 -7.24 12.53
CA SER A 261 0.38 -6.86 13.90
C SER A 261 1.55 -6.95 14.88
N ILE A 262 2.45 -7.93 14.67
CA ILE A 262 3.63 -8.14 15.52
C ILE A 262 4.68 -7.06 15.27
N MET A 263 5.06 -6.83 14.00
CA MET A 263 6.05 -5.83 13.59
C MET A 263 5.61 -4.39 13.84
N LYS A 264 4.34 -4.07 13.53
CA LYS A 264 3.80 -2.73 13.69
C LYS A 264 3.21 -2.44 15.08
N ASN A 265 3.15 -3.48 15.97
CA ASN A 265 2.58 -3.40 17.34
C ASN A 265 1.13 -2.87 17.29
N LEU A 266 0.34 -3.42 16.34
CA LEU A 266 -1.03 -3.03 16.07
C LEU A 266 -2.01 -3.33 17.20
N ARG A 267 -1.76 -4.38 17.99
CA ARG A 267 -2.65 -4.81 19.08
C ARG A 267 -4.04 -5.26 18.55
N ARG A 268 -4.04 -5.95 17.39
CA ARG A 268 -5.23 -6.51 16.75
C ARG A 268 -5.47 -7.93 17.29
N VAL A 269 -6.74 -8.36 17.31
CA VAL A 269 -7.13 -9.68 17.80
C VAL A 269 -7.07 -10.69 16.64
N HIS A 270 -6.35 -11.81 16.84
CA HIS A 270 -6.15 -12.87 15.84
C HIS A 270 -6.40 -14.28 16.40
N PRO A 271 -6.91 -15.24 15.60
CA PRO A 271 -7.09 -16.60 16.14
C PRO A 271 -5.77 -17.37 16.04
N VAL A 272 -4.97 -17.32 17.12
CA VAL A 272 -3.66 -17.98 17.15
C VAL A 272 -3.49 -18.91 18.36
N SER A 273 -2.65 -19.96 18.18
CA SER A 273 -2.36 -20.96 19.20
C SER A 273 -1.46 -20.42 20.31
N THR A 274 -1.95 -20.49 21.56
CA THR A 274 -1.24 -20.03 22.76
C THR A 274 -1.49 -20.97 23.95
N MET A 275 -0.66 -20.85 25.02
CA MET A 275 -0.72 -21.63 26.25
C MET A 275 -2.10 -21.52 26.93
N ILE A 276 -3.01 -22.45 26.59
CA ILE A 276 -4.40 -22.46 27.05
C ILE A 276 -4.58 -23.08 28.48
N LYS A 277 -3.48 -23.31 29.23
CA LYS A 277 -3.57 -23.83 30.60
C LYS A 277 -4.20 -22.78 31.51
N GLY A 278 -5.13 -23.20 32.36
CA GLY A 278 -5.84 -22.32 33.28
C GLY A 278 -7.17 -21.82 32.73
N LEU A 279 -7.48 -22.20 31.46
CA LEU A 279 -8.70 -21.80 30.76
C LEU A 279 -9.51 -22.99 30.28
N TYR A 280 -10.85 -22.85 30.33
CA TYR A 280 -11.84 -23.83 29.88
C TYR A 280 -11.68 -25.23 30.53
N GLY A 281 -11.21 -25.24 31.77
CA GLY A 281 -11.02 -26.47 32.53
C GLY A 281 -9.76 -27.25 32.17
N ILE A 282 -8.95 -26.69 31.25
CA ILE A 282 -7.69 -27.31 30.82
C ILE A 282 -6.64 -27.00 31.88
N LYS A 283 -5.97 -28.06 32.40
CA LYS A 283 -4.95 -27.95 33.45
C LYS A 283 -3.57 -28.42 32.96
N ASP A 284 -3.46 -28.66 31.63
CA ASP A 284 -2.22 -29.14 31.03
C ASP A 284 -1.47 -28.12 30.18
N ASP A 285 -0.14 -28.33 30.03
CA ASP A 285 0.71 -27.46 29.21
C ASP A 285 0.44 -27.73 27.72
N VAL A 286 -0.69 -27.22 27.22
CA VAL A 286 -1.09 -27.38 25.82
C VAL A 286 -1.39 -26.03 25.17
N PHE A 287 -1.09 -25.93 23.86
CA PHE A 287 -1.29 -24.73 23.06
C PHE A 287 -2.50 -24.87 22.14
N LEU A 288 -3.54 -24.03 22.35
CA LEU A 288 -4.74 -24.02 21.53
C LEU A 288 -5.06 -22.62 21.06
N SER A 289 -5.76 -22.52 19.92
CA SER A 289 -6.11 -21.23 19.33
C SER A 289 -7.28 -20.55 20.03
N VAL A 290 -7.06 -19.30 20.43
CA VAL A 290 -8.01 -18.38 21.05
C VAL A 290 -7.76 -16.97 20.48
N PRO A 291 -8.72 -16.01 20.54
CA PRO A 291 -8.44 -14.67 19.98
C PRO A 291 -7.39 -13.94 20.83
N CYS A 292 -6.24 -13.60 20.23
CA CYS A 292 -5.11 -12.97 20.92
C CYS A 292 -4.78 -11.59 20.39
N ILE A 293 -4.43 -10.66 21.31
CA ILE A 293 -4.00 -9.29 21.01
C ILE A 293 -2.52 -9.37 20.62
N LEU A 294 -2.20 -9.12 19.34
CA LEU A 294 -0.85 -9.22 18.81
C LEU A 294 -0.14 -7.88 18.70
N GLY A 295 0.92 -7.71 19.50
CA GLY A 295 1.73 -6.50 19.52
C GLY A 295 3.21 -6.78 19.38
N GLN A 296 4.05 -5.81 19.82
CA GLN A 296 5.51 -5.91 19.79
C GLN A 296 6.08 -6.95 20.76
N ASN A 297 5.27 -7.40 21.73
CA ASN A 297 5.67 -8.41 22.71
C ASN A 297 4.99 -9.76 22.43
N GLY A 298 4.35 -9.86 21.27
CA GLY A 298 3.62 -11.05 20.84
C GLY A 298 2.22 -11.04 21.40
N ILE A 299 1.85 -12.13 22.12
CA ILE A 299 0.54 -12.26 22.75
C ILE A 299 0.56 -11.61 24.13
N SER A 300 0.20 -10.32 24.18
CA SER A 300 0.18 -9.56 25.43
C SER A 300 -1.09 -9.84 26.22
N ASP A 301 -2.19 -10.09 25.51
CA ASP A 301 -3.50 -10.32 26.10
C ASP A 301 -4.30 -11.34 25.27
N LEU A 302 -5.26 -12.05 25.90
CA LEU A 302 -6.13 -12.99 25.19
C LEU A 302 -7.61 -12.77 25.54
N VAL A 303 -8.49 -12.93 24.54
CA VAL A 303 -9.94 -12.76 24.68
C VAL A 303 -10.59 -14.02 25.29
N LYS A 304 -11.28 -13.84 26.42
CA LYS A 304 -11.97 -14.91 27.15
C LYS A 304 -13.35 -15.18 26.54
N VAL A 305 -13.37 -15.96 25.45
CA VAL A 305 -14.57 -16.33 24.69
C VAL A 305 -15.52 -17.20 25.53
N THR A 306 -16.80 -16.82 25.56
CA THR A 306 -17.83 -17.59 26.27
C THR A 306 -18.16 -18.79 25.39
N LEU A 307 -17.77 -19.99 25.83
CA LEU A 307 -18.01 -21.22 25.07
C LEU A 307 -19.14 -22.03 25.67
N THR A 308 -19.88 -22.75 24.82
CA THR A 308 -20.95 -23.65 25.27
C THR A 308 -20.29 -24.89 25.86
N SER A 309 -21.05 -25.65 26.67
CA SER A 309 -20.55 -26.87 27.29
C SER A 309 -19.98 -27.84 26.25
N GLU A 310 -20.61 -27.93 25.06
CA GLU A 310 -20.16 -28.76 23.94
C GLU A 310 -18.84 -28.22 23.35
N GLU A 311 -18.74 -26.88 23.16
CA GLU A 311 -17.55 -26.19 22.64
C GLU A 311 -16.36 -26.38 23.60
N GLU A 312 -16.61 -26.23 24.93
CA GLU A 312 -15.60 -26.41 25.98
CA GLU A 312 -15.59 -26.40 25.96
C GLU A 312 -15.09 -27.86 25.98
N ALA A 313 -16.02 -28.84 25.88
CA ALA A 313 -15.75 -30.28 25.84
C ALA A 313 -14.80 -30.66 24.72
N ARG A 314 -14.99 -30.04 23.52
CA ARG A 314 -14.17 -30.25 22.33
C ARG A 314 -12.74 -29.76 22.57
N LEU A 315 -12.60 -28.58 23.21
CA LEU A 315 -11.30 -27.98 23.55
C LEU A 315 -10.56 -28.81 24.59
N LYS A 316 -11.31 -29.38 25.57
CA LYS A 316 -10.76 -30.26 26.61
C LYS A 316 -10.29 -31.57 25.99
N LYS A 317 -11.11 -32.15 25.06
CA LYS A 317 -10.78 -33.38 24.34
C LYS A 317 -9.54 -33.18 23.50
N SER A 318 -9.43 -32.03 22.79
CA SER A 318 -8.26 -31.66 21.98
C SER A 318 -7.03 -31.60 22.89
N ALA A 319 -7.15 -30.87 24.02
CA ALA A 319 -6.12 -30.70 25.05
C ALA A 319 -5.64 -32.05 25.59
N ASP A 320 -6.59 -32.98 25.90
CA ASP A 320 -6.31 -34.32 26.40
C ASP A 320 -5.52 -35.11 25.36
N THR A 321 -6.00 -35.10 24.09
CA THR A 321 -5.37 -35.78 22.96
C THR A 321 -3.94 -35.27 22.76
N LEU A 322 -3.78 -33.93 22.66
CA LEU A 322 -2.50 -33.27 22.45
C LEU A 322 -1.51 -33.53 23.56
N TRP A 323 -1.97 -33.52 24.84
CA TRP A 323 -1.09 -33.79 25.96
C TRP A 323 -0.55 -35.21 25.96
N GLY A 324 -1.40 -36.17 25.59
CA GLY A 324 -1.07 -37.58 25.48
C GLY A 324 0.16 -37.84 24.63
N ILE A 325 0.27 -37.09 23.51
CA ILE A 325 1.40 -37.16 22.58
C ILE A 325 2.60 -36.43 23.18
N GLN A 326 2.38 -35.19 23.69
CA GLN A 326 3.36 -34.29 24.27
C GLN A 326 4.11 -34.85 25.49
N LYS A 327 3.43 -35.63 26.34
CA LYS A 327 4.06 -36.22 27.53
C LYS A 327 5.03 -37.38 27.17
N GLU A 328 4.82 -38.01 25.99
CA GLU A 328 5.64 -39.10 25.49
C GLU A 328 6.78 -38.62 24.57
N LEU A 329 6.92 -37.28 24.41
CA LEU A 329 7.97 -36.68 23.57
C LEU A 329 9.29 -36.49 24.31
N GLN A 330 10.41 -36.78 23.63
CA GLN A 330 11.75 -36.64 24.18
C GLN A 330 12.49 -35.46 23.55
N PHE A 331 13.09 -34.59 24.40
CA PHE A 331 13.85 -33.42 23.97
C PHE A 331 15.28 -33.47 24.51
N ALA B 1 -38.22 -18.37 3.76
CA ALA B 1 -37.03 -17.56 3.50
C ALA B 1 -35.75 -18.24 4.01
N THR B 2 -34.60 -17.58 3.84
CA THR B 2 -33.29 -18.08 4.27
C THR B 2 -32.66 -17.11 5.27
N LEU B 3 -31.52 -17.51 5.88
CA LEU B 3 -30.77 -16.67 6.83
C LEU B 3 -30.21 -15.43 6.12
N LYS B 4 -29.75 -15.59 4.86
CA LYS B 4 -29.25 -14.49 4.03
C LYS B 4 -30.36 -13.45 3.81
N ASP B 5 -31.59 -13.92 3.47
CA ASP B 5 -32.76 -13.07 3.25
C ASP B 5 -33.21 -12.42 4.54
N GLN B 6 -33.05 -13.15 5.66
CA GLN B 6 -33.41 -12.69 6.99
C GLN B 6 -32.49 -11.55 7.42
N LEU B 7 -31.17 -11.77 7.29
CA LEU B 7 -30.12 -10.85 7.68
C LEU B 7 -29.96 -9.65 6.74
N ILE B 8 -30.01 -9.90 5.42
CA ILE B 8 -29.79 -8.85 4.42
C ILE B 8 -30.99 -8.58 3.51
N TYR B 9 -31.35 -7.29 3.37
CA TYR B 9 -32.39 -6.82 2.45
C TYR B 9 -31.68 -6.39 1.16
N ASN B 10 -32.17 -6.89 0.03
CA ASN B 10 -31.61 -6.59 -1.29
C ASN B 10 -32.27 -5.39 -1.96
N LEU B 11 -31.44 -4.47 -2.48
CA LEU B 11 -31.89 -3.28 -3.20
C LEU B 11 -31.93 -3.60 -4.69
N LEU B 12 -30.79 -4.07 -5.24
CA LEU B 12 -30.64 -4.46 -6.65
C LEU B 12 -29.91 -5.80 -6.71
N LYS B 13 -30.20 -6.63 -7.74
CA LYS B 13 -29.57 -7.94 -7.82
C LYS B 13 -28.98 -8.28 -9.21
N GLU B 14 -28.63 -7.28 -10.04
CA GLU B 14 -28.02 -7.57 -11.34
C GLU B 14 -26.55 -7.91 -11.14
N GLU B 15 -26.12 -9.07 -11.70
CA GLU B 15 -24.73 -9.54 -11.62
C GLU B 15 -23.89 -8.65 -12.52
N GLN B 16 -23.43 -7.53 -11.95
CA GLN B 16 -22.67 -6.50 -12.65
C GLN B 16 -21.29 -6.98 -13.07
N THR B 17 -20.92 -6.63 -14.30
CA THR B 17 -19.65 -6.98 -14.94
C THR B 17 -18.46 -6.21 -14.33
N PRO B 18 -17.23 -6.77 -14.33
CA PRO B 18 -16.09 -6.06 -13.73
C PRO B 18 -15.59 -4.88 -14.55
N GLN B 19 -14.88 -3.95 -13.89
CA GLN B 19 -14.32 -2.78 -14.54
C GLN B 19 -12.83 -2.94 -14.81
N ASN B 20 -12.10 -3.58 -13.89
CA ASN B 20 -10.65 -3.77 -13.98
C ASN B 20 -10.25 -5.22 -13.86
N LYS B 21 -10.45 -5.99 -14.94
CA LYS B 21 -10.19 -7.42 -15.01
C LYS B 21 -8.85 -7.77 -15.62
N ILE B 22 -8.14 -8.72 -14.99
CA ILE B 22 -6.86 -9.25 -15.43
C ILE B 22 -6.99 -10.77 -15.59
N THR B 23 -6.41 -11.32 -16.67
CA THR B 23 -6.42 -12.76 -16.94
C THR B 23 -4.99 -13.29 -16.99
N VAL B 24 -4.74 -14.42 -16.33
CA VAL B 24 -3.44 -15.08 -16.34
C VAL B 24 -3.62 -16.43 -17.02
N VAL B 25 -2.98 -16.61 -18.18
CA VAL B 25 -3.04 -17.84 -18.98
C VAL B 25 -1.76 -18.64 -18.70
N GLY B 26 -1.94 -19.81 -18.09
CA GLY B 26 -0.87 -20.71 -17.68
C GLY B 26 -0.56 -20.48 -16.22
N VAL B 27 -1.23 -21.23 -15.33
CA VAL B 27 -1.04 -21.12 -13.87
C VAL B 27 0.25 -21.86 -13.41
N GLY B 28 1.33 -21.69 -14.19
CA GLY B 28 2.64 -22.26 -13.90
C GLY B 28 3.37 -21.49 -12.83
N ALA B 29 4.66 -21.83 -12.63
CA ALA B 29 5.54 -21.19 -11.64
C ALA B 29 5.56 -19.67 -11.84
N VAL B 30 5.70 -19.21 -13.11
CA VAL B 30 5.70 -17.80 -13.50
C VAL B 30 4.30 -17.20 -13.34
N GLY B 31 3.30 -17.85 -13.94
CA GLY B 31 1.90 -17.42 -13.91
C GLY B 31 1.36 -17.15 -12.53
N MET B 32 1.59 -18.08 -11.59
CA MET B 32 1.11 -17.95 -10.21
C MET B 32 1.80 -16.85 -9.42
N ALA B 33 3.08 -16.57 -9.73
CA ALA B 33 3.85 -15.50 -9.11
C ALA B 33 3.33 -14.16 -9.61
N CYS B 34 2.93 -14.07 -10.90
CA CYS B 34 2.34 -12.87 -11.50
C CYS B 34 1.02 -12.60 -10.80
N ALA B 35 0.21 -13.67 -10.62
CA ALA B 35 -1.09 -13.65 -9.96
C ALA B 35 -1.03 -13.05 -8.56
N ILE B 36 -0.18 -13.60 -7.66
CA ILE B 36 -0.02 -13.13 -6.28
C ILE B 36 0.49 -11.68 -6.25
N SER B 37 1.45 -11.34 -7.14
CA SER B 37 2.04 -10.00 -7.25
C SER B 37 1.00 -8.96 -7.67
N ILE B 38 0.07 -9.34 -8.55
CA ILE B 38 -1.03 -8.50 -9.02
C ILE B 38 -2.07 -8.32 -7.90
N LEU B 39 -2.43 -9.43 -7.21
CA LEU B 39 -3.41 -9.44 -6.13
C LEU B 39 -3.00 -8.56 -4.95
N MET B 40 -1.71 -8.60 -4.58
CA MET B 40 -1.16 -7.83 -3.46
C MET B 40 -0.98 -6.36 -3.79
N LYS B 41 -0.85 -6.03 -5.10
CA LYS B 41 -0.68 -4.65 -5.57
C LYS B 41 -2.03 -3.98 -5.82
N ASP B 42 -3.14 -4.71 -5.56
CA ASP B 42 -4.55 -4.30 -5.73
C ASP B 42 -4.82 -3.65 -7.10
N LEU B 43 -4.44 -4.37 -8.18
CA LEU B 43 -4.55 -3.87 -9.56
C LEU B 43 -5.85 -4.27 -10.27
N ALA B 44 -6.45 -5.41 -9.87
CA ALA B 44 -7.69 -5.91 -10.48
C ALA B 44 -8.83 -6.06 -9.49
N ASP B 45 -10.08 -5.96 -10.00
CA ASP B 45 -11.30 -6.18 -9.21
C ASP B 45 -11.83 -7.60 -9.52
N GLU B 46 -11.23 -8.23 -10.54
CA GLU B 46 -11.51 -9.60 -10.98
C GLU B 46 -10.27 -10.21 -11.60
N LEU B 47 -9.91 -11.42 -11.13
CA LEU B 47 -8.77 -12.17 -11.65
C LEU B 47 -9.26 -13.49 -12.23
N ALA B 48 -8.92 -13.76 -13.50
CA ALA B 48 -9.31 -14.98 -14.18
C ALA B 48 -8.08 -15.83 -14.49
N LEU B 49 -8.16 -17.14 -14.21
CA LEU B 49 -7.05 -18.05 -14.44
C LEU B 49 -7.43 -19.10 -15.48
N VAL B 50 -6.55 -19.33 -16.46
CA VAL B 50 -6.77 -20.32 -17.52
C VAL B 50 -5.59 -21.27 -17.62
N ASP B 51 -5.88 -22.57 -17.74
CA ASP B 51 -4.89 -23.64 -17.90
C ASP B 51 -5.51 -24.87 -18.54
N VAL B 52 -4.66 -25.75 -19.09
CA VAL B 52 -5.07 -27.01 -19.71
C VAL B 52 -5.32 -28.07 -18.62
N ILE B 53 -4.49 -28.04 -17.55
CA ILE B 53 -4.55 -28.97 -16.42
C ILE B 53 -5.62 -28.44 -15.44
N GLU B 54 -6.85 -28.99 -15.55
CA GLU B 54 -8.04 -28.60 -14.79
C GLU B 54 -7.89 -28.73 -13.27
N ASP B 55 -7.24 -29.81 -12.79
CA ASP B 55 -7.01 -30.08 -11.38
C ASP B 55 -6.12 -29.01 -10.72
N LYS B 56 -4.94 -28.74 -11.31
CA LYS B 56 -4.00 -27.72 -10.82
C LYS B 56 -4.68 -26.34 -10.84
N LEU B 57 -5.41 -26.03 -11.95
CA LEU B 57 -6.15 -24.80 -12.16
C LEU B 57 -7.14 -24.53 -11.02
N LYS B 58 -7.97 -25.55 -10.66
CA LYS B 58 -8.96 -25.46 -9.57
C LYS B 58 -8.26 -25.24 -8.22
N GLY B 59 -7.21 -26.00 -7.95
CA GLY B 59 -6.43 -25.91 -6.72
C GLY B 59 -5.79 -24.56 -6.51
N GLU B 60 -5.16 -24.00 -7.58
CA GLU B 60 -4.52 -22.68 -7.54
C GLU B 60 -5.55 -21.58 -7.29
N MET B 61 -6.72 -21.69 -7.94
CA MET B 61 -7.82 -20.75 -7.80
C MET B 61 -8.35 -20.76 -6.35
N MET B 62 -8.68 -21.96 -5.81
CA MET B 62 -9.17 -22.17 -4.45
C MET B 62 -8.20 -21.63 -3.39
N ASP B 63 -6.89 -21.85 -3.59
CA ASP B 63 -5.83 -21.39 -2.68
C ASP B 63 -5.85 -19.86 -2.61
N LEU B 64 -5.95 -19.19 -3.77
CA LEU B 64 -6.02 -17.73 -3.85
C LEU B 64 -7.30 -17.23 -3.21
N GLN B 65 -8.43 -17.94 -3.48
CA GLN B 65 -9.76 -17.65 -2.94
C GLN B 65 -9.78 -17.69 -1.42
N HIS B 66 -9.02 -18.60 -0.79
CA HIS B 66 -8.97 -18.69 0.66
C HIS B 66 -8.23 -17.50 1.30
N GLY B 67 -7.35 -16.87 0.54
CA GLY B 67 -6.61 -15.69 0.99
C GLY B 67 -7.36 -14.37 0.79
N SER B 68 -8.62 -14.44 0.26
CA SER B 68 -9.51 -13.31 -0.02
C SER B 68 -9.65 -12.27 1.09
N LEU B 69 -9.64 -12.73 2.36
CA LEU B 69 -9.75 -11.89 3.54
C LEU B 69 -8.61 -10.86 3.61
N PHE B 70 -7.41 -11.29 3.19
CA PHE B 70 -6.18 -10.49 3.19
C PHE B 70 -5.95 -9.78 1.84
N LEU B 71 -6.89 -9.91 0.90
CA LEU B 71 -6.82 -9.29 -0.42
C LEU B 71 -7.96 -8.29 -0.66
N ARG B 72 -7.76 -7.42 -1.68
CA ARG B 72 -8.75 -6.41 -2.08
CA ARG B 72 -8.73 -6.40 -2.09
C ARG B 72 -9.23 -6.66 -3.52
N THR B 73 -9.25 -7.96 -3.93
CA THR B 73 -9.72 -8.44 -5.23
C THR B 73 -10.93 -9.34 -4.92
N PRO B 74 -12.17 -8.83 -5.11
CA PRO B 74 -13.35 -9.60 -4.71
C PRO B 74 -13.72 -10.83 -5.54
N LYS B 75 -13.22 -10.97 -6.77
CA LYS B 75 -13.58 -12.11 -7.61
C LYS B 75 -12.38 -12.82 -8.26
N ILE B 76 -12.11 -14.07 -7.84
CA ILE B 76 -11.04 -14.88 -8.41
C ILE B 76 -11.70 -16.10 -9.06
N VAL B 77 -11.72 -16.12 -10.40
CA VAL B 77 -12.34 -17.18 -11.19
C VAL B 77 -11.33 -17.94 -12.05
N SER B 78 -11.65 -19.19 -12.40
CA SER B 78 -10.79 -20.01 -13.25
C SER B 78 -11.61 -20.89 -14.18
N GLY B 79 -10.95 -21.43 -15.20
CA GLY B 79 -11.59 -22.31 -16.17
C GLY B 79 -10.74 -22.62 -17.38
N LYS B 80 -10.94 -23.83 -17.95
CA LYS B 80 -10.27 -24.29 -19.15
C LYS B 80 -10.90 -23.58 -20.36
N ASP B 81 -12.21 -23.20 -20.23
CA ASP B 81 -12.98 -22.45 -21.20
C ASP B 81 -12.62 -20.96 -21.04
N TYR B 82 -12.36 -20.26 -22.16
CA TYR B 82 -11.96 -18.85 -22.16
C TYR B 82 -13.12 -17.89 -21.90
N ASN B 83 -14.33 -18.42 -21.63
CA ASN B 83 -15.52 -17.63 -21.29
C ASN B 83 -15.29 -16.88 -19.99
N VAL B 84 -14.41 -17.44 -19.12
CA VAL B 84 -14.01 -16.87 -17.82
C VAL B 84 -13.17 -15.59 -17.99
N THR B 85 -12.51 -15.42 -19.18
CA THR B 85 -11.63 -14.29 -19.51
C THR B 85 -12.39 -13.05 -19.99
N ALA B 86 -13.64 -13.22 -20.45
CA ALA B 86 -14.50 -12.17 -21.00
C ALA B 86 -14.38 -10.81 -20.31
N ASN B 87 -14.05 -9.80 -21.15
CA ASN B 87 -13.84 -8.38 -20.90
C ASN B 87 -12.63 -8.11 -19.98
N SER B 88 -11.48 -8.69 -20.33
CA SER B 88 -10.26 -8.44 -19.57
C SER B 88 -9.60 -7.20 -20.14
N LYS B 89 -9.07 -6.35 -19.25
CA LYS B 89 -8.35 -5.14 -19.65
C LYS B 89 -6.96 -5.59 -20.09
N LEU B 90 -6.36 -6.52 -19.32
CA LEU B 90 -5.03 -7.07 -19.55
C LEU B 90 -5.04 -8.60 -19.46
N VAL B 91 -4.50 -9.26 -20.51
CA VAL B 91 -4.37 -10.71 -20.58
C VAL B 91 -2.89 -11.05 -20.65
N ILE B 92 -2.41 -11.82 -19.66
CA ILE B 92 -1.00 -12.21 -19.53
C ILE B 92 -0.82 -13.68 -19.92
N ILE B 93 0.08 -13.95 -20.89
CA ILE B 93 0.37 -15.30 -21.35
C ILE B 93 1.68 -15.79 -20.75
N THR B 94 1.57 -16.71 -19.80
CA THR B 94 2.67 -17.36 -19.07
C THR B 94 2.52 -18.88 -19.27
N ALA B 95 1.89 -19.29 -20.39
CA ALA B 95 1.60 -20.68 -20.75
C ALA B 95 2.76 -21.41 -21.48
N GLY B 96 2.64 -22.73 -21.56
CA GLY B 96 3.62 -23.60 -22.21
C GLY B 96 4.32 -24.53 -21.24
N ALA B 97 5.64 -24.36 -21.11
CA ALA B 97 6.56 -25.10 -20.26
C ALA B 97 7.93 -24.44 -20.34
N ARG B 98 8.78 -24.66 -19.30
CA ARG B 98 10.13 -24.12 -19.17
C ARG B 98 11.05 -24.32 -20.41
N LEU B 106 14.58 -24.14 -31.11
CA LEU B 106 13.62 -24.22 -32.22
C LEU B 106 12.38 -25.06 -31.87
N ASN B 107 12.58 -26.14 -31.07
CA ASN B 107 11.49 -27.02 -30.63
C ASN B 107 10.57 -26.23 -29.71
N LEU B 108 11.16 -25.45 -28.76
CA LEU B 108 10.47 -24.56 -27.82
C LEU B 108 9.58 -23.58 -28.60
N VAL B 109 10.15 -22.98 -29.67
CA VAL B 109 9.49 -22.03 -30.58
C VAL B 109 8.25 -22.70 -31.21
N GLN B 110 8.49 -23.81 -31.94
CA GLN B 110 7.49 -24.63 -32.65
C GLN B 110 6.35 -25.12 -31.74
N ARG B 111 6.70 -25.66 -30.56
CA ARG B 111 5.78 -26.20 -29.56
C ARG B 111 4.84 -25.12 -29.02
N ASN B 112 5.40 -23.96 -28.60
CA ASN B 112 4.65 -22.84 -28.06
C ASN B 112 3.79 -22.13 -29.11
N VAL B 113 4.23 -22.12 -30.39
CA VAL B 113 3.50 -21.53 -31.51
C VAL B 113 2.15 -22.26 -31.66
N ASN B 114 2.18 -23.60 -31.58
CA ASN B 114 0.98 -24.44 -31.65
C ASN B 114 0.06 -24.17 -30.47
N ILE B 115 0.63 -23.95 -29.27
CA ILE B 115 -0.13 -23.62 -28.06
C ILE B 115 -0.84 -22.26 -28.26
N PHE B 116 -0.12 -21.26 -28.77
CA PHE B 116 -0.60 -19.91 -29.07
C PHE B 116 -1.68 -19.88 -30.14
N LYS B 117 -1.63 -20.85 -31.10
CA LYS B 117 -2.61 -21.01 -32.19
C LYS B 117 -4.04 -21.15 -31.65
N PHE B 118 -4.17 -21.64 -30.40
CA PHE B 118 -5.43 -21.86 -29.69
CA PHE B 118 -5.45 -21.80 -29.73
C PHE B 118 -5.69 -20.73 -28.66
N ILE B 119 -4.66 -20.39 -27.88
CA ILE B 119 -4.72 -19.37 -26.82
C ILE B 119 -5.17 -17.99 -27.33
N ILE B 120 -4.41 -17.40 -28.26
CA ILE B 120 -4.63 -16.07 -28.82
C ILE B 120 -6.04 -15.92 -29.46
N PRO B 121 -6.53 -16.80 -30.39
CA PRO B 121 -7.87 -16.59 -30.94
C PRO B 121 -8.98 -16.63 -29.90
N ASN B 122 -8.81 -17.47 -28.87
CA ASN B 122 -9.75 -17.61 -27.75
C ASN B 122 -9.77 -16.36 -26.88
N VAL B 123 -8.60 -15.74 -26.66
CA VAL B 123 -8.44 -14.51 -25.86
C VAL B 123 -9.14 -13.33 -26.57
N VAL B 124 -8.85 -13.13 -27.86
CA VAL B 124 -9.41 -12.09 -28.72
C VAL B 124 -10.96 -12.23 -28.82
N LYS B 125 -11.44 -13.48 -28.85
CA LYS B 125 -12.86 -13.81 -28.93
C LYS B 125 -13.67 -13.25 -27.75
N TYR B 126 -13.11 -13.32 -26.52
CA TYR B 126 -13.79 -12.88 -25.30
C TYR B 126 -13.39 -11.47 -24.82
N SER B 127 -12.15 -11.05 -25.10
CA SER B 127 -11.65 -9.72 -24.71
C SER B 127 -11.02 -9.07 -25.97
N PRO B 128 -11.84 -8.55 -26.93
CA PRO B 128 -11.26 -8.00 -28.16
C PRO B 128 -10.55 -6.65 -28.05
N ASN B 129 -10.79 -5.91 -26.94
CA ASN B 129 -10.17 -4.60 -26.72
C ASN B 129 -9.18 -4.63 -25.54
N CYS B 130 -8.61 -5.83 -25.27
CA CYS B 130 -7.64 -6.04 -24.20
C CYS B 130 -6.22 -5.70 -24.63
N LYS B 131 -5.30 -5.73 -23.66
CA LYS B 131 -3.88 -5.53 -23.88
C LYS B 131 -3.24 -6.88 -23.59
N LEU B 132 -2.42 -7.36 -24.52
CA LEU B 132 -1.77 -8.65 -24.37
C LEU B 132 -0.38 -8.46 -23.82
N LEU B 133 -0.06 -9.18 -22.76
CA LEU B 133 1.26 -9.15 -22.15
C LEU B 133 1.85 -10.55 -22.27
N ILE B 134 2.80 -10.72 -23.20
CA ILE B 134 3.42 -12.02 -23.46
C ILE B 134 4.63 -12.20 -22.55
N VAL B 135 4.69 -13.36 -21.87
CA VAL B 135 5.81 -13.69 -20.96
C VAL B 135 6.53 -14.95 -21.48
N SER B 136 5.75 -15.95 -21.95
CA SER B 136 6.23 -17.23 -22.48
C SER B 136 7.40 -17.06 -23.44
N ASN B 137 8.45 -17.89 -23.29
CA ASN B 137 9.68 -17.80 -24.09
C ASN B 137 9.69 -18.63 -25.39
N PRO B 138 10.38 -18.17 -26.48
CA PRO B 138 11.12 -16.90 -26.64
C PRO B 138 10.13 -15.74 -26.72
N VAL B 139 10.14 -14.86 -25.70
CA VAL B 139 9.20 -13.76 -25.55
C VAL B 139 9.15 -12.86 -26.81
N ASP B 140 10.30 -12.45 -27.36
CA ASP B 140 10.36 -11.59 -28.54
C ASP B 140 9.71 -12.22 -29.79
N ILE B 141 9.92 -13.54 -29.99
CA ILE B 141 9.33 -14.29 -31.10
C ILE B 141 7.83 -14.52 -30.88
N LEU B 142 7.45 -14.96 -29.66
CA LEU B 142 6.05 -15.23 -29.31
C LEU B 142 5.18 -13.96 -29.26
N THR B 143 5.78 -12.77 -29.03
CA THR B 143 5.04 -11.49 -29.06
C THR B 143 4.57 -11.29 -30.49
N TYR B 144 5.46 -11.53 -31.48
CA TYR B 144 5.16 -11.43 -32.90
C TYR B 144 4.04 -12.39 -33.27
N VAL B 145 4.17 -13.66 -32.84
CA VAL B 145 3.22 -14.76 -33.03
C VAL B 145 1.84 -14.30 -32.58
N ALA B 146 1.75 -13.75 -31.34
CA ALA B 146 0.52 -13.23 -30.74
C ALA B 146 -0.06 -12.09 -31.56
N TRP B 147 0.79 -11.11 -31.93
CA TRP B 147 0.44 -9.94 -32.73
C TRP B 147 -0.14 -10.34 -34.09
N LYS B 148 0.48 -11.35 -34.73
CA LYS B 148 0.06 -11.89 -36.04
C LYS B 148 -1.30 -12.57 -35.95
N ILE B 149 -1.47 -13.49 -34.98
CA ILE B 149 -2.71 -14.24 -34.77
C ILE B 149 -3.86 -13.32 -34.33
N SER B 150 -3.61 -12.43 -33.35
CA SER B 150 -4.61 -11.51 -32.81
C SER B 150 -5.12 -10.51 -33.84
N GLY B 151 -4.21 -9.95 -34.64
CA GLY B 151 -4.51 -8.91 -35.61
C GLY B 151 -4.71 -7.57 -34.91
N PHE B 152 -4.27 -7.52 -33.63
CA PHE B 152 -4.34 -6.36 -32.76
C PHE B 152 -3.32 -5.31 -33.23
N PRO B 153 -3.52 -3.99 -32.93
CA PRO B 153 -2.49 -3.02 -33.29
C PRO B 153 -1.27 -3.18 -32.40
N LYS B 154 -0.07 -2.81 -32.90
CA LYS B 154 1.21 -2.97 -32.22
C LYS B 154 1.21 -2.47 -30.74
N ASN B 155 0.41 -1.43 -30.40
CA ASN B 155 0.29 -0.88 -29.03
C ASN B 155 -0.32 -1.84 -28.02
N ARG B 156 -1.30 -2.65 -28.45
CA ARG B 156 -2.01 -3.59 -27.56
C ARG B 156 -1.32 -4.95 -27.42
N VAL B 157 -0.15 -5.13 -28.08
CA VAL B 157 0.65 -6.36 -28.00
C VAL B 157 1.98 -5.98 -27.35
N ILE B 158 2.09 -6.28 -26.04
CA ILE B 158 3.25 -5.96 -25.21
C ILE B 158 3.97 -7.25 -24.79
N GLY B 159 5.27 -7.30 -25.05
CA GLY B 159 6.10 -8.43 -24.67
C GLY B 159 6.98 -8.04 -23.49
N SER B 160 7.10 -8.92 -22.48
CA SER B 160 7.91 -8.69 -21.28
C SER B 160 9.33 -8.22 -21.65
N GLY B 161 9.92 -8.86 -22.65
CA GLY B 161 11.25 -8.55 -23.18
C GLY B 161 12.32 -8.37 -22.13
N CYS B 162 13.04 -7.24 -22.20
CA CYS B 162 14.16 -6.94 -21.30
C CYS B 162 13.74 -6.23 -19.99
N ASN B 163 12.47 -6.41 -19.53
CA ASN B 163 12.00 -5.81 -18.28
C ASN B 163 12.73 -6.44 -17.09
N LEU B 164 12.73 -7.81 -17.02
CA LEU B 164 13.41 -8.60 -16.00
C LEU B 164 14.94 -8.44 -16.11
N ASP B 165 15.45 -8.34 -17.35
CA ASP B 165 16.88 -8.13 -17.64
C ASP B 165 17.36 -6.82 -17.01
N SER B 166 16.59 -5.74 -17.20
CA SER B 166 16.92 -4.42 -16.64
C SER B 166 16.72 -4.40 -15.13
N ALA B 167 15.72 -5.16 -14.64
CA ALA B 167 15.41 -5.31 -13.21
C ALA B 167 16.55 -5.99 -12.48
N ARG B 168 17.16 -7.01 -13.14
CA ARG B 168 18.30 -7.76 -12.61
C ARG B 168 19.57 -6.91 -12.68
N PHE B 169 19.71 -6.13 -13.78
CA PHE B 169 20.85 -5.23 -14.00
C PHE B 169 20.92 -4.14 -12.94
N ARG B 170 19.77 -3.48 -12.67
CA ARG B 170 19.63 -2.43 -11.68
C ARG B 170 19.90 -2.94 -10.26
N TYR B 171 19.61 -4.23 -9.98
CA TYR B 171 19.88 -4.85 -8.69
C TYR B 171 21.38 -5.05 -8.52
N LEU B 172 22.05 -5.59 -9.56
CA LEU B 172 23.49 -5.86 -9.57
C LEU B 172 24.29 -4.57 -9.46
N MET B 173 23.91 -3.55 -10.26
CA MET B 173 24.48 -2.20 -10.28
C MET B 173 24.32 -1.61 -8.86
N GLY B 174 23.12 -1.79 -8.31
CA GLY B 174 22.74 -1.35 -6.97
C GLY B 174 23.61 -1.92 -5.88
N GLU B 175 23.92 -3.24 -5.98
CA GLU B 175 24.78 -3.95 -5.03
C GLU B 175 26.20 -3.44 -5.14
N ARG B 176 26.69 -3.28 -6.38
CA ARG B 176 28.04 -2.77 -6.71
C ARG B 176 28.30 -1.40 -6.12
N LEU B 177 27.30 -0.50 -6.18
CA LEU B 177 27.40 0.89 -5.72
C LEU B 177 26.85 1.16 -4.32
N GLY B 178 26.12 0.20 -3.74
CA GLY B 178 25.52 0.33 -2.42
C GLY B 178 24.46 1.42 -2.40
N VAL B 179 23.62 1.41 -3.42
CA VAL B 179 22.52 2.36 -3.66
C VAL B 179 21.32 1.48 -4.07
N HIS B 180 20.09 1.86 -3.68
CA HIS B 180 18.87 1.11 -4.01
C HIS B 180 18.65 1.00 -5.53
N PRO B 181 18.22 -0.18 -6.06
CA PRO B 181 17.99 -0.32 -7.52
C PRO B 181 17.12 0.77 -8.14
N LEU B 182 16.20 1.37 -7.35
CA LEU B 182 15.32 2.45 -7.79
C LEU B 182 16.12 3.68 -8.19
N SER B 183 17.19 3.98 -7.43
CA SER B 183 18.05 5.12 -7.69
C SER B 183 19.18 4.84 -8.69
N CYS B 184 19.45 3.55 -8.97
CA CYS B 184 20.46 3.11 -9.94
C CYS B 184 19.78 2.93 -11.29
N HIS B 185 20.09 3.80 -12.23
CA HIS B 185 19.45 3.77 -13.54
C HIS B 185 20.33 3.16 -14.61
N GLY B 186 19.76 2.20 -15.32
CA GLY B 186 20.41 1.48 -16.41
C GLY B 186 19.40 0.85 -17.33
N TRP B 187 19.76 0.68 -18.61
CA TRP B 187 18.84 0.11 -19.57
C TRP B 187 19.41 -1.04 -20.40
N VAL B 188 18.76 -2.21 -20.28
CA VAL B 188 19.08 -3.41 -21.03
C VAL B 188 17.97 -3.50 -22.09
N LEU B 189 18.36 -3.44 -23.38
CA LEU B 189 17.41 -3.44 -24.50
C LEU B 189 17.74 -4.50 -25.54
N GLY B 190 16.88 -4.61 -26.56
CA GLY B 190 17.03 -5.57 -27.64
C GLY B 190 16.33 -6.89 -27.40
N GLU B 191 17.02 -7.99 -27.75
CA GLU B 191 16.51 -9.36 -27.61
C GLU B 191 16.65 -9.83 -26.16
N HIS B 192 15.53 -10.25 -25.54
CA HIS B 192 15.53 -10.77 -24.17
C HIS B 192 16.37 -12.03 -24.08
N GLY B 193 17.17 -12.12 -23.02
CA GLY B 193 18.00 -13.28 -22.79
C GLY B 193 19.48 -13.02 -22.94
N ASP B 194 20.16 -13.95 -23.62
CA ASP B 194 21.61 -13.93 -23.83
C ASP B 194 22.05 -12.79 -24.73
N SER B 195 21.30 -12.56 -25.82
CA SER B 195 21.60 -11.54 -26.83
C SER B 195 21.14 -10.11 -26.47
N SER B 196 20.88 -9.84 -25.17
CA SER B 196 20.45 -8.52 -24.69
C SER B 196 21.59 -7.51 -24.75
N VAL B 197 21.24 -6.21 -24.88
CA VAL B 197 22.21 -5.13 -25.04
C VAL B 197 22.24 -4.16 -23.83
N PRO B 198 23.36 -4.10 -23.07
CA PRO B 198 23.47 -3.10 -22.01
C PRO B 198 23.83 -1.73 -22.62
N VAL B 199 22.96 -0.74 -22.40
CA VAL B 199 23.19 0.61 -22.94
C VAL B 199 23.98 1.42 -21.89
N TRP B 200 25.32 1.31 -21.99
CA TRP B 200 26.32 1.93 -21.12
C TRP B 200 26.20 3.45 -21.01
N SER B 201 25.83 4.12 -22.11
CA SER B 201 25.65 5.56 -22.18
C SER B 201 24.56 6.06 -21.21
N GLY B 202 23.47 5.27 -21.08
CA GLY B 202 22.33 5.57 -20.21
C GLY B 202 22.51 5.21 -18.75
N MET B 203 23.55 4.43 -18.43
CA MET B 203 23.86 3.99 -17.06
C MET B 203 24.28 5.19 -16.20
N ASN B 204 23.47 5.49 -15.16
CA ASN B 204 23.66 6.65 -14.28
C ASN B 204 23.03 6.50 -12.90
N VAL B 205 23.46 7.39 -11.99
CA VAL B 205 22.94 7.58 -10.62
C VAL B 205 22.86 9.10 -10.49
N ALA B 206 21.65 9.61 -10.22
CA ALA B 206 21.35 11.05 -10.07
C ALA B 206 21.73 11.92 -11.30
N GLY B 207 21.60 11.33 -12.49
CA GLY B 207 21.90 11.99 -13.76
C GLY B 207 23.38 12.09 -14.06
N VAL B 208 24.22 11.41 -13.25
CA VAL B 208 25.66 11.41 -13.44
C VAL B 208 26.02 10.19 -14.28
N SER B 209 26.38 10.39 -15.56
CA SER B 209 26.76 9.31 -16.48
C SER B 209 28.01 8.58 -16.02
N LEU B 210 27.86 7.28 -15.76
CA LEU B 210 28.93 6.40 -15.32
C LEU B 210 30.00 6.26 -16.41
N LYS B 211 29.58 6.28 -17.70
CA LYS B 211 30.46 6.20 -18.86
C LYS B 211 31.31 7.49 -18.99
N THR B 212 30.79 8.62 -18.49
CA THR B 212 31.50 9.91 -18.52
C THR B 212 32.63 9.89 -17.48
N LEU B 213 32.32 9.39 -16.26
CA LEU B 213 33.28 9.28 -15.15
CA LEU B 213 33.27 9.29 -15.16
C LEU B 213 34.28 8.16 -15.38
N HIS B 214 33.83 7.05 -15.97
CA HIS B 214 34.64 5.86 -16.24
C HIS B 214 34.49 5.54 -17.74
N PRO B 215 35.37 6.11 -18.60
CA PRO B 215 35.23 5.89 -20.05
C PRO B 215 35.32 4.44 -20.50
N ASP B 216 36.02 3.58 -19.72
CA ASP B 216 36.19 2.16 -20.03
C ASP B 216 34.94 1.31 -19.70
N LEU B 217 33.86 1.95 -19.19
CA LEU B 217 32.63 1.28 -18.79
C LEU B 217 32.07 0.40 -19.91
N GLY B 218 32.05 -0.91 -19.69
CA GLY B 218 31.55 -1.87 -20.66
C GLY B 218 32.56 -2.43 -21.63
N THR B 219 33.77 -1.82 -21.68
CA THR B 219 34.86 -2.29 -22.54
C THR B 219 35.56 -3.44 -21.81
N ASP B 220 36.37 -4.25 -22.53
CA ASP B 220 37.14 -5.34 -21.91
C ASP B 220 38.36 -4.77 -21.19
N LYS B 221 38.79 -3.55 -21.60
CA LYS B 221 39.90 -2.76 -21.04
C LYS B 221 39.64 -2.42 -19.55
N ASP B 222 38.34 -2.27 -19.16
CA ASP B 222 37.86 -1.94 -17.82
C ASP B 222 38.51 -2.75 -16.70
N LYS B 223 39.25 -2.04 -15.83
CA LYS B 223 39.94 -2.62 -14.68
C LYS B 223 38.98 -3.09 -13.60
N GLU B 224 37.78 -2.46 -13.52
CA GLU B 224 36.74 -2.81 -12.55
C GLU B 224 35.78 -3.88 -13.08
N GLN B 225 35.86 -4.21 -14.38
CA GLN B 225 35.04 -5.23 -15.06
C GLN B 225 33.51 -4.98 -14.97
N TRP B 226 33.07 -3.77 -15.37
CA TRP B 226 31.65 -3.44 -15.31
C TRP B 226 30.81 -4.18 -16.33
N LYS B 227 31.45 -4.71 -17.38
CA LYS B 227 30.81 -5.54 -18.41
C LYS B 227 30.22 -6.78 -17.71
N GLU B 228 30.86 -7.23 -16.60
CA GLU B 228 30.43 -8.36 -15.78
C GLU B 228 29.05 -8.18 -15.17
N VAL B 229 28.64 -6.92 -14.95
CA VAL B 229 27.31 -6.60 -14.42
C VAL B 229 26.26 -7.14 -15.39
N HIS B 230 26.47 -6.96 -16.71
CA HIS B 230 25.57 -7.50 -17.73
C HIS B 230 25.72 -9.02 -17.87
N LYS B 231 26.97 -9.53 -17.81
CA LYS B 231 27.25 -10.97 -17.90
C LYS B 231 26.51 -11.72 -16.77
N GLN B 232 26.58 -11.17 -15.53
CA GLN B 232 25.93 -11.70 -14.34
C GLN B 232 24.40 -11.77 -14.46
N VAL B 233 23.79 -10.87 -15.26
CA VAL B 233 22.34 -10.87 -15.52
C VAL B 233 22.00 -12.20 -16.22
N VAL B 234 22.83 -12.57 -17.23
CA VAL B 234 22.69 -13.80 -18.00
C VAL B 234 23.05 -15.03 -17.14
N GLU B 235 24.21 -14.98 -16.46
CA GLU B 235 24.68 -16.07 -15.59
C GLU B 235 23.66 -16.41 -14.48
N SER B 236 23.12 -15.37 -13.79
CA SER B 236 22.15 -15.51 -12.71
C SER B 236 20.90 -16.26 -13.14
N ALA B 237 20.38 -15.91 -14.32
CA ALA B 237 19.19 -16.53 -14.91
C ALA B 237 19.32 -18.05 -14.94
N TYR B 238 20.44 -18.56 -15.49
CA TYR B 238 20.75 -19.98 -15.58
C TYR B 238 21.09 -20.57 -14.22
N GLU B 239 21.69 -19.76 -13.31
CA GLU B 239 22.07 -20.19 -11.96
C GLU B 239 20.83 -20.52 -11.12
N VAL B 240 19.82 -19.62 -11.12
CA VAL B 240 18.55 -19.81 -10.39
C VAL B 240 17.89 -21.12 -10.91
N ILE B 241 17.95 -21.38 -12.22
CA ILE B 241 17.43 -22.58 -12.87
C ILE B 241 18.20 -23.82 -12.38
N LYS B 242 19.53 -23.71 -12.23
CA LYS B 242 20.38 -24.81 -11.73
C LYS B 242 20.07 -25.09 -10.26
N LEU B 243 19.88 -24.03 -9.46
CA LEU B 243 19.63 -24.07 -8.02
C LEU B 243 18.20 -24.47 -7.60
N LYS B 244 17.21 -23.71 -8.09
CA LYS B 244 15.77 -23.78 -7.77
C LYS B 244 14.95 -24.65 -8.73
N GLY B 245 15.40 -24.77 -9.97
CA GLY B 245 14.71 -25.48 -11.03
C GLY B 245 13.81 -24.61 -11.89
N TYR B 246 13.48 -23.40 -11.39
CA TYR B 246 12.60 -22.45 -12.06
C TYR B 246 12.87 -21.02 -11.56
N THR B 247 12.17 -20.03 -12.13
CA THR B 247 12.23 -18.63 -11.70
C THR B 247 10.78 -18.16 -11.60
N SER B 248 10.41 -17.53 -10.46
CA SER B 248 9.03 -17.10 -10.24
C SER B 248 8.89 -15.69 -9.67
N TRP B 249 9.49 -15.45 -8.49
CA TRP B 249 9.38 -14.19 -7.73
C TRP B 249 9.80 -12.95 -8.49
N ALA B 250 11.00 -12.98 -9.11
CA ALA B 250 11.53 -11.84 -9.86
C ALA B 250 10.67 -11.47 -11.06
N ILE B 251 10.25 -12.48 -11.85
CA ILE B 251 9.42 -12.27 -13.03
C ILE B 251 7.98 -11.86 -12.62
N GLY B 252 7.44 -12.50 -11.58
CA GLY B 252 6.11 -12.22 -11.04
C GLY B 252 5.93 -10.76 -10.68
N LEU B 253 6.92 -10.20 -9.96
CA LEU B 253 6.97 -8.80 -9.52
C LEU B 253 7.10 -7.83 -10.70
N SER B 254 7.99 -8.16 -11.68
CA SER B 254 8.25 -7.36 -12.88
C SER B 254 6.99 -7.21 -13.76
N VAL B 255 6.27 -8.33 -13.97
CA VAL B 255 5.03 -8.38 -14.76
C VAL B 255 3.95 -7.53 -14.07
N ALA B 256 3.88 -7.60 -12.72
CA ALA B 256 2.94 -6.83 -11.91
C ALA B 256 3.23 -5.32 -12.02
N ASP B 257 4.51 -4.94 -12.12
CA ASP B 257 4.93 -3.55 -12.28
C ASP B 257 4.43 -2.97 -13.60
N LEU B 258 4.51 -3.77 -14.69
CA LEU B 258 4.01 -3.40 -16.02
C LEU B 258 2.49 -3.25 -15.95
N ALA B 259 1.82 -4.24 -15.32
CA ALA B 259 0.38 -4.28 -15.11
C ALA B 259 -0.11 -3.02 -14.41
N GLU B 260 0.66 -2.51 -13.40
CA GLU B 260 0.36 -1.29 -12.65
C GLU B 260 0.25 -0.07 -13.59
N SER B 261 1.30 0.17 -14.41
CA SER B 261 1.34 1.26 -15.40
C SER B 261 0.21 1.14 -16.41
N ILE B 262 -0.14 -0.09 -16.82
CA ILE B 262 -1.21 -0.33 -17.78
C ILE B 262 -2.59 -0.04 -17.15
N MET B 263 -2.94 -0.76 -16.06
CA MET B 263 -4.22 -0.64 -15.35
C MET B 263 -4.49 0.78 -14.83
N LYS B 264 -3.46 1.44 -14.26
CA LYS B 264 -3.59 2.78 -13.68
C LYS B 264 -3.36 3.91 -14.68
N ASN B 265 -2.95 3.58 -15.94
CA ASN B 265 -2.64 4.52 -17.04
C ASN B 265 -1.57 5.54 -16.56
N LEU B 266 -0.52 5.02 -15.90
CA LEU B 266 0.57 5.79 -15.32
C LEU B 266 1.44 6.53 -16.33
N ARG B 267 1.58 5.99 -17.55
CA ARG B 267 2.43 6.56 -18.60
C ARG B 267 3.92 6.60 -18.20
N ARG B 268 4.37 5.52 -17.52
CA ARG B 268 5.75 5.31 -17.08
C ARG B 268 6.53 4.61 -18.20
N VAL B 269 7.83 4.86 -18.27
CA VAL B 269 8.70 4.25 -19.29
C VAL B 269 9.24 2.91 -18.76
N HIS B 270 9.07 1.83 -19.55
CA HIS B 270 9.48 0.47 -19.20
C HIS B 270 10.25 -0.22 -20.33
N PRO B 271 11.23 -1.12 -20.02
CA PRO B 271 11.92 -1.82 -21.12
C PRO B 271 11.10 -3.04 -21.56
N VAL B 272 10.24 -2.86 -22.58
CA VAL B 272 9.38 -3.95 -23.07
C VAL B 272 9.49 -4.15 -24.57
N SER B 273 9.26 -5.40 -25.02
CA SER B 273 9.33 -5.83 -26.43
C SER B 273 8.17 -5.29 -27.24
N THR B 274 8.51 -4.55 -28.32
CA THR B 274 7.55 -3.93 -29.24
C THR B 274 8.04 -3.97 -30.71
N MET B 275 7.11 -3.72 -31.64
CA MET B 275 7.31 -3.68 -33.08
C MET B 275 8.40 -2.60 -33.39
N ILE B 276 9.65 -3.05 -33.49
CA ILE B 276 10.79 -2.15 -33.74
C ILE B 276 10.98 -1.83 -35.23
N LYS B 277 10.29 -2.56 -36.13
CA LYS B 277 10.36 -2.38 -37.59
C LYS B 277 10.23 -0.89 -37.95
N GLY B 278 11.29 -0.33 -38.51
CA GLY B 278 11.35 1.08 -38.88
C GLY B 278 12.33 1.90 -38.06
N LEU B 279 12.86 1.30 -36.97
CA LEU B 279 13.84 1.92 -36.06
C LEU B 279 15.15 1.15 -36.09
N TYR B 280 16.28 1.88 -36.03
CA TYR B 280 17.64 1.35 -36.01
C TYR B 280 18.01 0.52 -37.27
N GLY B 281 17.37 0.88 -38.41
CA GLY B 281 17.59 0.24 -39.70
C GLY B 281 16.91 -1.10 -39.90
N ILE B 282 16.11 -1.53 -38.90
CA ILE B 282 15.40 -2.80 -38.96
C ILE B 282 14.21 -2.69 -39.89
N LYS B 283 14.08 -3.67 -40.80
CA LYS B 283 13.02 -3.73 -41.80
C LYS B 283 12.00 -4.85 -41.57
N ASP B 284 12.45 -6.00 -41.03
CA ASP B 284 11.58 -7.16 -40.85
C ASP B 284 10.60 -7.02 -39.68
N ASP B 285 9.46 -7.72 -39.76
CA ASP B 285 8.43 -7.68 -38.72
C ASP B 285 8.91 -8.47 -37.49
N VAL B 286 9.71 -7.80 -36.64
CA VAL B 286 10.28 -8.39 -35.41
C VAL B 286 10.02 -7.48 -34.19
N PHE B 287 9.92 -8.10 -33.01
CA PHE B 287 9.68 -7.41 -31.76
C PHE B 287 10.93 -7.37 -30.91
N LEU B 288 11.35 -6.17 -30.49
CA LEU B 288 12.50 -5.99 -29.62
C LEU B 288 12.22 -4.98 -28.50
N SER B 289 12.94 -5.12 -27.37
CA SER B 289 12.75 -4.27 -26.21
C SER B 289 13.39 -2.89 -26.37
N VAL B 290 12.58 -1.86 -26.14
CA VAL B 290 12.94 -0.43 -26.15
C VAL B 290 12.16 0.24 -25.00
N PRO B 291 12.57 1.43 -24.49
CA PRO B 291 11.80 2.06 -23.40
C PRO B 291 10.44 2.54 -23.92
N CYS B 292 9.35 2.06 -23.28
CA CYS B 292 7.98 2.35 -23.71
C CYS B 292 7.12 3.02 -22.65
N ILE B 293 6.29 3.97 -23.10
CA ILE B 293 5.35 4.67 -22.25
C ILE B 293 4.12 3.75 -22.14
N LEU B 294 3.90 3.20 -20.93
CA LEU B 294 2.80 2.27 -20.67
C LEU B 294 1.61 2.92 -19.99
N GLY B 295 0.50 2.96 -20.72
CA GLY B 295 -0.76 3.53 -20.25
C GLY B 295 -1.92 2.59 -20.45
N GLN B 296 -3.14 3.17 -20.54
CA GLN B 296 -4.37 2.42 -20.72
C GLN B 296 -4.51 1.83 -22.13
N ASN B 297 -3.73 2.32 -23.12
CA ASN B 297 -3.77 1.82 -24.50
C ASN B 297 -2.54 0.95 -24.85
N GLY B 298 -1.80 0.57 -23.80
CA GLY B 298 -0.58 -0.21 -23.91
C GLY B 298 0.61 0.68 -24.21
N ILE B 299 1.33 0.37 -25.30
CA ILE B 299 2.49 1.16 -25.72
C ILE B 299 2.00 2.30 -26.62
N SER B 300 1.72 3.46 -26.00
CA SER B 300 1.24 4.64 -26.73
C SER B 300 2.38 5.38 -27.41
N ASP B 301 3.56 5.33 -26.78
CA ASP B 301 4.76 6.03 -27.23
C ASP B 301 6.01 5.23 -26.91
N LEU B 302 7.05 5.46 -27.70
CA LEU B 302 8.32 4.76 -27.68
C LEU B 302 9.50 5.75 -27.53
N VAL B 303 10.47 5.48 -26.63
CA VAL B 303 11.63 6.38 -26.45
C VAL B 303 12.69 6.01 -27.49
N LYS B 304 13.09 7.00 -28.30
CA LYS B 304 14.11 6.87 -29.35
C LYS B 304 15.51 7.00 -28.77
N VAL B 305 16.02 5.88 -28.22
CA VAL B 305 17.33 5.79 -27.58
C VAL B 305 18.46 5.95 -28.60
N THR B 306 19.41 6.85 -28.32
CA THR B 306 20.57 7.04 -29.18
C THR B 306 21.54 5.88 -28.93
N LEU B 307 21.68 4.99 -29.93
CA LEU B 307 22.53 3.81 -29.82
C LEU B 307 23.82 3.98 -30.59
N THR B 308 24.91 3.37 -30.09
CA THR B 308 26.20 3.39 -30.76
C THR B 308 26.13 2.44 -31.95
N SER B 309 27.07 2.57 -32.89
CA SER B 309 27.14 1.72 -34.09
C SER B 309 27.13 0.24 -33.70
N GLU B 310 27.89 -0.10 -32.64
CA GLU B 310 28.01 -1.42 -32.03
C GLU B 310 26.66 -1.91 -31.49
N GLU B 311 25.94 -1.04 -30.71
CA GLU B 311 24.64 -1.31 -30.09
C GLU B 311 23.57 -1.53 -31.16
N GLU B 312 23.56 -0.67 -32.20
CA GLU B 312 22.63 -0.72 -33.34
C GLU B 312 22.79 -2.04 -34.10
N ALA B 313 24.06 -2.42 -34.40
CA ALA B 313 24.47 -3.65 -35.09
C ALA B 313 23.91 -4.88 -34.42
N ARG B 314 23.98 -4.91 -33.08
CA ARG B 314 23.51 -6.00 -32.24
C ARG B 314 22.01 -6.18 -32.35
N LEU B 315 21.26 -5.05 -32.34
CA LEU B 315 19.80 -5.04 -32.49
C LEU B 315 19.37 -5.50 -33.87
N LYS B 316 20.14 -5.12 -34.91
CA LYS B 316 19.90 -5.52 -36.31
C LYS B 316 20.15 -7.04 -36.45
N LYS B 317 21.26 -7.54 -35.84
CA LYS B 317 21.63 -8.95 -35.86
C LYS B 317 20.55 -9.78 -35.16
N SER B 318 20.03 -9.29 -34.00
CA SER B 318 18.96 -9.95 -33.24
C SER B 318 17.73 -10.05 -34.14
N ALA B 319 17.35 -8.92 -34.77
CA ALA B 319 16.22 -8.79 -35.70
C ALA B 319 16.32 -9.77 -36.87
N ASP B 320 17.53 -9.88 -37.46
CA ASP B 320 17.84 -10.78 -38.58
C ASP B 320 17.66 -12.22 -38.14
N THR B 321 18.24 -12.58 -36.97
CA THR B 321 18.16 -13.92 -36.36
C THR B 321 16.70 -14.30 -36.11
N LEU B 322 15.95 -13.41 -35.42
CA LEU B 322 14.54 -13.61 -35.06
C LEU B 322 13.64 -13.76 -36.28
N TRP B 323 13.88 -12.96 -37.34
CA TRP B 323 13.09 -13.05 -38.56
C TRP B 323 13.29 -14.40 -39.28
N GLY B 324 14.52 -14.90 -39.29
CA GLY B 324 14.90 -16.17 -39.90
C GLY B 324 14.05 -17.33 -39.40
N ILE B 325 13.73 -17.33 -38.09
CA ILE B 325 12.90 -18.32 -37.43
C ILE B 325 11.42 -18.05 -37.78
N GLN B 326 11.00 -16.78 -37.61
CA GLN B 326 9.63 -16.28 -37.83
C GLN B 326 9.08 -16.50 -39.24
N LYS B 327 9.94 -16.40 -40.27
CA LYS B 327 9.51 -16.59 -41.66
C LYS B 327 9.23 -18.06 -42.00
N GLU B 328 9.84 -18.99 -41.24
CA GLU B 328 9.67 -20.43 -41.40
C GLU B 328 8.52 -20.99 -40.53
N LEU B 329 7.82 -20.12 -39.78
CA LEU B 329 6.73 -20.52 -38.90
C LEU B 329 5.40 -20.63 -39.64
N GLN B 330 4.70 -21.77 -39.43
CA GLN B 330 3.40 -22.05 -40.03
C GLN B 330 2.29 -21.81 -38.98
N PHE B 331 1.49 -20.74 -39.20
CA PHE B 331 0.41 -20.33 -38.30
C PHE B 331 -0.83 -21.22 -38.37
N ALA C 1 11.27 19.82 -35.75
CA ALA C 1 11.31 18.65 -34.87
C ALA C 1 11.78 19.03 -33.46
N THR C 2 10.82 19.11 -32.53
CA THR C 2 11.04 19.47 -31.13
C THR C 2 11.77 18.33 -30.39
N LEU C 3 12.34 18.63 -29.20
CA LEU C 3 13.03 17.66 -28.35
C LEU C 3 12.11 16.49 -28.01
N LYS C 4 10.80 16.77 -27.79
CA LYS C 4 9.79 15.75 -27.49
C LYS C 4 9.68 14.77 -28.66
N ASP C 5 9.64 15.30 -29.91
CA ASP C 5 9.56 14.50 -31.14
C ASP C 5 10.85 13.72 -31.38
N GLN C 6 12.00 14.31 -31.00
CA GLN C 6 13.33 13.71 -31.13
C GLN C 6 13.51 12.54 -30.14
N LEU C 7 13.05 12.74 -28.90
CA LEU C 7 13.14 11.75 -27.82
C LEU C 7 12.07 10.68 -27.91
N ILE C 8 10.82 11.05 -28.20
CA ILE C 8 9.69 10.11 -28.21
C ILE C 8 9.01 9.97 -29.57
N TYR C 9 8.84 8.70 -30.02
CA TYR C 9 8.09 8.35 -31.22
C TYR C 9 6.68 7.98 -30.78
N ASN C 10 5.67 8.58 -31.41
CA ASN C 10 4.28 8.34 -31.10
C ASN C 10 3.64 7.24 -31.95
N LEU C 11 2.95 6.29 -31.29
CA LEU C 11 2.22 5.19 -31.92
C LEU C 11 0.77 5.63 -32.13
N LEU C 12 0.12 6.18 -31.07
CA LEU C 12 -1.24 6.72 -31.14
C LEU C 12 -1.50 7.88 -30.17
N LYS C 13 -2.31 8.84 -30.64
CA LYS C 13 -2.75 10.02 -29.89
C LYS C 13 -4.03 9.71 -29.11
N GLU C 14 -4.67 8.56 -29.46
CA GLU C 14 -5.92 7.97 -28.94
C GLU C 14 -6.21 8.25 -27.45
N GLU C 15 -6.78 9.44 -27.16
CA GLU C 15 -7.16 9.82 -25.80
C GLU C 15 -8.51 9.20 -25.46
N GLN C 16 -8.53 8.33 -24.45
CA GLN C 16 -9.72 7.60 -24.01
C GLN C 16 -10.39 8.26 -22.80
N THR C 17 -11.65 7.86 -22.52
CA THR C 17 -12.44 8.32 -21.38
C THR C 17 -11.82 7.78 -20.06
N PRO C 18 -11.77 8.59 -18.96
CA PRO C 18 -11.17 8.07 -17.71
C PRO C 18 -11.95 6.93 -17.10
N GLN C 19 -11.25 5.81 -16.89
CA GLN C 19 -11.80 4.56 -16.37
C GLN C 19 -12.22 4.66 -14.91
N ASN C 20 -11.33 5.17 -14.03
CA ASN C 20 -11.63 5.26 -12.61
C ASN C 20 -11.51 6.69 -12.11
N LYS C 21 -12.51 7.51 -12.44
CA LYS C 21 -12.52 8.93 -12.09
C LYS C 21 -13.31 9.23 -10.82
N ILE C 22 -12.77 10.15 -10.00
CA ILE C 22 -13.38 10.64 -8.77
C ILE C 22 -13.43 12.19 -8.82
N THR C 23 -14.57 12.78 -8.40
CA THR C 23 -14.75 14.24 -8.36
C THR C 23 -15.02 14.68 -6.92
N VAL C 24 -14.34 15.75 -6.49
CA VAL C 24 -14.54 16.33 -5.16
C VAL C 24 -15.12 17.73 -5.35
N VAL C 25 -16.37 17.94 -4.89
CA VAL C 25 -17.06 19.22 -5.01
C VAL C 25 -16.96 19.92 -3.65
N GLY C 26 -16.26 21.04 -3.64
CA GLY C 26 -16.00 21.82 -2.44
C GLY C 26 -14.63 21.50 -1.91
N VAL C 27 -13.61 22.27 -2.35
CA VAL C 27 -12.22 22.06 -1.93
C VAL C 27 -11.93 22.71 -0.54
N GLY C 28 -12.88 22.56 0.39
CA GLY C 28 -12.74 23.07 1.73
C GLY C 28 -11.84 22.22 2.60
N ALA C 29 -11.96 22.36 3.92
CA ALA C 29 -11.17 21.60 4.88
C ALA C 29 -11.44 20.09 4.76
N VAL C 30 -12.73 19.72 4.64
CA VAL C 30 -13.18 18.34 4.49
C VAL C 30 -12.81 17.81 3.10
N GLY C 31 -13.21 18.54 2.06
CA GLY C 31 -12.95 18.19 0.66
C GLY C 31 -11.52 17.86 0.34
N MET C 32 -10.59 18.72 0.79
CA MET C 32 -9.16 18.54 0.53
C MET C 32 -8.56 17.34 1.26
N ALA C 33 -9.12 16.99 2.43
CA ALA C 33 -8.69 15.86 3.23
C ALA C 33 -9.14 14.57 2.54
N CYS C 34 -10.33 14.60 1.94
CA CYS C 34 -10.89 13.48 1.19
C CYS C 34 -9.98 13.24 -0.02
N ALA C 35 -9.61 14.34 -0.71
CA ALA C 35 -8.75 14.37 -1.91
C ALA C 35 -7.40 13.68 -1.67
N ILE C 36 -6.64 14.13 -0.64
CA ILE C 36 -5.33 13.56 -0.31
C ILE C 36 -5.45 12.09 0.10
N SER C 37 -6.46 11.75 0.93
CA SER C 37 -6.70 10.37 1.36
C SER C 37 -6.94 9.44 0.15
N ILE C 38 -7.78 9.90 -0.82
CA ILE C 38 -8.09 9.18 -2.05
C ILE C 38 -6.85 8.99 -2.91
N LEU C 39 -6.05 10.07 -3.08
CA LEU C 39 -4.82 10.08 -3.88
C LEU C 39 -3.78 9.09 -3.36
N MET C 40 -3.61 9.04 -2.03
CA MET C 40 -2.64 8.17 -1.36
C MET C 40 -3.09 6.71 -1.30
N LYS C 41 -4.41 6.47 -1.41
CA LYS C 41 -4.98 5.12 -1.41
C LYS C 41 -5.05 4.54 -2.82
N ASP C 42 -4.57 5.31 -3.83
CA ASP C 42 -4.52 4.98 -5.27
C ASP C 42 -5.86 4.43 -5.78
N LEU C 43 -6.94 5.19 -5.53
CA LEU C 43 -8.30 4.79 -5.91
C LEU C 43 -8.76 5.31 -7.27
N ALA C 44 -8.21 6.43 -7.73
CA ALA C 44 -8.57 7.05 -9.01
C ALA C 44 -7.40 7.19 -9.98
N ASP C 45 -7.70 7.20 -11.30
CA ASP C 45 -6.72 7.44 -12.36
C ASP C 45 -6.86 8.89 -12.84
N GLU C 46 -7.93 9.56 -12.37
CA GLU C 46 -8.23 10.96 -12.62
C GLU C 46 -9.02 11.55 -11.46
N LEU C 47 -8.55 12.71 -10.95
CA LEU C 47 -9.20 13.44 -9.86
C LEU C 47 -9.62 14.81 -10.36
N ALA C 48 -10.91 15.14 -10.18
CA ALA C 48 -11.45 16.44 -10.59
C ALA C 48 -11.92 17.23 -9.37
N LEU C 49 -11.56 18.52 -9.32
CA LEU C 49 -11.93 19.37 -8.19
C LEU C 49 -12.82 20.53 -8.65
N VAL C 50 -13.93 20.76 -7.94
CA VAL C 50 -14.88 21.83 -8.27
C VAL C 50 -15.12 22.71 -7.04
N ASP C 51 -15.12 24.03 -7.25
CA ASP C 51 -15.39 25.04 -6.22
C ASP C 51 -15.85 26.36 -6.84
N VAL C 52 -16.48 27.21 -6.04
CA VAL C 52 -16.93 28.54 -6.45
C VAL C 52 -15.77 29.55 -6.42
N ILE C 53 -14.86 29.39 -5.43
CA ILE C 53 -13.66 30.22 -5.23
C ILE C 53 -12.57 29.69 -6.17
N GLU C 54 -12.44 30.32 -7.37
CA GLU C 54 -11.52 29.94 -8.44
C GLU C 54 -10.05 29.93 -8.06
N ASP C 55 -9.61 30.95 -7.28
CA ASP C 55 -8.23 31.09 -6.83
CA ASP C 55 -8.23 31.10 -6.81
C ASP C 55 -7.79 29.94 -5.91
N LYS C 56 -8.58 29.65 -4.85
CA LYS C 56 -8.30 28.55 -3.91
C LYS C 56 -8.30 27.21 -4.68
N LEU C 57 -9.28 27.00 -5.56
CA LEU C 57 -9.41 25.80 -6.40
C LEU C 57 -8.17 25.56 -7.28
N LYS C 58 -7.63 26.62 -7.94
CA LYS C 58 -6.41 26.52 -8.77
C LYS C 58 -5.20 26.17 -7.90
N GLY C 59 -5.06 26.85 -6.76
CA GLY C 59 -3.99 26.64 -5.80
C GLY C 59 -3.96 25.23 -5.23
N GLU C 60 -5.15 24.72 -4.81
CA GLU C 60 -5.29 23.36 -4.27
C GLU C 60 -4.93 22.32 -5.33
N MET C 61 -5.37 22.54 -6.58
CA MET C 61 -5.09 21.66 -7.72
C MET C 61 -3.59 21.61 -8.01
N MET C 62 -2.95 22.80 -8.17
CA MET C 62 -1.51 22.94 -8.42
C MET C 62 -0.65 22.28 -7.35
N ASP C 63 -1.04 22.44 -6.06
CA ASP C 63 -0.35 21.85 -4.92
C ASP C 63 -0.36 20.33 -5.03
N LEU C 64 -1.53 19.75 -5.36
CA LEU C 64 -1.68 18.30 -5.54
C LEU C 64 -0.86 17.84 -6.75
N GLN C 65 -0.91 18.64 -7.85
CA GLN C 65 -0.18 18.39 -9.10
C GLN C 65 1.32 18.32 -8.87
N HIS C 66 1.87 19.14 -7.96
CA HIS C 66 3.31 19.13 -7.68
C HIS C 66 3.76 17.86 -6.96
N GLY C 67 2.82 17.25 -6.23
CA GLY C 67 3.04 16.00 -5.51
C GLY C 67 2.91 14.74 -6.36
N SER C 68 2.61 14.91 -7.69
CA SER C 68 2.42 13.84 -8.68
C SER C 68 3.49 12.75 -8.68
N LEU C 69 4.75 13.12 -8.42
CA LEU C 69 5.90 12.22 -8.37
C LEU C 69 5.71 11.14 -7.29
N PHE C 70 5.11 11.53 -6.15
CA PHE C 70 4.84 10.67 -5.01
C PHE C 70 3.44 10.05 -5.04
N LEU C 71 2.69 10.26 -6.14
CA LEU C 71 1.34 9.73 -6.33
C LEU C 71 1.25 8.81 -7.55
N ARG C 72 0.17 7.99 -7.59
CA ARG C 72 -0.12 7.07 -8.70
C ARG C 72 -1.44 7.43 -9.40
N THR C 73 -1.77 8.74 -9.38
CA THR C 73 -2.93 9.33 -10.03
C THR C 73 -2.38 10.30 -11.12
N PRO C 74 -2.40 9.86 -12.40
CA PRO C 74 -1.77 10.67 -13.46
C PRO C 74 -2.46 11.97 -13.87
N LYS C 75 -3.76 12.15 -13.55
CA LYS C 75 -4.46 13.38 -13.97
C LYS C 75 -5.25 14.06 -12.84
N ILE C 76 -4.80 15.26 -12.44
CA ILE C 76 -5.48 16.06 -11.40
C ILE C 76 -5.95 17.34 -12.07
N VAL C 77 -7.27 17.46 -12.30
CA VAL C 77 -7.88 18.61 -12.96
C VAL C 77 -8.86 19.36 -12.04
N SER C 78 -9.09 20.64 -12.32
CA SER C 78 -10.02 21.47 -11.54
C SER C 78 -10.75 22.48 -12.42
N GLY C 79 -11.83 23.05 -11.90
CA GLY C 79 -12.62 24.04 -12.61
C GLY C 79 -13.94 24.37 -11.97
N LYS C 80 -14.40 25.62 -12.18
CA LYS C 80 -15.68 26.11 -11.67
C LYS C 80 -16.81 25.51 -12.55
N ASP C 81 -16.48 25.20 -13.83
CA ASP C 81 -17.35 24.55 -14.82
C ASP C 81 -17.31 23.04 -14.55
N TYR C 82 -18.49 22.40 -14.54
CA TYR C 82 -18.63 20.97 -14.26
C TYR C 82 -18.21 20.06 -15.43
N ASN C 83 -17.70 20.65 -16.53
CA ASN C 83 -17.20 19.93 -17.69
C ASN C 83 -15.98 19.08 -17.30
N VAL C 84 -15.28 19.53 -16.24
CA VAL C 84 -14.10 18.87 -15.66
C VAL C 84 -14.48 17.56 -14.95
N THR C 85 -15.76 17.41 -14.53
CA THR C 85 -16.29 16.25 -13.81
C THR C 85 -16.68 15.09 -14.71
N ALA C 86 -16.89 15.36 -16.02
CA ALA C 86 -17.34 14.39 -17.03
C ALA C 86 -16.72 12.99 -16.90
N ASN C 87 -17.59 11.96 -16.83
CA ASN C 87 -17.26 10.53 -16.73
C ASN C 87 -16.60 10.17 -15.37
N SER C 88 -17.22 10.62 -14.27
CA SER C 88 -16.76 10.31 -12.92
C SER C 88 -17.55 9.14 -12.39
N LYS C 89 -16.85 8.14 -11.83
CA LYS C 89 -17.47 6.93 -11.26
C LYS C 89 -18.12 7.32 -9.93
N LEU C 90 -17.42 8.16 -9.14
CA LEU C 90 -17.85 8.64 -7.84
C LEU C 90 -17.68 10.16 -7.72
N VAL C 91 -18.77 10.84 -7.32
CA VAL C 91 -18.78 12.29 -7.09
C VAL C 91 -19.09 12.54 -5.61
N ILE C 92 -18.15 13.21 -4.92
CA ILE C 92 -18.24 13.51 -3.50
C ILE C 92 -18.59 15.00 -3.28
N ILE C 93 -19.68 15.27 -2.54
CA ILE C 93 -20.12 16.62 -2.24
C ILE C 93 -19.74 16.99 -0.81
N THR C 94 -18.73 17.86 -0.69
CA THR C 94 -18.18 18.41 0.55
C THR C 94 -18.28 19.95 0.47
N ALA C 95 -19.25 20.45 -0.32
CA ALA C 95 -19.50 21.87 -0.55
C ALA C 95 -20.52 22.42 0.44
N GLY C 96 -20.06 23.30 1.31
CA GLY C 96 -20.86 23.93 2.36
C GLY C 96 -20.12 25.08 2.98
N ALA C 97 -20.15 25.18 4.33
CA ALA C 97 -19.48 26.21 5.15
C ALA C 97 -19.77 26.04 6.66
N ARG C 98 -19.62 24.80 7.16
CA ARG C 98 -19.75 24.41 8.57
C ARG C 98 -21.08 24.92 9.24
N GLY C 102 -21.75 30.20 14.43
CA GLY C 102 -22.85 30.59 15.28
C GLY C 102 -24.18 30.80 14.58
N GLU C 103 -24.57 29.84 13.67
CA GLU C 103 -25.83 29.83 12.90
C GLU C 103 -26.73 28.63 13.25
N SER C 104 -28.06 28.76 13.03
CA SER C 104 -29.03 27.69 13.31
C SER C 104 -28.91 26.54 12.32
N ARG C 105 -29.52 25.38 12.63
CA ARG C 105 -29.49 24.23 11.72
C ARG C 105 -30.44 24.38 10.54
N LEU C 106 -31.55 25.15 10.70
CA LEU C 106 -32.52 25.39 9.63
C LEU C 106 -31.98 26.34 8.57
N ASN C 107 -31.16 27.34 8.99
CA ASN C 107 -30.52 28.31 8.06
C ASN C 107 -29.62 27.52 7.12
N LEU C 108 -28.82 26.60 7.69
CA LEU C 108 -27.90 25.69 7.04
C LEU C 108 -28.57 24.81 5.97
N VAL C 109 -29.76 24.23 6.28
CA VAL C 109 -30.50 23.35 5.36
C VAL C 109 -30.84 24.04 4.04
N GLN C 110 -31.67 25.11 4.08
CA GLN C 110 -32.08 25.85 2.87
C GLN C 110 -30.90 26.52 2.16
N ARG C 111 -29.87 26.93 2.95
CA ARG C 111 -28.60 27.50 2.48
C ARG C 111 -27.92 26.47 1.57
N ASN C 112 -27.69 25.24 2.07
CA ASN C 112 -27.09 24.15 1.33
C ASN C 112 -28.01 23.56 0.25
N VAL C 113 -29.34 23.71 0.39
CA VAL C 113 -30.29 23.24 -0.63
C VAL C 113 -30.18 24.14 -1.86
N ASN C 114 -29.98 25.47 -1.65
CA ASN C 114 -29.80 26.45 -2.74
C ASN C 114 -28.54 26.12 -3.54
N ILE C 115 -27.48 25.68 -2.80
CA ILE C 115 -26.18 25.29 -3.34
C ILE C 115 -26.35 24.00 -4.17
N PHE C 116 -27.07 23.00 -3.61
CA PHE C 116 -27.35 21.69 -4.22
C PHE C 116 -28.22 21.79 -5.47
N LYS C 117 -29.09 22.82 -5.52
CA LYS C 117 -29.99 23.11 -6.66
C LYS C 117 -29.20 23.34 -7.96
N PHE C 118 -27.92 23.73 -7.84
CA PHE C 118 -27.02 23.94 -8.97
C PHE C 118 -26.03 22.77 -9.11
N ILE C 119 -25.44 22.33 -7.98
CA ILE C 119 -24.44 21.25 -7.95
C ILE C 119 -24.95 19.96 -8.59
N ILE C 120 -26.00 19.36 -8.01
CA ILE C 120 -26.58 18.08 -8.40
C ILE C 120 -26.99 18.06 -9.91
N PRO C 121 -27.78 19.01 -10.48
CA PRO C 121 -28.10 18.92 -11.92
C PRO C 121 -26.87 18.97 -12.83
N ASN C 122 -25.85 19.74 -12.44
CA ASN C 122 -24.59 19.88 -13.17
C ASN C 122 -23.77 18.59 -13.12
N VAL C 123 -23.79 17.90 -11.97
CA VAL C 123 -23.08 16.63 -11.77
C VAL C 123 -23.70 15.54 -12.66
N VAL C 124 -25.04 15.39 -12.61
CA VAL C 124 -25.83 14.42 -13.38
C VAL C 124 -25.65 14.67 -14.90
N LYS C 125 -25.53 15.95 -15.31
CA LYS C 125 -25.34 16.37 -16.69
C LYS C 125 -24.06 15.80 -17.31
N TYR C 126 -22.95 15.77 -16.54
CA TYR C 126 -21.65 15.30 -17.03
C TYR C 126 -21.29 13.84 -16.64
N SER C 127 -21.82 13.36 -15.50
CA SER C 127 -21.60 11.99 -15.03
C SER C 127 -22.97 11.38 -14.67
N PRO C 128 -23.78 10.96 -15.68
CA PRO C 128 -25.13 10.45 -15.37
C PRO C 128 -25.21 9.05 -14.75
N ASN C 129 -24.12 8.27 -14.83
CA ASN C 129 -24.08 6.91 -14.28
C ASN C 129 -23.11 6.81 -13.09
N CYS C 130 -22.89 7.95 -12.40
CA CYS C 130 -22.00 8.05 -11.25
C CYS C 130 -22.68 7.65 -9.94
N LYS C 131 -21.90 7.56 -8.86
CA LYS C 131 -22.38 7.28 -7.52
C LYS C 131 -22.14 8.57 -6.76
N LEU C 132 -23.16 9.05 -6.07
CA LEU C 132 -23.06 10.28 -5.30
C LEU C 132 -22.76 9.97 -3.86
N LEU C 133 -21.72 10.61 -3.31
CA LEU C 133 -21.36 10.47 -1.91
C LEU C 133 -21.50 11.83 -1.26
N ILE C 134 -22.57 12.00 -0.47
CA ILE C 134 -22.88 13.27 0.19
C ILE C 134 -22.18 13.33 1.55
N VAL C 135 -21.47 14.45 1.81
CA VAL C 135 -20.76 14.68 3.07
C VAL C 135 -21.32 15.92 3.77
N SER C 136 -21.62 16.99 2.99
CA SER C 136 -22.17 18.27 3.47
C SER C 136 -23.32 18.09 4.44
N ASN C 137 -23.30 18.83 5.55
CA ASN C 137 -24.30 18.72 6.61
C ASN C 137 -25.54 19.61 6.44
N PRO C 138 -26.74 19.19 6.91
CA PRO C 138 -27.08 17.89 7.53
C PRO C 138 -27.05 16.80 6.47
N VAL C 139 -26.08 15.87 6.61
CA VAL C 139 -25.83 14.81 5.64
C VAL C 139 -27.09 13.98 5.32
N ASP C 140 -27.85 13.53 6.34
CA ASP C 140 -29.07 12.74 6.15
C ASP C 140 -30.15 13.48 5.34
N ILE C 141 -30.32 14.80 5.58
CA ILE C 141 -31.29 15.63 4.85
C ILE C 141 -30.80 15.90 3.43
N LEU C 142 -29.51 16.31 3.28
CA LEU C 142 -28.92 16.63 1.99
C LEU C 142 -28.78 15.41 1.05
N THR C 143 -28.70 14.17 1.60
CA THR C 143 -28.64 12.95 0.78
C THR C 143 -29.99 12.77 0.08
N TYR C 144 -31.09 13.08 0.80
CA TYR C 144 -32.45 13.04 0.27
C TYR C 144 -32.58 14.08 -0.84
N VAL C 145 -32.15 15.33 -0.55
CA VAL C 145 -32.14 16.48 -1.46
C VAL C 145 -31.45 16.09 -2.77
N ALA C 146 -30.25 15.50 -2.69
CA ALA C 146 -29.47 15.04 -3.83
C ALA C 146 -30.24 13.97 -4.62
N TRP C 147 -30.78 12.95 -3.91
CA TRP C 147 -31.55 11.85 -4.48
C TRP C 147 -32.79 12.36 -5.24
N LYS C 148 -33.48 13.35 -4.67
CA LYS C 148 -34.67 13.96 -5.25
C LYS C 148 -34.33 14.74 -6.53
N ILE C 149 -33.30 15.62 -6.48
CA ILE C 149 -32.85 16.45 -7.59
C ILE C 149 -32.25 15.59 -8.73
N SER C 150 -31.36 14.64 -8.39
CA SER C 150 -30.71 13.75 -9.35
C SER C 150 -31.67 12.84 -10.10
N GLY C 151 -32.63 12.26 -9.37
CA GLY C 151 -33.59 11.30 -9.92
C GLY C 151 -32.92 9.95 -10.08
N PHE C 152 -31.76 9.79 -9.43
CA PHE C 152 -30.94 8.59 -9.43
C PHE C 152 -31.62 7.51 -8.57
N PRO C 153 -31.35 6.21 -8.81
CA PRO C 153 -31.95 5.19 -7.93
C PRO C 153 -31.29 5.22 -6.55
N LYS C 154 -32.04 4.77 -5.49
CA LYS C 154 -31.60 4.78 -4.10
CA LYS C 154 -31.62 4.69 -4.08
C LYS C 154 -30.16 4.28 -3.88
N ASN C 155 -29.71 3.27 -4.65
CA ASN C 155 -28.37 2.68 -4.57
C ASN C 155 -27.22 3.62 -4.93
N ARG C 156 -27.42 4.51 -5.93
CA ARG C 156 -26.40 5.42 -6.42
C ARG C 156 -26.32 6.73 -5.61
N VAL C 157 -27.16 6.88 -4.57
CA VAL C 157 -27.15 8.05 -3.69
C VAL C 157 -26.75 7.58 -2.29
N ILE C 158 -25.47 7.79 -1.94
CA ILE C 158 -24.87 7.36 -0.67
C ILE C 158 -24.51 8.57 0.19
N GLY C 159 -24.99 8.56 1.43
CA GLY C 159 -24.69 9.61 2.39
C GLY C 159 -23.70 9.10 3.42
N SER C 160 -22.69 9.93 3.78
CA SER C 160 -21.67 9.58 4.77
C SER C 160 -22.29 9.06 6.07
N GLY C 161 -23.34 9.74 6.53
CA GLY C 161 -24.09 9.39 7.73
C GLY C 161 -23.25 9.10 8.96
N CYS C 162 -23.49 7.94 9.59
CA CYS C 162 -22.80 7.54 10.81
C CYS C 162 -21.48 6.78 10.59
N ASN C 163 -20.81 6.99 9.42
CA ASN C 163 -19.53 6.35 9.13
C ASN C 163 -18.44 6.87 10.08
N LEU C 164 -18.31 8.22 10.18
CA LEU C 164 -17.38 8.92 11.08
C LEU C 164 -17.75 8.67 12.56
N ASP C 165 -19.06 8.62 12.85
CA ASP C 165 -19.59 8.38 14.19
C ASP C 165 -19.12 7.02 14.69
N SER C 166 -19.23 5.97 13.83
CA SER C 166 -18.81 4.61 14.17
C SER C 166 -17.28 4.51 14.24
N ALA C 167 -16.59 5.29 13.38
CA ALA C 167 -15.13 5.36 13.31
C ALA C 167 -14.57 5.94 14.62
N ARG C 168 -15.26 6.97 15.17
CA ARG C 168 -14.91 7.62 16.43
C ARG C 168 -15.23 6.72 17.60
N PHE C 169 -16.37 5.99 17.52
CA PHE C 169 -16.83 5.07 18.54
C PHE C 169 -15.85 3.90 18.72
N ARG C 170 -15.43 3.29 17.59
CA ARG C 170 -14.48 2.18 17.57
C ARG C 170 -13.10 2.58 18.10
N TYR C 171 -12.72 3.87 17.94
CA TYR C 171 -11.46 4.40 18.47
C TYR C 171 -11.54 4.49 19.99
N LEU C 172 -12.66 5.07 20.50
CA LEU C 172 -12.91 5.25 21.93
C LEU C 172 -13.02 3.92 22.66
N MET C 173 -13.79 2.97 22.07
CA MET C 173 -13.97 1.59 22.55
C MET C 173 -12.59 0.92 22.60
N GLY C 174 -11.80 1.13 21.53
CA GLY C 174 -10.44 0.64 21.36
C GLY C 174 -9.49 1.11 22.44
N GLU C 175 -9.59 2.40 22.82
CA GLU C 175 -8.79 3.00 23.88
C GLU C 175 -9.19 2.39 25.23
N ARG C 176 -10.51 2.29 25.49
CA ARG C 176 -11.07 1.73 26.71
C ARG C 176 -10.60 0.30 26.97
N LEU C 177 -10.53 -0.52 25.92
CA LEU C 177 -10.16 -1.94 26.00
C LEU C 177 -8.70 -2.26 25.69
N GLY C 178 -7.95 -1.29 25.15
CA GLY C 178 -6.55 -1.49 24.78
C GLY C 178 -6.39 -2.49 23.66
N VAL C 179 -7.26 -2.38 22.65
CA VAL C 179 -7.34 -3.24 21.47
C VAL C 179 -7.50 -2.28 20.27
N HIS C 180 -6.91 -2.61 19.10
CA HIS C 180 -6.99 -1.79 17.89
C HIS C 180 -8.44 -1.58 17.43
N PRO C 181 -8.83 -0.34 16.99
CA PRO C 181 -10.20 -0.10 16.52
C PRO C 181 -10.73 -1.10 15.50
N LEU C 182 -9.84 -1.69 14.68
CA LEU C 182 -10.17 -2.69 13.67
C LEU C 182 -10.76 -3.93 14.31
N SER C 183 -10.22 -4.34 15.48
CA SER C 183 -10.67 -5.52 16.20
C SER C 183 -11.83 -5.23 17.16
N CYS C 184 -12.10 -3.94 17.46
CA CYS C 184 -13.20 -3.50 18.31
C CYS C 184 -14.39 -3.20 17.43
N HIS C 185 -15.42 -4.04 17.51
CA HIS C 185 -16.59 -3.89 16.67
C HIS C 185 -17.76 -3.26 17.38
N GLY C 186 -18.30 -2.21 16.77
CA GLY C 186 -19.43 -1.45 17.29
C GLY C 186 -20.13 -0.71 16.17
N TRP C 187 -21.45 -0.48 16.33
CA TRP C 187 -22.22 0.19 15.29
C TRP C 187 -23.07 1.35 15.79
N VAL C 188 -22.79 2.53 15.24
CA VAL C 188 -23.52 3.77 15.50
C VAL C 188 -24.38 3.97 14.25
N LEU C 189 -25.71 3.97 14.43
CA LEU C 189 -26.66 4.09 13.31
C LEU C 189 -27.70 5.20 13.53
N GLY C 190 -28.55 5.42 12.52
CA GLY C 190 -29.60 6.42 12.55
C GLY C 190 -29.17 7.76 11.98
N GLU C 191 -29.58 8.85 12.66
CA GLU C 191 -29.28 10.22 12.26
C GLU C 191 -27.86 10.60 12.66
N HIS C 192 -27.04 11.03 11.69
CA HIS C 192 -25.66 11.46 11.94
C HIS C 192 -25.66 12.68 12.86
N GLY C 193 -24.75 12.68 13.82
CA GLY C 193 -24.58 13.78 14.75
C GLY C 193 -24.97 13.45 16.18
N ASP C 194 -25.69 14.38 16.81
CA ASP C 194 -26.14 14.29 18.20
C ASP C 194 -27.18 13.21 18.40
N SER C 195 -28.12 13.08 17.45
CA SER C 195 -29.24 12.12 17.50
C SER C 195 -28.88 10.70 17.03
N SER C 196 -27.57 10.36 16.98
CA SER C 196 -27.09 9.03 16.58
C SER C 196 -27.41 7.97 17.62
N VAL C 197 -27.54 6.71 17.18
CA VAL C 197 -27.89 5.58 18.04
C VAL C 197 -26.76 4.54 18.21
N PRO C 198 -26.21 4.38 19.44
CA PRO C 198 -25.22 3.31 19.65
C PRO C 198 -25.94 1.97 19.83
N VAL C 199 -25.63 1.00 18.95
CA VAL C 199 -26.27 -0.32 19.00
C VAL C 199 -25.40 -1.24 19.89
N TRP C 200 -25.68 -1.22 21.21
CA TRP C 200 -24.96 -1.98 22.25
C TRP C 200 -25.01 -3.51 22.08
N SER C 201 -26.06 -4.03 21.40
CA SER C 201 -26.22 -5.46 21.12
C SER C 201 -25.11 -5.96 20.18
N GLY C 202 -24.75 -5.12 19.21
CA GLY C 202 -23.71 -5.39 18.23
C GLY C 202 -22.28 -5.16 18.69
N MET C 203 -22.10 -4.42 19.81
CA MET C 203 -20.79 -4.10 20.37
C MET C 203 -20.08 -5.38 20.88
N ASN C 204 -18.95 -5.74 20.22
CA ASN C 204 -18.19 -6.97 20.48
C ASN C 204 -16.71 -6.86 20.11
N VAL C 205 -15.94 -7.82 20.63
CA VAL C 205 -14.51 -8.04 20.34
C VAL C 205 -14.41 -9.55 20.17
N ALA C 206 -13.96 -10.00 18.98
CA ALA C 206 -13.81 -11.40 18.60
C ALA C 206 -15.11 -12.23 18.70
N GLY C 207 -16.23 -11.58 18.41
CA GLY C 207 -17.56 -12.20 18.44
C GLY C 207 -18.12 -12.38 19.84
N VAL C 208 -17.45 -11.82 20.85
CA VAL C 208 -17.88 -11.89 22.25
C VAL C 208 -18.72 -10.66 22.53
N SER C 209 -20.06 -10.82 22.58
CA SER C 209 -21.01 -9.74 22.85
C SER C 209 -20.78 -9.15 24.23
N LEU C 210 -20.48 -7.83 24.26
CA LEU C 210 -20.20 -7.05 25.46
C LEU C 210 -21.47 -6.91 26.31
N LYS C 211 -22.65 -6.79 25.65
CA LYS C 211 -23.96 -6.67 26.31
C LYS C 211 -24.35 -7.99 26.98
N THR C 212 -23.83 -9.13 26.47
CA THR C 212 -24.09 -10.45 27.06
C THR C 212 -23.32 -10.59 28.38
N LEU C 213 -22.03 -10.19 28.38
CA LEU C 213 -21.16 -10.25 29.56
C LEU C 213 -21.53 -9.19 30.58
N HIS C 214 -21.91 -7.99 30.10
CA HIS C 214 -22.24 -6.84 30.91
C HIS C 214 -23.65 -6.37 30.50
N PRO C 215 -24.72 -6.92 31.14
CA PRO C 215 -26.09 -6.57 30.72
C PRO C 215 -26.47 -5.09 30.86
N ASP C 216 -25.83 -4.34 31.77
CA ASP C 216 -26.15 -2.93 31.90
C ASP C 216 -25.36 -2.04 30.91
N LEU C 217 -24.71 -2.64 29.88
CA LEU C 217 -23.97 -1.93 28.82
C LEU C 217 -24.87 -0.92 28.10
N GLY C 218 -24.42 0.34 28.13
CA GLY C 218 -25.09 1.47 27.50
C GLY C 218 -26.30 2.01 28.21
N THR C 219 -26.67 1.41 29.35
CA THR C 219 -27.83 1.84 30.15
C THR C 219 -27.39 2.95 31.13
N ASP C 220 -28.34 3.50 31.89
CA ASP C 220 -28.03 4.52 32.89
C ASP C 220 -27.58 3.82 34.18
N LYS C 221 -27.96 2.53 34.32
CA LYS C 221 -27.60 1.65 35.43
C LYS C 221 -26.07 1.44 35.44
N ASP C 222 -25.49 1.16 34.23
CA ASP C 222 -24.08 0.90 33.90
C ASP C 222 -23.08 1.41 34.93
N LYS C 223 -22.46 0.49 35.68
CA LYS C 223 -21.49 0.80 36.72
C LYS C 223 -20.19 1.38 36.14
N GLU C 224 -19.78 0.93 34.94
CA GLU C 224 -18.57 1.37 34.22
C GLU C 224 -18.87 2.55 33.29
N GLN C 225 -20.17 2.88 33.15
CA GLN C 225 -20.75 3.97 32.35
C GLN C 225 -20.26 3.96 30.89
N TRP C 226 -20.54 2.85 30.17
CA TRP C 226 -20.18 2.64 28.77
C TRP C 226 -20.96 3.54 27.83
N LYS C 227 -22.12 4.07 28.26
CA LYS C 227 -22.93 5.00 27.47
C LYS C 227 -22.09 6.27 27.17
N GLU C 228 -21.10 6.59 28.06
CA GLU C 228 -20.16 7.72 27.91
C GLU C 228 -19.30 7.61 26.67
N VAL C 229 -19.02 6.36 26.19
CA VAL C 229 -18.27 6.09 24.96
C VAL C 229 -19.00 6.75 23.78
N HIS C 230 -20.35 6.65 23.75
CA HIS C 230 -21.16 7.31 22.72
C HIS C 230 -21.25 8.81 22.96
N LYS C 231 -21.37 9.25 24.23
CA LYS C 231 -21.44 10.66 24.59
C LYS C 231 -20.17 11.39 24.10
N GLN C 232 -19.00 10.76 24.34
CA GLN C 232 -17.67 11.25 23.92
C GLN C 232 -17.54 11.41 22.41
N VAL C 233 -18.28 10.59 21.61
CA VAL C 233 -18.28 10.69 20.14
C VAL C 233 -18.85 12.07 19.78
N VAL C 234 -19.95 12.46 20.46
CA VAL C 234 -20.63 13.75 20.27
C VAL C 234 -19.78 14.89 20.85
N GLU C 235 -19.31 14.75 22.10
CA GLU C 235 -18.47 15.74 22.78
C GLU C 235 -17.19 16.06 21.99
N SER C 236 -16.48 15.01 21.51
CA SER C 236 -15.23 15.14 20.74
C SER C 236 -15.40 15.98 19.49
N ALA C 237 -16.51 15.74 18.75
CA ALA C 237 -16.84 16.45 17.53
C ALA C 237 -16.81 17.96 17.75
N TYR C 238 -17.51 18.43 18.81
CA TYR C 238 -17.57 19.84 19.19
C TYR C 238 -16.27 20.33 19.79
N GLU C 239 -15.51 19.44 20.45
CA GLU C 239 -14.22 19.76 21.07
C GLU C 239 -13.16 20.08 20.01
N VAL C 240 -13.05 19.25 18.96
CA VAL C 240 -12.12 19.46 17.84
C VAL C 240 -12.43 20.82 17.16
N ILE C 241 -13.74 21.16 17.05
CA ILE C 241 -14.23 22.42 16.50
C ILE C 241 -13.79 23.59 17.40
N LYS C 242 -13.88 23.41 18.74
CA LYS C 242 -13.46 24.42 19.72
C LYS C 242 -11.93 24.63 19.66
N LEU C 243 -11.18 23.52 19.54
CA LEU C 243 -9.71 23.47 19.53
C LEU C 243 -9.05 23.94 18.21
N LYS C 244 -9.37 23.32 17.05
CA LYS C 244 -8.72 23.69 15.78
C LYS C 244 -9.66 24.43 14.78
N GLY C 245 -10.93 24.58 15.10
CA GLY C 245 -11.86 25.33 14.27
C GLY C 245 -12.60 24.55 13.20
N TYR C 246 -12.11 23.34 12.89
CA TYR C 246 -12.67 22.47 11.86
C TYR C 246 -12.32 21.00 12.11
N THR C 247 -12.82 20.09 11.26
CA THR C 247 -12.49 18.67 11.27
C THR C 247 -12.16 18.28 9.83
N SER C 248 -11.03 17.59 9.62
CA SER C 248 -10.60 17.23 8.27
C SER C 248 -10.08 15.80 8.14
N TRP C 249 -9.03 15.45 8.90
CA TRP C 249 -8.33 14.16 8.82
C TRP C 249 -9.20 12.95 9.05
N ALA C 250 -10.01 12.94 10.14
CA ALA C 250 -10.89 11.81 10.46
C ALA C 250 -11.97 11.58 9.39
N ILE C 251 -12.61 12.65 8.91
CA ILE C 251 -13.64 12.57 7.87
C ILE C 251 -13.01 12.21 6.49
N GLY C 252 -11.86 12.82 6.18
CA GLY C 252 -11.12 12.58 4.94
C GLY C 252 -10.80 11.12 4.72
N LEU C 253 -10.30 10.45 5.79
CA LEU C 253 -9.94 9.03 5.81
C LEU C 253 -11.18 8.12 5.67
N SER C 254 -12.27 8.47 6.40
CA SER C 254 -13.54 7.73 6.40
C SER C 254 -14.19 7.72 5.00
N VAL C 255 -14.22 8.88 4.33
CA VAL C 255 -14.78 9.06 2.98
C VAL C 255 -13.96 8.22 1.99
N ALA C 256 -12.63 8.22 2.14
CA ALA C 256 -11.71 7.45 1.29
C ALA C 256 -11.94 5.95 1.44
N ASP C 257 -12.28 5.49 2.67
CA ASP C 257 -12.56 4.08 2.96
C ASP C 257 -13.82 3.62 2.22
N LEU C 258 -14.86 4.50 2.17
CA LEU C 258 -16.11 4.23 1.45
C LEU C 258 -15.81 4.15 -0.06
N ALA C 259 -15.05 5.14 -0.57
CA ALA C 259 -14.61 5.23 -1.97
C ALA C 259 -13.88 3.96 -2.40
N GLU C 260 -13.04 3.37 -1.50
CA GLU C 260 -12.30 2.13 -1.76
C GLU C 260 -13.27 0.99 -2.08
N SER C 261 -14.28 0.78 -1.24
CA SER C 261 -15.29 -0.27 -1.42
C SER C 261 -16.06 -0.07 -2.71
N ILE C 262 -16.42 1.19 -3.04
CA ILE C 262 -17.14 1.53 -4.26
C ILE C 262 -16.26 1.26 -5.49
N MET C 263 -15.13 1.99 -5.60
CA MET C 263 -14.21 1.88 -6.73
C MET C 263 -13.72 0.46 -7.01
N LYS C 264 -13.39 -0.29 -5.94
CA LYS C 264 -12.87 -1.65 -6.07
C LYS C 264 -13.97 -2.73 -6.06
N ASN C 265 -15.25 -2.34 -5.82
CA ASN C 265 -16.43 -3.23 -5.75
C ASN C 265 -16.22 -4.33 -4.69
N LEU C 266 -15.71 -3.91 -3.52
CA LEU C 266 -15.35 -4.79 -2.42
C LEU C 266 -16.52 -5.50 -1.75
N ARG C 267 -17.73 -4.92 -1.77
CA ARG C 267 -18.94 -5.47 -1.13
C ARG C 267 -18.78 -5.61 0.39
N ARG C 268 -18.12 -4.59 1.01
CA ARG C 268 -17.92 -4.49 2.45
C ARG C 268 -19.11 -3.76 3.09
N VAL C 269 -19.41 -4.06 4.35
CA VAL C 269 -20.51 -3.45 5.08
C VAL C 269 -20.02 -2.16 5.78
N HIS C 270 -20.72 -1.03 5.54
CA HIS C 270 -20.38 0.27 6.09
C HIS C 270 -21.58 0.99 6.71
N PRO C 271 -21.38 1.82 7.78
CA PRO C 271 -22.54 2.54 8.33
C PRO C 271 -22.77 3.82 7.53
N VAL C 272 -23.64 3.75 6.51
CA VAL C 272 -23.92 4.90 5.64
C VAL C 272 -25.41 5.18 5.52
N SER C 273 -25.75 6.47 5.28
CA SER C 273 -27.11 6.97 5.15
C SER C 273 -27.75 6.55 3.82
N THR C 274 -28.89 5.85 3.91
CA THR C 274 -29.67 5.36 2.76
C THR C 274 -31.18 5.48 3.05
N MET C 275 -32.04 5.38 2.02
CA MET C 275 -33.46 5.48 2.30
C MET C 275 -33.94 4.24 3.04
N ILE C 276 -34.33 4.44 4.30
CA ILE C 276 -34.76 3.39 5.22
C ILE C 276 -36.31 3.23 5.25
N LYS C 277 -36.99 3.56 4.12
CA LYS C 277 -38.45 3.44 3.94
C LYS C 277 -38.91 1.98 4.05
N GLY C 278 -40.00 1.76 4.78
CA GLY C 278 -40.56 0.43 5.00
C GLY C 278 -39.76 -0.40 5.99
N LEU C 279 -38.81 0.24 6.68
CA LEU C 279 -37.96 -0.39 7.69
C LEU C 279 -38.09 0.34 9.01
N TYR C 280 -38.16 -0.43 10.12
CA TYR C 280 -38.30 0.04 11.50
C TYR C 280 -39.56 0.93 11.69
N GLY C 281 -40.58 0.69 10.87
CA GLY C 281 -41.85 1.40 10.90
C GLY C 281 -41.86 2.77 10.25
N ILE C 282 -40.77 3.12 9.55
CA ILE C 282 -40.66 4.41 8.87
C ILE C 282 -41.39 4.36 7.51
N LYS C 283 -42.32 5.30 7.29
CA LYS C 283 -43.11 5.33 6.06
C LYS C 283 -42.82 6.56 5.17
N ASP C 284 -42.00 7.50 5.64
CA ASP C 284 -41.64 8.69 4.87
C ASP C 284 -40.30 8.57 4.15
N ASP C 285 -40.13 9.32 3.03
CA ASP C 285 -38.92 9.36 2.20
C ASP C 285 -37.77 10.03 2.97
N VAL C 286 -37.14 9.26 3.88
CA VAL C 286 -36.04 9.75 4.71
C VAL C 286 -34.82 8.82 4.63
N PHE C 287 -33.63 9.42 4.70
CA PHE C 287 -32.35 8.74 4.62
C PHE C 287 -31.69 8.67 6.01
N LEU C 288 -31.43 7.44 6.50
CA LEU C 288 -30.76 7.18 7.80
C LEU C 288 -29.67 6.13 7.64
N SER C 289 -28.68 6.17 8.54
CA SER C 289 -27.55 5.25 8.49
C SER C 289 -27.88 3.86 9.01
N VAL C 290 -27.59 2.85 8.19
CA VAL C 290 -27.73 1.42 8.47
C VAL C 290 -26.51 0.71 7.84
N PRO C 291 -26.13 -0.52 8.26
CA PRO C 291 -24.97 -1.17 7.63
C PRO C 291 -25.29 -1.56 6.19
N CYS C 292 -24.51 -1.02 5.22
CA CYS C 292 -24.74 -1.23 3.80
C CYS C 292 -23.57 -1.89 3.08
N ILE C 293 -23.89 -2.78 2.14
CA ILE C 293 -22.92 -3.49 1.30
C ILE C 293 -22.55 -2.53 0.15
N LEU C 294 -21.28 -2.06 0.15
CA LEU C 294 -20.80 -1.09 -0.85
C LEU C 294 -19.98 -1.72 -1.95
N GLY C 295 -20.51 -1.61 -3.17
CA GLY C 295 -19.87 -2.14 -4.37
C GLY C 295 -19.84 -1.12 -5.49
N GLN C 296 -19.68 -1.61 -6.75
CA GLN C 296 -19.60 -0.78 -7.96
C GLN C 296 -20.95 -0.12 -8.32
N ASN C 297 -22.05 -0.57 -7.71
CA ASN C 297 -23.37 -0.01 -7.94
C ASN C 297 -23.84 0.80 -6.71
N GLY C 298 -22.93 1.04 -5.77
CA GLY C 298 -23.21 1.75 -4.54
C GLY C 298 -23.77 0.81 -3.49
N ILE C 299 -24.96 1.15 -2.95
CA ILE C 299 -25.65 0.35 -1.92
C ILE C 299 -26.51 -0.71 -2.61
N SER C 300 -25.94 -1.90 -2.84
CA SER C 300 -26.64 -2.99 -3.49
C SER C 300 -27.54 -3.73 -2.51
N ASP C 301 -27.12 -3.79 -1.24
CA ASP C 301 -27.83 -4.50 -0.18
C ASP C 301 -27.66 -3.79 1.17
N LEU C 302 -28.61 -3.99 2.11
CA LEU C 302 -28.53 -3.42 3.45
C LEU C 302 -28.81 -4.47 4.55
N VAL C 303 -28.07 -4.39 5.66
CA VAL C 303 -28.17 -5.31 6.80
C VAL C 303 -29.34 -4.92 7.72
N LYS C 304 -30.26 -5.88 7.93
CA LYS C 304 -31.45 -5.73 8.76
C LYS C 304 -31.12 -5.96 10.25
N VAL C 305 -30.58 -4.91 10.90
CA VAL C 305 -30.17 -4.92 12.30
C VAL C 305 -31.38 -5.05 13.24
N THR C 306 -31.31 -5.99 14.19
CA THR C 306 -32.36 -6.18 15.18
C THR C 306 -32.21 -5.07 16.22
N LEU C 307 -33.17 -4.15 16.24
CA LEU C 307 -33.14 -3.01 17.17
C LEU C 307 -34.14 -3.19 18.30
N THR C 308 -33.78 -2.66 19.49
CA THR C 308 -34.65 -2.69 20.66
C THR C 308 -35.75 -1.65 20.45
N SER C 309 -36.85 -1.77 21.22
CA SER C 309 -37.99 -0.86 21.14
C SER C 309 -37.53 0.59 21.27
N GLU C 310 -36.58 0.85 22.20
CA GLU C 310 -36.00 2.17 22.43
C GLU C 310 -35.16 2.64 21.23
N GLU C 311 -34.32 1.74 20.67
CA GLU C 311 -33.47 2.02 19.50
C GLU C 311 -34.33 2.35 18.27
N GLU C 312 -35.42 1.56 18.06
CA GLU C 312 -36.38 1.72 16.96
C GLU C 312 -37.07 3.08 17.08
N ALA C 313 -37.53 3.44 18.31
CA ALA C 313 -38.21 4.68 18.65
C ALA C 313 -37.37 5.91 18.28
N ARG C 314 -36.04 5.85 18.55
CA ARG C 314 -35.07 6.91 18.26
C ARG C 314 -34.96 7.14 16.75
N LEU C 315 -34.92 6.03 15.98
CA LEU C 315 -34.84 6.07 14.51
C LEU C 315 -36.11 6.64 13.90
N LYS C 316 -37.28 6.30 14.50
CA LYS C 316 -38.59 6.80 14.06
C LYS C 316 -38.69 8.30 14.36
N LYS C 317 -38.23 8.72 15.56
CA LYS C 317 -38.23 10.12 15.99
C LYS C 317 -37.33 10.94 15.06
N SER C 318 -36.14 10.41 14.70
CA SER C 318 -35.20 11.05 13.79
C SER C 318 -35.88 11.23 12.44
N ALA C 319 -36.50 10.15 11.92
CA ALA C 319 -37.24 10.10 10.66
C ALA C 319 -38.36 11.14 10.61
N ASP C 320 -39.13 11.25 11.71
CA ASP C 320 -40.23 12.20 11.86
C ASP C 320 -39.69 13.63 11.81
N THR C 321 -38.62 13.90 12.59
CA THR C 321 -37.94 15.21 12.66
C THR C 321 -37.45 15.61 11.27
N LEU C 322 -36.68 14.71 10.61
CA LEU C 322 -36.09 14.92 9.28
C LEU C 322 -37.13 15.17 8.21
N TRP C 323 -38.26 14.41 8.24
CA TRP C 323 -39.32 14.60 7.26
C TRP C 323 -40.00 15.97 7.38
N GLY C 324 -40.19 16.43 8.63
CA GLY C 324 -40.78 17.72 8.95
C GLY C 324 -40.10 18.89 8.24
N ILE C 325 -38.76 18.82 8.16
CA ILE C 325 -37.92 19.81 7.48
C ILE C 325 -38.03 19.61 5.95
N GLN C 326 -37.87 18.35 5.50
CA GLN C 326 -37.87 17.90 4.12
C GLN C 326 -39.15 18.21 3.34
N LYS C 327 -40.32 18.14 4.02
CA LYS C 327 -41.60 18.42 3.37
C LYS C 327 -41.81 19.92 3.10
N GLU C 328 -41.11 20.78 3.86
CA GLU C 328 -41.17 22.24 3.72
C GLU C 328 -40.10 22.77 2.75
N LEU C 329 -39.30 21.88 2.14
CA LEU C 329 -38.24 22.25 1.21
C LEU C 329 -38.72 22.40 -0.23
N GLN C 330 -38.17 23.40 -0.94
CA GLN C 330 -38.45 23.74 -2.33
C GLN C 330 -37.36 23.13 -3.24
N PHE C 331 -37.76 22.53 -4.39
CA PHE C 331 -36.84 21.92 -5.36
C PHE C 331 -37.08 22.43 -6.79
N ALA D 1 -15.23 -7.80 38.98
CA ALA D 1 -14.26 -7.48 37.92
C ALA D 1 -14.90 -6.58 36.87
N THR D 2 -14.07 -5.72 36.22
CA THR D 2 -14.57 -4.84 35.16
C THR D 2 -14.79 -5.65 33.88
N LEU D 3 -15.58 -5.10 32.93
CA LEU D 3 -15.87 -5.71 31.63
C LEU D 3 -14.58 -6.01 30.87
N LYS D 4 -13.56 -5.12 31.00
CA LYS D 4 -12.24 -5.29 30.37
C LYS D 4 -11.58 -6.56 30.91
N ASP D 5 -11.62 -6.76 32.25
CA ASP D 5 -11.05 -7.92 32.93
C ASP D 5 -11.83 -9.19 32.58
N GLN D 6 -13.16 -9.07 32.41
CA GLN D 6 -14.06 -10.18 32.06
C GLN D 6 -13.83 -10.65 30.62
N LEU D 7 -13.66 -9.69 29.70
CA LEU D 7 -13.46 -9.94 28.27
C LEU D 7 -12.02 -10.32 27.93
N ILE D 8 -11.04 -9.63 28.53
CA ILE D 8 -9.62 -9.84 28.22
C ILE D 8 -8.78 -10.31 29.40
N TYR D 9 -8.00 -11.39 29.20
CA TYR D 9 -7.04 -11.90 30.18
C TYR D 9 -5.68 -11.33 29.80
N ASN D 10 -4.98 -10.73 30.77
CA ASN D 10 -3.67 -10.13 30.56
C ASN D 10 -2.52 -11.09 30.86
N LEU D 11 -1.55 -11.17 29.93
CA LEU D 11 -0.35 -11.98 30.07
C LEU D 11 0.75 -11.11 30.69
N LEU D 12 0.95 -9.89 30.14
CA LEU D 12 1.92 -8.92 30.66
C LEU D 12 1.56 -7.47 30.41
N LYS D 13 1.87 -6.61 31.40
CA LYS D 13 1.67 -5.17 31.35
C LYS D 13 3.05 -4.55 31.66
N GLU D 14 3.94 -4.55 30.64
CA GLU D 14 5.30 -4.05 30.80
C GLU D 14 5.89 -3.41 29.51
N GLU D 15 7.10 -2.82 29.67
CA GLU D 15 7.96 -2.18 28.68
C GLU D 15 7.24 -1.12 27.86
N GLN D 16 6.83 -1.46 26.61
CA GLN D 16 6.19 -0.60 25.63
C GLN D 16 7.10 0.63 25.27
N THR D 17 8.14 0.33 24.48
CA THR D 17 9.14 1.27 23.95
C THR D 17 8.92 1.42 22.42
N PRO D 18 8.96 2.65 21.82
CA PRO D 18 8.63 2.77 20.39
C PRO D 18 9.78 2.44 19.43
N GLN D 19 9.54 1.39 18.63
CA GLN D 19 10.47 0.85 17.64
C GLN D 19 10.63 1.70 16.38
N ASN D 20 9.55 2.33 15.89
CA ASN D 20 9.59 3.18 14.71
C ASN D 20 8.78 4.45 14.93
N LYS D 21 9.32 5.36 15.76
CA LYS D 21 8.64 6.59 16.10
C LYS D 21 9.09 7.78 15.26
N ILE D 22 8.13 8.65 14.92
CA ILE D 22 8.32 9.89 14.16
C ILE D 22 7.71 11.05 14.96
N THR D 23 8.39 12.20 14.99
CA THR D 23 7.92 13.40 15.69
C THR D 23 7.80 14.54 14.69
N VAL D 24 6.68 15.28 14.74
CA VAL D 24 6.44 16.45 13.90
C VAL D 24 6.37 17.67 14.81
N VAL D 25 7.33 18.59 14.68
CA VAL D 25 7.42 19.82 15.46
C VAL D 25 6.87 20.96 14.63
N GLY D 26 5.78 21.57 15.11
CA GLY D 26 5.04 22.64 14.45
C GLY D 26 3.91 22.09 13.59
N VAL D 27 2.72 21.90 14.21
CA VAL D 27 1.52 21.35 13.55
C VAL D 27 0.83 22.37 12.62
N GLY D 28 1.64 23.12 11.86
CA GLY D 28 1.17 24.10 10.90
C GLY D 28 0.62 23.45 9.64
N ALA D 29 0.45 24.26 8.59
CA ALA D 29 -0.04 23.80 7.29
C ALA D 29 0.86 22.71 6.71
N VAL D 30 2.19 22.92 6.77
CA VAL D 30 3.23 22.00 6.30
C VAL D 30 3.30 20.77 7.21
N GLY D 31 3.45 21.00 8.52
CA GLY D 31 3.54 19.95 9.53
C GLY D 31 2.44 18.91 9.47
N MET D 32 1.19 19.37 9.38
CA MET D 32 0.03 18.49 9.35
C MET D 32 -0.08 17.66 8.07
N ALA D 33 0.40 18.19 6.93
CA ALA D 33 0.40 17.45 5.68
C ALA D 33 1.48 16.37 5.73
N CYS D 34 2.62 16.68 6.38
CA CYS D 34 3.71 15.71 6.57
C CYS D 34 3.17 14.55 7.38
N ALA D 35 2.44 14.89 8.48
CA ALA D 35 1.79 13.95 9.41
C ALA D 35 0.87 12.96 8.70
N ILE D 36 -0.11 13.46 7.92
CA ILE D 36 -1.07 12.62 7.18
C ILE D 36 -0.36 11.75 6.12
N SER D 37 0.61 12.33 5.37
CA SER D 37 1.37 11.60 4.36
C SER D 37 2.18 10.44 4.98
N ILE D 38 2.75 10.65 6.18
CA ILE D 38 3.51 9.65 6.94
C ILE D 38 2.57 8.55 7.43
N LEU D 39 1.41 8.94 8.00
CA LEU D 39 0.41 8.02 8.55
C LEU D 39 -0.15 7.07 7.50
N MET D 40 -0.43 7.59 6.30
CA MET D 40 -1.01 6.83 5.19
C MET D 40 0.03 5.95 4.50
N LYS D 41 1.32 6.29 4.62
CA LYS D 41 2.42 5.51 4.05
C LYS D 41 2.91 4.41 5.00
N ASP D 42 2.27 4.31 6.19
CA ASP D 42 2.53 3.35 7.28
C ASP D 42 4.01 3.28 7.64
N LEU D 43 4.62 4.44 7.92
CA LEU D 43 6.06 4.56 8.22
C LEU D 43 6.40 4.50 9.71
N ALA D 44 5.46 4.91 10.59
CA ALA D 44 5.67 4.91 12.03
C ALA D 44 4.68 4.04 12.80
N ASP D 45 5.10 3.56 13.98
CA ASP D 45 4.24 2.79 14.90
C ASP D 45 3.79 3.73 16.04
N GLU D 46 4.38 4.94 16.08
CA GLU D 46 4.06 6.00 17.01
C GLU D 46 4.36 7.35 16.37
N LEU D 47 3.38 8.27 16.41
CA LEU D 47 3.51 9.64 15.91
C LEU D 47 3.33 10.64 17.06
N ALA D 48 4.30 11.53 17.22
CA ALA D 48 4.25 12.56 18.26
C ALA D 48 4.18 13.95 17.65
N LEU D 49 3.29 14.80 18.17
CA LEU D 49 3.12 16.15 17.66
C LEU D 49 3.45 17.20 18.72
N VAL D 50 4.26 18.20 18.35
CA VAL D 50 4.68 19.27 19.26
C VAL D 50 4.39 20.64 18.65
N ASP D 51 3.84 21.55 19.48
CA ASP D 51 3.52 22.93 19.10
C ASP D 51 3.42 23.82 20.33
N VAL D 52 3.52 25.14 20.12
CA VAL D 52 3.39 26.15 21.17
C VAL D 52 1.90 26.42 21.47
N ILE D 53 1.05 26.39 20.43
CA ILE D 53 -0.40 26.60 20.49
C ILE D 53 -1.05 25.27 20.91
N GLU D 54 -1.32 25.14 22.22
CA GLU D 54 -1.87 23.93 22.86
C GLU D 54 -3.23 23.49 22.34
N ASP D 55 -4.13 24.45 22.06
CA ASP D 55 -5.47 24.19 21.54
C ASP D 55 -5.45 23.52 20.17
N LYS D 56 -4.73 24.14 19.21
CA LYS D 56 -4.57 23.61 17.85
C LYS D 56 -3.91 22.23 17.89
N LEU D 57 -2.87 22.08 18.75
CA LEU D 57 -2.10 20.85 18.96
C LEU D 57 -2.97 19.68 19.41
N LYS D 58 -3.91 19.93 20.35
CA LYS D 58 -4.84 18.91 20.86
C LYS D 58 -5.85 18.54 19.78
N GLY D 59 -6.37 19.56 19.09
CA GLY D 59 -7.36 19.42 18.03
C GLY D 59 -6.86 18.59 16.86
N GLU D 60 -5.63 18.88 16.41
CA GLU D 60 -4.98 18.16 15.30
C GLU D 60 -4.73 16.69 15.66
N MET D 61 -4.28 16.46 16.91
CA MET D 61 -4.01 15.12 17.45
C MET D 61 -5.29 14.29 17.50
N MET D 62 -6.38 14.84 18.12
CA MET D 62 -7.68 14.19 18.24
C MET D 62 -8.29 13.82 16.89
N ASP D 63 -8.17 14.72 15.89
CA ASP D 63 -8.66 14.51 14.54
C ASP D 63 -7.96 13.31 13.91
N LEU D 64 -6.62 13.23 14.05
CA LEU D 64 -5.82 12.11 13.53
C LEU D 64 -6.21 10.83 14.26
N GLN D 65 -6.38 10.91 15.60
CA GLN D 65 -6.76 9.81 16.48
C GLN D 65 -8.10 9.20 16.08
N HIS D 66 -9.06 10.01 15.62
CA HIS D 66 -10.37 9.51 15.20
C HIS D 66 -10.30 8.70 13.91
N GLY D 67 -9.28 8.98 13.09
CA GLY D 67 -9.03 8.27 11.83
C GLY D 67 -8.26 6.98 12.00
N SER D 68 -7.90 6.61 13.27
CA SER D 68 -7.13 5.40 13.66
C SER D 68 -7.61 4.10 13.03
N LEU D 69 -8.93 3.95 12.83
CA LEU D 69 -9.56 2.77 12.24
C LEU D 69 -9.04 2.53 10.82
N PHE D 70 -8.81 3.63 10.06
CA PHE D 70 -8.33 3.62 8.68
C PHE D 70 -6.81 3.74 8.59
N LEU D 71 -6.12 3.73 9.74
CA LEU D 71 -4.66 3.83 9.81
C LEU D 71 -4.01 2.59 10.43
N ARG D 72 -2.69 2.44 10.20
CA ARG D 72 -1.88 1.34 10.74
C ARG D 72 -0.78 1.88 11.67
N THR D 73 -1.08 3.01 12.33
CA THR D 73 -0.23 3.68 13.32
C THR D 73 -1.00 3.63 14.65
N PRO D 74 -0.64 2.70 15.57
CA PRO D 74 -1.44 2.53 16.80
C PRO D 74 -1.37 3.64 17.85
N LYS D 75 -0.34 4.50 17.83
CA LYS D 75 -0.21 5.54 18.86
C LYS D 75 0.07 6.95 18.30
N ILE D 76 -0.90 7.86 18.46
CA ILE D 76 -0.76 9.26 18.03
C ILE D 76 -0.85 10.11 19.29
N VAL D 77 0.29 10.68 19.70
CA VAL D 77 0.40 11.50 20.91
C VAL D 77 0.82 12.94 20.60
N SER D 78 0.50 13.89 21.48
CA SER D 78 0.87 15.29 21.32
C SER D 78 1.17 15.95 22.67
N GLY D 79 1.84 17.10 22.63
CA GLY D 79 2.18 17.86 23.82
C GLY D 79 3.15 19.00 23.57
N LYS D 80 3.04 20.06 24.41
CA LYS D 80 3.92 21.22 24.39
C LYS D 80 5.26 20.81 25.01
N ASP D 81 5.23 19.81 25.93
CA ASP D 81 6.40 19.22 26.58
C ASP D 81 7.01 18.19 25.62
N TYR D 82 8.34 18.23 25.45
CA TYR D 82 9.05 17.34 24.53
C TYR D 82 9.22 15.91 25.06
N ASN D 83 8.62 15.60 26.24
CA ASN D 83 8.63 14.26 26.83
C ASN D 83 7.88 13.28 25.94
N VAL D 84 6.92 13.82 25.15
CA VAL D 84 6.11 13.08 24.18
C VAL D 84 6.95 12.60 22.98
N THR D 85 8.11 13.26 22.71
CA THR D 85 9.00 12.95 21.58
C THR D 85 9.97 11.79 21.86
N ALA D 86 10.18 11.46 23.14
CA ALA D 86 11.12 10.44 23.61
C ALA D 86 11.19 9.18 22.76
N ASN D 87 12.42 8.80 22.36
CA ASN D 87 12.76 7.62 21.54
C ASN D 87 12.22 7.72 20.10
N SER D 88 12.43 8.89 19.46
CA SER D 88 12.02 9.07 18.08
C SER D 88 13.18 8.68 17.19
N LYS D 89 12.86 8.05 16.04
CA LYS D 89 13.87 7.65 15.05
C LYS D 89 14.13 8.87 14.16
N LEU D 90 13.04 9.58 13.80
CA LEU D 90 13.06 10.76 12.95
C LEU D 90 12.23 11.90 13.55
N VAL D 91 12.86 13.09 13.67
CA VAL D 91 12.21 14.30 14.17
C VAL D 91 12.20 15.34 13.05
N ILE D 92 11.00 15.78 12.65
CA ILE D 92 10.79 16.73 11.57
C ILE D 92 10.41 18.10 12.13
N ILE D 93 11.18 19.14 11.75
CA ILE D 93 10.95 20.52 12.19
C ILE D 93 10.28 21.31 11.08
N THR D 94 8.98 21.58 11.28
CA THR D 94 8.09 22.34 10.40
C THR D 94 7.50 23.50 11.24
N ALA D 95 8.21 23.86 12.33
CA ALA D 95 7.86 24.89 13.31
C ALA D 95 8.29 26.31 12.94
N GLY D 96 7.54 27.29 13.48
CA GLY D 96 7.72 28.71 13.21
C GLY D 96 6.89 29.10 12.01
N ALA D 97 6.08 30.17 12.15
CA ALA D 97 5.19 30.64 11.07
C ALA D 97 5.90 30.99 9.75
N ARG D 98 5.16 30.91 8.62
CA ARG D 98 5.67 31.24 7.28
C ARG D 98 5.79 32.77 7.05
N GLN D 99 6.73 33.21 6.17
CA GLN D 99 7.02 34.64 5.91
C GLN D 99 5.82 35.46 5.41
N LEU D 108 12.77 36.41 8.99
CA LEU D 108 12.47 34.97 9.04
C LEU D 108 13.68 34.15 9.52
N VAL D 109 14.90 34.66 9.26
CA VAL D 109 16.17 34.02 9.64
C VAL D 109 16.37 34.07 11.15
N GLN D 110 16.61 35.28 11.72
CA GLN D 110 16.85 35.48 13.15
C GLN D 110 15.68 35.06 14.05
N ARG D 111 14.45 35.14 13.54
CA ARG D 111 13.23 34.76 14.26
C ARG D 111 13.20 33.25 14.54
N ASN D 112 13.34 32.42 13.48
CA ASN D 112 13.32 30.97 13.57
C ASN D 112 14.50 30.39 14.34
N VAL D 113 15.64 31.11 14.35
CA VAL D 113 16.85 30.72 15.10
C VAL D 113 16.53 30.69 16.61
N ASN D 114 15.88 31.75 17.12
CA ASN D 114 15.48 31.87 18.52
C ASN D 114 14.51 30.76 18.90
N ILE D 115 13.65 30.34 17.94
CA ILE D 115 12.69 29.24 18.08
C ILE D 115 13.48 27.91 18.18
N PHE D 116 14.47 27.72 17.29
CA PHE D 116 15.36 26.54 17.23
C PHE D 116 16.24 26.39 18.46
N LYS D 117 16.66 27.54 19.05
CA LYS D 117 17.52 27.62 20.26
C LYS D 117 16.92 26.83 21.43
N PHE D 118 15.62 26.50 21.35
CA PHE D 118 14.86 25.77 22.37
C PHE D 118 14.34 24.43 21.85
N ILE D 119 13.87 24.40 20.58
CA ILE D 119 13.36 23.20 19.90
C ILE D 119 14.44 22.10 19.87
N ILE D 120 15.60 22.39 19.25
CA ILE D 120 16.72 21.47 19.05
C ILE D 120 17.25 20.90 20.40
N PRO D 121 17.61 21.70 21.45
CA PRO D 121 18.10 21.08 22.70
C PRO D 121 17.10 20.14 23.37
N ASN D 122 15.79 20.47 23.26
CA ASN D 122 14.70 19.67 23.81
C ASN D 122 14.53 18.35 23.05
N VAL D 123 14.72 18.38 21.71
CA VAL D 123 14.63 17.21 20.83
C VAL D 123 15.77 16.22 21.15
N VAL D 124 17.02 16.73 21.21
CA VAL D 124 18.24 15.97 21.53
C VAL D 124 18.14 15.34 22.94
N LYS D 125 17.52 16.07 23.89
CA LYS D 125 17.31 15.64 25.27
C LYS D 125 16.51 14.33 25.38
N TYR D 126 15.45 14.19 24.56
CA TYR D 126 14.56 13.02 24.60
C TYR D 126 14.85 11.96 23.53
N SER D 127 15.40 12.37 22.37
CA SER D 127 15.74 11.47 21.27
C SER D 127 17.20 11.78 20.84
N PRO D 128 18.22 11.34 21.61
CA PRO D 128 19.61 11.69 21.27
C PRO D 128 20.21 10.96 20.07
N ASN D 129 19.60 9.85 19.64
CA ASN D 129 20.10 9.05 18.51
C ASN D 129 19.15 9.13 17.29
N CYS D 130 18.36 10.22 17.21
CA CYS D 130 17.41 10.48 16.15
C CYS D 130 18.04 11.11 14.90
N LYS D 131 17.26 11.20 13.82
CA LYS D 131 17.65 11.86 12.59
C LYS D 131 16.78 13.11 12.52
N LEU D 132 17.41 14.26 12.28
CA LEU D 132 16.69 15.52 12.19
C LEU D 132 16.38 15.85 10.75
N LEU D 133 15.12 16.15 10.45
CA LEU D 133 14.71 16.56 9.12
C LEU D 133 14.16 17.97 9.21
N ILE D 134 14.95 18.94 8.75
CA ILE D 134 14.59 20.36 8.82
C ILE D 134 13.78 20.75 7.59
N VAL D 135 12.62 21.41 7.81
CA VAL D 135 11.74 21.87 6.73
C VAL D 135 11.63 23.40 6.80
N SER D 136 11.57 23.94 8.04
CA SER D 136 11.48 25.38 8.38
C SER D 136 12.43 26.23 7.54
N ASN D 137 11.92 27.32 6.92
CA ASN D 137 12.73 28.20 6.06
C ASN D 137 13.44 29.34 6.77
N PRO D 138 14.65 29.78 6.31
CA PRO D 138 15.46 29.25 5.18
C PRO D 138 16.03 27.89 5.59
N VAL D 139 15.57 26.83 4.91
CA VAL D 139 15.92 25.44 5.21
C VAL D 139 17.45 25.23 5.25
N ASP D 140 18.20 25.72 4.24
CA ASP D 140 19.66 25.57 4.17
C ASP D 140 20.40 26.21 5.37
N ILE D 141 19.94 27.39 5.81
CA ILE D 141 20.52 28.10 6.96
C ILE D 141 20.12 27.42 8.27
N LEU D 142 18.83 27.08 8.42
CA LEU D 142 18.30 26.44 9.63
C LEU D 142 18.81 25.01 9.85
N THR D 143 19.21 24.29 8.76
CA THR D 143 19.80 22.94 8.88
C THR D 143 21.16 23.08 9.58
N TYR D 144 21.93 24.13 9.24
CA TYR D 144 23.22 24.45 9.86
C TYR D 144 23.01 24.77 11.34
N VAL D 145 22.03 25.66 11.63
CA VAL D 145 21.61 26.09 12.96
C VAL D 145 21.32 24.85 13.84
N ALA D 146 20.51 23.91 13.31
CA ALA D 146 20.14 22.66 13.98
C ALA D 146 21.38 21.82 14.26
N TRP D 147 22.22 21.63 13.23
CA TRP D 147 23.46 20.85 13.30
C TRP D 147 24.41 21.39 14.36
N LYS D 148 24.53 22.73 14.42
CA LYS D 148 25.39 23.44 15.38
C LYS D 148 24.89 23.27 16.82
N ILE D 149 23.59 23.50 17.05
CA ILE D 149 22.94 23.39 18.37
C ILE D 149 22.92 21.93 18.86
N SER D 150 22.50 20.99 17.99
CA SER D 150 22.41 19.55 18.32
C SER D 150 23.76 18.92 18.66
N GLY D 151 24.80 19.27 17.89
CA GLY D 151 26.13 18.68 18.02
C GLY D 151 26.15 17.29 17.43
N PHE D 152 25.11 16.96 16.65
CA PHE D 152 24.91 15.69 15.96
C PHE D 152 25.89 15.58 14.79
N PRO D 153 26.26 14.36 14.33
CA PRO D 153 27.13 14.27 13.16
C PRO D 153 26.37 14.67 11.89
N LYS D 154 27.13 15.11 10.86
CA LYS D 154 26.65 15.58 9.55
C LYS D 154 25.52 14.73 8.94
N ASN D 155 25.60 13.40 9.14
CA ASN D 155 24.66 12.42 8.61
C ASN D 155 23.26 12.44 9.23
N ARG D 156 23.17 12.74 10.53
CA ARG D 156 21.91 12.75 11.26
C ARG D 156 21.17 14.10 11.18
N VAL D 157 21.73 15.08 10.44
CA VAL D 157 21.12 16.40 10.24
C VAL D 157 20.81 16.53 8.74
N ILE D 158 19.55 16.31 8.38
CA ILE D 158 19.06 16.33 6.99
C ILE D 158 18.10 17.51 6.78
N GLY D 159 18.38 18.30 5.75
CA GLY D 159 17.55 19.44 5.38
C GLY D 159 16.78 19.12 4.12
N SER D 160 15.47 19.48 4.08
CA SER D 160 14.59 19.24 2.93
C SER D 160 15.23 19.75 1.63
N GLY D 161 15.82 20.95 1.69
CA GLY D 161 16.51 21.59 0.57
C GLY D 161 15.74 21.61 -0.74
N CYS D 162 16.39 21.13 -1.82
CA CYS D 162 15.81 21.10 -3.16
C CYS D 162 14.99 19.83 -3.49
N ASN D 163 14.45 19.15 -2.46
CA ASN D 163 13.62 17.95 -2.68
C ASN D 163 12.31 18.33 -3.39
N LEU D 164 11.59 19.35 -2.85
CA LEU D 164 10.35 19.89 -3.41
C LEU D 164 10.60 20.58 -4.76
N ASP D 165 11.77 21.26 -4.87
CA ASP D 165 12.19 21.96 -6.09
C ASP D 165 12.32 20.95 -7.24
N SER D 166 12.99 19.81 -6.97
CA SER D 166 13.17 18.75 -7.97
C SER D 166 11.86 18.03 -8.26
N ALA D 167 10.99 17.91 -7.23
CA ALA D 167 9.67 17.28 -7.32
C ALA D 167 8.77 18.10 -8.25
N ARG D 168 8.87 19.45 -8.16
CA ARG D 168 8.12 20.39 -8.98
C ARG D 168 8.66 20.41 -10.39
N PHE D 169 10.00 20.31 -10.53
CA PHE D 169 10.70 20.30 -11.80
C PHE D 169 10.33 19.08 -12.62
N ARG D 170 10.35 17.88 -11.99
CA ARG D 170 10.02 16.60 -12.61
C ARG D 170 8.56 16.56 -13.04
N TYR D 171 7.66 17.29 -12.34
CA TYR D 171 6.25 17.39 -12.70
C TYR D 171 6.09 18.22 -13.98
N LEU D 172 6.76 19.39 -14.02
CA LEU D 172 6.73 20.32 -15.14
C LEU D 172 7.34 19.70 -16.40
N MET D 173 8.51 19.04 -16.24
CA MET D 173 9.22 18.29 -17.28
C MET D 173 8.29 17.19 -17.81
N GLY D 174 7.63 16.50 -16.87
CA GLY D 174 6.66 15.45 -17.12
C GLY D 174 5.48 15.89 -17.96
N GLU D 175 4.95 17.09 -17.67
CA GLU D 175 3.83 17.70 -18.40
C GLU D 175 4.27 18.05 -19.82
N ARG D 176 5.47 18.66 -19.94
CA ARG D 176 6.06 19.07 -21.20
C ARG D 176 6.26 17.90 -22.17
N LEU D 177 6.69 16.73 -21.64
CA LEU D 177 6.98 15.53 -22.43
C LEU D 177 5.85 14.49 -22.48
N GLY D 178 4.84 14.65 -21.63
CA GLY D 178 3.72 13.71 -21.57
C GLY D 178 4.15 12.34 -21.09
N VAL D 179 5.00 12.34 -20.05
CA VAL D 179 5.60 11.16 -19.41
C VAL D 179 5.47 11.40 -17.90
N HIS D 180 5.23 10.33 -17.11
CA HIS D 180 5.07 10.42 -15.64
C HIS D 180 6.33 11.01 -14.97
N PRO D 181 6.17 11.92 -13.97
CA PRO D 181 7.36 12.48 -13.28
C PRO D 181 8.38 11.47 -12.78
N LEU D 182 7.94 10.23 -12.44
CA LEU D 182 8.80 9.13 -12.01
C LEU D 182 9.80 8.76 -13.09
N SER D 183 9.36 8.75 -14.35
CA SER D 183 10.19 8.38 -15.49
C SER D 183 10.98 9.57 -16.06
N CYS D 184 10.61 10.82 -15.68
CA CYS D 184 11.31 12.04 -16.08
C CYS D 184 12.34 12.37 -15.03
N HIS D 185 13.61 12.22 -15.38
CA HIS D 185 14.69 12.45 -14.42
C HIS D 185 15.38 13.80 -14.62
N GLY D 186 15.47 14.55 -13.53
CA GLY D 186 16.07 15.87 -13.49
C GLY D 186 16.49 16.24 -12.09
N TRP D 187 17.54 17.05 -11.96
CA TRP D 187 18.04 17.42 -10.63
C TRP D 187 18.21 18.92 -10.41
N VAL D 188 17.50 19.42 -9.41
CA VAL D 188 17.58 20.81 -8.95
C VAL D 188 18.39 20.75 -7.66
N LEU D 189 19.56 21.42 -7.65
CA LEU D 189 20.48 21.38 -6.51
C LEU D 189 20.87 22.78 -6.03
N GLY D 190 21.64 22.85 -4.95
CA GLY D 190 22.12 24.09 -4.36
C GLY D 190 21.22 24.63 -3.27
N GLU D 191 21.03 25.96 -3.29
CA GLU D 191 20.21 26.68 -2.32
C GLU D 191 18.73 26.54 -2.66
N HIS D 192 17.93 26.04 -1.71
CA HIS D 192 16.49 25.89 -1.89
C HIS D 192 15.82 27.24 -2.11
N GLY D 193 14.90 27.29 -3.07
CA GLY D 193 14.15 28.49 -3.37
C GLY D 193 14.47 29.10 -4.72
N ASP D 194 14.63 30.44 -4.73
CA ASP D 194 14.90 31.23 -5.92
C ASP D 194 16.27 30.97 -6.49
N SER D 195 17.28 30.84 -5.60
CA SER D 195 18.68 30.64 -5.97
C SER D 195 19.06 29.16 -6.30
N SER D 196 18.07 28.30 -6.57
CA SER D 196 18.28 26.89 -6.91
C SER D 196 18.88 26.74 -8.31
N VAL D 197 19.61 25.61 -8.52
CA VAL D 197 20.34 25.33 -9.76
C VAL D 197 19.77 24.12 -10.54
N PRO D 198 19.21 24.35 -11.76
CA PRO D 198 18.78 23.20 -12.58
C PRO D 198 19.98 22.58 -13.29
N VAL D 199 20.24 21.29 -13.03
CA VAL D 199 21.38 20.59 -13.64
C VAL D 199 20.91 19.93 -14.98
N TRP D 200 20.99 20.70 -16.08
CA TRP D 200 20.59 20.35 -17.45
C TRP D 200 21.27 19.09 -18.00
N SER D 201 22.54 18.88 -17.61
CA SER D 201 23.35 17.72 -18.01
C SER D 201 22.75 16.39 -17.54
N GLY D 202 22.17 16.40 -16.33
CA GLY D 202 21.53 15.23 -15.72
C GLY D 202 20.10 14.98 -16.16
N MET D 203 19.50 15.95 -16.84
CA MET D 203 18.13 15.85 -17.33
C MET D 203 18.01 14.78 -18.40
N ASN D 204 17.16 13.77 -18.15
CA ASN D 204 16.98 12.62 -19.04
C ASN D 204 15.68 11.87 -18.83
N VAL D 205 15.35 11.03 -19.83
CA VAL D 205 14.23 10.09 -19.86
C VAL D 205 14.84 8.81 -20.43
N ALA D 206 14.80 7.71 -19.66
CA ALA D 206 15.35 6.39 -20.01
C ALA D 206 16.88 6.41 -20.33
N GLY D 207 17.60 7.27 -19.65
CA GLY D 207 19.04 7.42 -19.82
C GLY D 207 19.45 8.19 -21.06
N VAL D 208 18.46 8.79 -21.75
CA VAL D 208 18.70 9.58 -22.96
C VAL D 208 18.81 11.05 -22.56
N SER D 209 20.04 11.61 -22.64
CA SER D 209 20.29 12.99 -22.26
C SER D 209 19.59 13.95 -23.17
N LEU D 210 18.77 14.79 -22.58
CA LEU D 210 18.01 15.82 -23.26
C LEU D 210 18.96 16.89 -23.82
N LYS D 211 20.06 17.18 -23.08
CA LYS D 211 21.11 18.13 -23.47
C LYS D 211 21.91 17.58 -24.68
N THR D 212 21.98 16.25 -24.85
CA THR D 212 22.66 15.62 -25.98
C THR D 212 21.83 15.79 -27.26
N LEU D 213 20.50 15.56 -27.17
CA LEU D 213 19.56 15.70 -28.28
C LEU D 213 19.32 17.16 -28.64
N HIS D 214 19.24 18.01 -27.60
CA HIS D 214 18.96 19.43 -27.73
C HIS D 214 20.09 20.19 -27.02
N PRO D 215 21.18 20.53 -27.74
CA PRO D 215 22.33 21.19 -27.10
C PRO D 215 22.02 22.55 -26.46
N ASP D 216 20.99 23.24 -26.98
CA ASP D 216 20.54 24.54 -26.48
C ASP D 216 19.71 24.44 -25.18
N LEU D 217 19.55 23.22 -24.61
CA LEU D 217 18.79 22.97 -23.38
C LEU D 217 19.26 23.82 -22.21
N GLY D 218 18.32 24.62 -21.70
CA GLY D 218 18.54 25.49 -20.55
C GLY D 218 19.47 26.66 -20.77
N THR D 219 19.54 27.13 -22.03
CA THR D 219 20.35 28.27 -22.45
C THR D 219 19.38 29.37 -22.89
N ASP D 220 19.91 30.49 -23.36
CA ASP D 220 19.07 31.59 -23.84
C ASP D 220 18.67 31.39 -25.31
N LYS D 221 19.53 30.66 -26.07
CA LYS D 221 19.34 30.34 -27.49
C LYS D 221 18.30 29.22 -27.72
N ASP D 222 17.74 28.64 -26.63
CA ASP D 222 16.74 27.57 -26.71
C ASP D 222 15.44 28.11 -27.29
N LYS D 223 15.10 27.66 -28.52
CA LYS D 223 13.85 28.05 -29.18
C LYS D 223 12.60 27.52 -28.47
N GLU D 224 12.77 26.40 -27.72
CA GLU D 224 11.70 25.79 -26.94
C GLU D 224 11.63 26.36 -25.52
N GLN D 225 12.67 27.16 -25.14
CA GLN D 225 12.86 27.83 -23.84
C GLN D 225 12.64 26.89 -22.65
N TRP D 226 13.49 25.85 -22.54
CA TRP D 226 13.45 24.86 -21.46
C TRP D 226 13.88 25.45 -20.13
N LYS D 227 14.54 26.63 -20.16
CA LYS D 227 14.97 27.41 -18.99
C LYS D 227 13.71 27.87 -18.22
N GLU D 228 12.55 27.89 -18.90
CA GLU D 228 11.25 28.25 -18.33
C GLU D 228 10.74 27.20 -17.37
N VAL D 229 11.14 25.92 -17.56
CA VAL D 229 10.76 24.79 -16.71
C VAL D 229 11.26 25.07 -15.27
N HIS D 230 12.51 25.58 -15.15
CA HIS D 230 13.06 25.94 -13.84
C HIS D 230 12.45 27.25 -13.31
N LYS D 231 12.20 28.23 -14.20
CA LYS D 231 11.58 29.51 -13.84
C LYS D 231 10.20 29.26 -13.22
N GLN D 232 9.41 28.36 -13.86
CA GLN D 232 8.07 27.96 -13.43
C GLN D 232 8.06 27.29 -12.06
N VAL D 233 9.17 26.61 -11.66
CA VAL D 233 9.31 25.99 -10.33
C VAL D 233 9.23 27.12 -9.29
N VAL D 234 9.96 28.22 -9.56
CA VAL D 234 10.00 29.39 -8.69
C VAL D 234 8.66 30.15 -8.75
N GLU D 235 8.16 30.45 -9.97
CA GLU D 235 6.90 31.15 -10.19
C GLU D 235 5.70 30.45 -9.51
N SER D 236 5.61 29.11 -9.67
CA SER D 236 4.53 28.28 -9.11
C SER D 236 4.45 28.39 -7.60
N ALA D 237 5.62 28.36 -6.93
CA ALA D 237 5.75 28.46 -5.49
C ALA D 237 5.01 29.70 -4.97
N TYR D 238 5.29 30.86 -5.57
CA TYR D 238 4.67 32.14 -5.20
C TYR D 238 3.21 32.21 -5.66
N GLU D 239 2.87 31.51 -6.78
CA GLU D 239 1.52 31.47 -7.33
C GLU D 239 0.57 30.73 -6.39
N VAL D 240 0.95 29.54 -5.88
CA VAL D 240 0.16 28.75 -4.92
C VAL D 240 -0.11 29.59 -3.67
N ILE D 241 0.90 30.38 -3.23
CA ILE D 241 0.82 31.30 -2.09
C ILE D 241 -0.20 32.42 -2.38
N LYS D 242 -0.20 32.95 -3.61
CA LYS D 242 -1.13 33.99 -4.05
C LYS D 242 -2.57 33.43 -4.10
N LEU D 243 -2.71 32.19 -4.62
CA LEU D 243 -3.98 31.50 -4.83
C LEU D 243 -4.63 30.91 -3.56
N LYS D 244 -3.94 30.01 -2.81
CA LYS D 244 -4.55 29.39 -1.63
C LYS D 244 -3.98 29.87 -0.27
N GLY D 245 -2.94 30.72 -0.30
CA GLY D 245 -2.38 31.33 0.90
C GLY D 245 -1.24 30.59 1.57
N TYR D 246 -1.06 29.30 1.23
CA TYR D 246 -0.04 28.43 1.80
C TYR D 246 0.28 27.28 0.84
N THR D 247 1.25 26.42 1.21
CA THR D 247 1.61 25.20 0.48
C THR D 247 1.66 24.07 1.50
N SER D 248 0.98 22.95 1.22
CA SER D 248 0.93 21.84 2.17
C SER D 248 1.12 20.46 1.54
N TRP D 249 0.25 20.09 0.59
CA TRP D 249 0.22 18.78 -0.05
C TRP D 249 1.51 18.35 -0.73
N ALA D 250 2.10 19.24 -1.56
CA ALA D 250 3.34 18.94 -2.28
C ALA D 250 4.52 18.71 -1.33
N ILE D 251 4.67 19.58 -0.32
CA ILE D 251 5.75 19.47 0.67
C ILE D 251 5.50 18.27 1.61
N GLY D 252 4.25 18.06 2.03
CA GLY D 252 3.85 16.95 2.90
C GLY D 252 4.23 15.60 2.34
N LEU D 253 3.96 15.39 1.05
CA LEU D 253 4.28 14.17 0.29
C LEU D 253 5.78 13.97 0.12
N SER D 254 6.52 15.07 -0.20
CA SER D 254 7.97 15.04 -0.40
CA SER D 254 7.97 15.05 -0.40
C SER D 254 8.72 14.65 0.87
N VAL D 255 8.30 15.22 2.04
CA VAL D 255 8.88 14.96 3.36
C VAL D 255 8.64 13.49 3.72
N ALA D 256 7.43 12.97 3.42
CA ALA D 256 7.06 11.57 3.67
C ALA D 256 7.91 10.62 2.86
N ASP D 257 8.27 11.01 1.61
CA ASP D 257 9.11 10.21 0.72
C ASP D 257 10.52 10.06 1.30
N LEU D 258 11.07 11.15 1.88
CA LEU D 258 12.37 11.14 2.55
C LEU D 258 12.31 10.24 3.76
N ALA D 259 11.25 10.42 4.57
CA ALA D 259 10.96 9.65 5.77
C ALA D 259 10.96 8.14 5.46
N GLU D 260 10.35 7.74 4.31
CA GLU D 260 10.27 6.35 3.84
C GLU D 260 11.67 5.76 3.71
N SER D 261 12.54 6.47 2.96
CA SER D 261 13.93 6.09 2.73
C SER D 261 14.66 5.91 4.05
N ILE D 262 14.50 6.85 4.99
CA ILE D 262 15.13 6.80 6.30
C ILE D 262 14.61 5.60 7.11
N MET D 263 13.32 5.63 7.48
CA MET D 263 12.67 4.59 8.30
C MET D 263 12.88 3.16 7.79
N LYS D 264 12.76 2.95 6.46
CA LYS D 264 12.93 1.66 5.82
C LYS D 264 14.39 1.32 5.45
N ASN D 265 15.34 2.29 5.61
CA ASN D 265 16.78 2.18 5.29
C ASN D 265 16.94 1.76 3.81
N LEU D 266 16.18 2.44 2.92
CA LEU D 266 16.13 2.15 1.50
C LEU D 266 17.43 2.43 0.74
N ARG D 267 18.24 3.40 1.20
CA ARG D 267 19.49 3.80 0.55
C ARG D 267 19.24 4.36 -0.88
N ARG D 268 18.14 5.14 -1.01
CA ARG D 268 17.75 5.81 -2.25
C ARG D 268 18.40 7.21 -2.29
N VAL D 269 18.67 7.71 -3.49
CA VAL D 269 19.30 9.01 -3.69
C VAL D 269 18.21 10.10 -3.76
N HIS D 270 18.35 11.15 -2.93
CA HIS D 270 17.40 12.26 -2.83
C HIS D 270 18.08 13.63 -2.88
N PRO D 271 17.43 14.68 -3.44
CA PRO D 271 18.07 16.01 -3.42
C PRO D 271 17.81 16.70 -2.09
N VAL D 272 18.73 16.53 -1.13
CA VAL D 272 18.57 17.10 0.22
C VAL D 272 19.79 17.92 0.65
N SER D 273 19.55 18.92 1.51
CA SER D 273 20.56 19.83 2.04
C SER D 273 21.45 19.15 3.06
N THR D 274 22.77 19.17 2.80
CA THR D 274 23.81 18.59 3.67
C THR D 274 25.07 19.47 3.67
N MET D 275 25.95 19.27 4.69
CA MET D 275 27.21 20.00 4.84
C MET D 275 28.01 19.77 3.57
N ILE D 276 28.23 20.85 2.80
CA ILE D 276 28.88 20.80 1.51
C ILE D 276 30.38 21.25 1.56
N LYS D 277 30.92 21.55 2.76
CA LYS D 277 32.31 21.96 2.97
C LYS D 277 33.24 20.85 2.47
N GLY D 278 34.08 21.19 1.48
CA GLY D 278 35.02 20.27 0.84
C GLY D 278 34.68 20.00 -0.62
N LEU D 279 33.46 20.40 -1.06
CA LEU D 279 32.97 20.19 -2.42
C LEU D 279 32.69 21.48 -3.17
N TYR D 280 32.99 21.48 -4.48
CA TYR D 280 32.77 22.57 -5.44
C TYR D 280 33.46 23.89 -5.01
N GLY D 281 34.57 23.75 -4.28
CA GLY D 281 35.37 24.87 -3.81
C GLY D 281 34.83 25.55 -2.56
N ILE D 282 33.84 24.92 -1.90
CA ILE D 282 33.25 25.43 -0.68
C ILE D 282 34.12 25.04 0.50
N LYS D 283 34.56 26.04 1.28
CA LYS D 283 35.44 25.87 2.43
C LYS D 283 34.76 26.20 3.74
N ASP D 284 33.54 26.79 3.68
CA ASP D 284 32.76 27.20 4.86
C ASP D 284 31.69 26.19 5.27
N ASP D 285 31.35 26.15 6.58
CA ASP D 285 30.33 25.30 7.19
C ASP D 285 28.93 25.71 6.70
N VAL D 286 28.59 25.31 5.46
CA VAL D 286 27.30 25.61 4.83
C VAL D 286 26.63 24.37 4.32
N PHE D 287 25.30 24.37 4.36
CA PHE D 287 24.50 23.25 3.92
C PHE D 287 23.83 23.59 2.61
N LEU D 288 24.04 22.73 1.59
CA LEU D 288 23.41 22.87 0.27
C LEU D 288 22.92 21.53 -0.22
N SER D 289 21.91 21.54 -1.10
CA SER D 289 21.32 20.33 -1.63
C SER D 289 22.17 19.68 -2.72
N VAL D 290 22.44 18.40 -2.51
CA VAL D 290 23.17 17.49 -3.42
C VAL D 290 22.47 16.12 -3.36
N PRO D 291 22.64 15.22 -4.36
CA PRO D 291 21.97 13.92 -4.27
C PRO D 291 22.58 13.06 -3.16
N CYS D 292 21.76 12.68 -2.17
CA CYS D 292 22.21 11.93 -0.98
C CYS D 292 21.55 10.57 -0.82
N ILE D 293 22.35 9.58 -0.38
CA ILE D 293 21.88 8.23 -0.11
CA ILE D 293 21.88 8.23 -0.11
C ILE D 293 21.24 8.23 1.29
N LEU D 294 19.91 8.04 1.36
CA LEU D 294 19.17 8.08 2.62
C LEU D 294 18.82 6.72 3.20
N GLY D 295 19.24 6.50 4.43
CA GLY D 295 18.99 5.25 5.15
C GLY D 295 18.74 5.41 6.63
N GLN D 296 18.97 4.31 7.40
CA GLN D 296 18.78 4.27 8.84
C GLN D 296 19.75 5.19 9.61
N ASN D 297 20.84 5.64 8.96
CA ASN D 297 21.82 6.55 9.56
C ASN D 297 21.71 7.95 8.96
N GLY D 298 20.70 8.16 8.12
CA GLY D 298 20.45 9.42 7.44
C GLY D 298 21.25 9.52 6.15
N ILE D 299 22.10 10.56 6.03
CA ILE D 299 22.96 10.76 4.85
C ILE D 299 24.27 9.99 5.06
N SER D 300 24.31 8.73 4.62
CA SER D 300 25.49 7.89 4.76
C SER D 300 26.53 8.20 3.69
N ASP D 301 26.05 8.60 2.50
CA ASP D 301 26.87 8.88 1.33
C ASP D 301 26.24 10.00 0.47
N LEU D 302 27.08 10.71 -0.34
CA LEU D 302 26.59 11.75 -1.24
C LEU D 302 27.19 11.61 -2.66
N VAL D 303 26.36 11.87 -3.69
CA VAL D 303 26.74 11.78 -5.12
C VAL D 303 27.50 13.05 -5.57
N LYS D 304 28.72 12.85 -6.09
CA LYS D 304 29.60 13.90 -6.58
C LYS D 304 29.24 14.28 -8.02
N VAL D 305 28.21 15.14 -8.16
CA VAL D 305 27.69 15.62 -9.45
C VAL D 305 28.70 16.51 -10.18
N THR D 306 28.96 16.19 -11.47
CA THR D 306 29.86 17.00 -12.29
C THR D 306 29.10 18.25 -12.72
N LEU D 307 29.52 19.40 -12.19
CA LEU D 307 28.89 20.68 -12.46
C LEU D 307 29.69 21.53 -13.43
N THR D 308 28.99 22.33 -14.25
CA THR D 308 29.64 23.25 -15.17
C THR D 308 30.18 24.43 -14.37
N SER D 309 31.11 25.20 -14.98
CA SER D 309 31.72 26.36 -14.32
C SER D 309 30.66 27.33 -13.81
N GLU D 310 29.58 27.53 -14.60
CA GLU D 310 28.44 28.39 -14.27
C GLU D 310 27.65 27.80 -13.09
N GLU D 311 27.37 26.47 -13.11
CA GLU D 311 26.64 25.75 -12.06
C GLU D 311 27.40 25.81 -10.73
N GLU D 312 28.74 25.59 -10.80
CA GLU D 312 29.66 25.62 -9.65
C GLU D 312 29.67 27.02 -9.02
N ALA D 313 29.77 28.07 -9.88
CA ALA D 313 29.76 29.50 -9.50
C ALA D 313 28.53 29.87 -8.70
N ARG D 314 27.35 29.38 -9.12
CA ARG D 314 26.06 29.62 -8.47
C ARG D 314 26.05 29.01 -7.05
N LEU D 315 26.58 27.78 -6.92
CA LEU D 315 26.69 27.07 -5.63
C LEU D 315 27.66 27.76 -4.68
N LYS D 316 28.78 28.30 -5.22
CA LYS D 316 29.78 29.03 -4.46
C LYS D 316 29.18 30.36 -3.98
N LYS D 317 28.43 31.05 -4.86
CA LYS D 317 27.78 32.32 -4.56
C LYS D 317 26.74 32.11 -3.46
N SER D 318 25.94 31.02 -3.56
CA SER D 318 24.93 30.65 -2.56
C SER D 318 25.63 30.41 -1.22
N ALA D 319 26.73 29.60 -1.23
CA ALA D 319 27.56 29.28 -0.07
C ALA D 319 28.12 30.54 0.60
N ASP D 320 28.63 31.49 -0.21
CA ASP D 320 29.18 32.76 0.24
C ASP D 320 28.10 33.58 0.92
N THR D 321 26.93 33.71 0.26
CA THR D 321 25.76 34.44 0.76
C THR D 321 25.30 33.85 2.09
N LEU D 322 25.08 32.52 2.14
CA LEU D 322 24.62 31.80 3.33
C LEU D 322 25.58 31.89 4.50
N TRP D 323 26.90 31.82 4.23
CA TRP D 323 27.90 31.93 5.29
C TRP D 323 27.92 33.32 5.91
N GLY D 324 27.76 34.35 5.08
CA GLY D 324 27.71 35.76 5.48
C GLY D 324 26.69 36.02 6.58
N ILE D 325 25.52 35.37 6.47
CA ILE D 325 24.44 35.45 7.45
C ILE D 325 24.82 34.62 8.69
N GLN D 326 25.24 33.36 8.45
CA GLN D 326 25.59 32.35 9.45
C GLN D 326 26.71 32.76 10.41
N LYS D 327 27.72 33.51 9.92
CA LYS D 327 28.85 33.95 10.74
C LYS D 327 28.45 35.06 11.72
N GLU D 328 27.38 35.82 11.40
CA GLU D 328 26.85 36.91 12.22
C GLU D 328 25.76 36.42 13.20
N LEU D 329 25.51 35.10 13.24
CA LEU D 329 24.52 34.51 14.14
C LEU D 329 25.14 34.19 15.48
N GLN D 330 24.49 34.65 16.57
CA GLN D 330 24.96 34.42 17.94
C GLN D 330 24.43 33.08 18.49
N PHE D 331 25.36 32.28 19.06
CA PHE D 331 25.09 30.95 19.62
C PHE D 331 25.54 30.80 21.08
N1 EPE E . 9.83 -19.73 30.85
C2 EPE E . 10.10 -20.73 31.88
C3 EPE E . 11.58 -21.03 31.97
N4 EPE E . 12.34 -19.79 32.18
C5 EPE E . 11.45 -18.63 32.37
C6 EPE E . 10.50 -18.46 31.18
C7 EPE E . 13.35 -19.56 31.14
C8 EPE E . 14.78 -19.69 31.63
O8 EPE E . 15.69 -19.74 30.55
C9 EPE E . 8.39 -19.55 30.55
C10 EPE E . 7.44 -19.39 31.73
S EPE E . 5.87 -18.84 31.27
O1S EPE E . 5.96 -17.40 31.14
O2S EPE E . 5.55 -19.48 29.99
O3S EPE E . 4.97 -19.25 32.31
PA NAI F . 7.75 -28.43 2.09
O1A NAI F . 8.03 -29.86 1.81
O2A NAI F . 7.48 -27.63 0.80
O5B NAI F . 8.83 -27.51 2.80
C5B NAI F . 9.53 -27.69 4.04
C4B NAI F . 10.91 -27.10 3.90
O4B NAI F . 11.61 -27.16 5.16
C3B NAI F . 11.82 -27.75 2.86
O3B NAI F . 12.35 -26.78 1.97
C2B NAI F . 12.88 -28.45 3.71
O2B NAI F . 14.14 -28.56 3.08
C1B NAI F . 12.96 -27.51 4.90
N9A NAI F . 13.57 -28.05 6.10
C8A NAI F . 13.55 -29.35 6.55
N7A NAI F . 14.28 -29.56 7.62
C5A NAI F . 14.81 -28.31 7.90
C6A NAI F . 15.68 -27.85 8.92
N6A NAI F . 16.24 -28.65 9.83
N1A NAI F . 16.01 -26.54 8.93
C2A NAI F . 15.50 -25.74 7.98
N3A NAI F . 14.69 -26.05 6.97
C4A NAI F . 14.37 -27.37 6.99
O3 NAI F . 6.51 -28.24 3.08
PN NAI F . 5.45 -27.03 2.99
O1N NAI F . 4.37 -27.23 2.00
O2N NAI F . 6.37 -25.79 2.92
O5D NAI F . 4.88 -27.03 4.50
C5D NAI F . 5.64 -26.72 5.68
C4D NAI F . 4.83 -26.98 6.92
O4D NAI F . 3.72 -26.05 7.00
C3D NAI F . 4.23 -28.39 7.04
O3D NAI F . 4.49 -28.96 8.32
C2D NAI F . 2.74 -28.16 6.76
O2D NAI F . 1.88 -29.13 7.33
C1D NAI F . 2.55 -26.77 7.36
N1N NAI F . 1.28 -26.03 7.18
C2N NAI F . 0.64 -25.35 8.23
C3N NAI F . -0.53 -24.70 8.05
C7N NAI F . -1.22 -23.99 9.21
O7N NAI F . -0.68 -23.99 10.33
N7N NAI F . -2.39 -23.38 8.99
C4N NAI F . -1.21 -24.64 6.69
C5N NAI F . -0.43 -25.35 5.63
C6N NAI F . 0.70 -25.99 5.85
C4 W13 G . -0.47 -32.89 2.94
C5 W13 G . -1.71 -33.03 3.57
C11 W13 G . -2.07 -37.81 4.74
C7 W13 G . -2.10 -35.63 3.50
C8 W13 G . -0.98 -36.10 2.54
C9 W13 G . -0.86 -37.64 2.59
C12 W13 G . -2.07 -36.27 4.89
C13 W13 G . -2.29 -31.90 4.16
C3 W13 G . 0.20 -31.69 2.99
CL1 W13 G . 0.59 -29.08 3.58
C2 W13 G . -0.34 -30.57 3.62
N6 W13 G . -2.50 -34.21 3.48
O10 W13 G . -1.92 -38.23 3.37
CL14 W13 G . -3.86 -32.06 4.90
C15 W13 G . -1.61 -30.69 4.21
C16 W13 G . -2.33 -29.54 4.89
C17 W13 G . -1.70 -29.00 6.18
C18 W13 G . -2.68 -28.06 6.82
C19 W13 G . -3.65 -27.37 6.04
S20 W13 G . -4.77 -26.29 6.86
C21 W13 G . -6.12 -27.31 7.37
C22 W13 G . -7.33 -26.71 7.75
CL23 W13 G . -7.49 -24.97 7.76
C24 W13 G . -8.42 -27.51 8.12
C25 W13 G . -8.31 -28.89 8.10
C26 W13 G . -7.11 -29.49 7.74
C27 W13 G . -6.01 -28.71 7.38
C28 W13 G . -3.72 -27.51 4.69
O29 W13 G . -4.65 -26.84 3.96
C30 W13 G . -2.81 -28.44 3.94
O31 W13 G . -2.66 -27.91 8.02
N1 EPE H . -3.29 -4.43 -37.49
C2 EPE H . -2.58 -5.32 -38.42
C3 EPE H . -3.43 -6.52 -38.77
N4 EPE H . -4.69 -6.09 -39.39
C5 EPE H . -5.42 -5.22 -38.46
C6 EPE H . -4.58 -4.01 -38.09
C7 EPE H . -5.51 -7.24 -39.81
C8 EPE H . -5.49 -7.49 -41.30
O8 EPE H . -4.19 -7.86 -41.76
C9 EPE H . -2.48 -3.28 -37.07
C10 EPE H . -1.15 -3.08 -37.78
S EPE H . 0.13 -2.54 -36.77
O1S EPE H . 1.33 -2.55 -37.58
O2S EPE H . 0.19 -3.46 -35.65
O3S EPE H . -0.24 -1.19 -36.35
PA NAI I . 5.54 -24.08 -16.21
O1A NAI I . 5.97 -25.41 -16.72
O2A NAI I . 5.60 -23.97 -14.69
O5B NAI I . 4.10 -23.51 -16.52
C5B NAI I . 3.41 -23.39 -17.78
C4B NAI I . 1.93 -23.63 -17.54
O4B NAI I . 1.19 -23.39 -18.76
C3B NAI I . 1.55 -25.02 -17.05
O3B NAI I . 0.75 -24.94 -15.89
C2B NAI I . 0.81 -25.63 -18.26
O2B NAI I . -0.20 -26.57 -17.91
C1B NAI I . 0.19 -24.38 -18.86
N9A NAI I . -0.25 -24.50 -20.25
C8A NAI I . 0.29 -25.29 -21.24
N7A NAI I . -0.39 -25.26 -22.36
C5A NAI I . -1.43 -24.39 -22.10
C6A NAI I . -2.51 -23.94 -22.88
N6A NAI I . -2.77 -24.38 -24.12
N1A NAI I . -3.38 -23.06 -22.31
C2A NAI I . -3.17 -22.68 -21.05
N3A NAI I . -2.20 -23.05 -20.21
C4A NAI I . -1.36 -23.91 -20.80
O3 NAI I . 6.46 -22.91 -16.85
PN NAI I . 6.88 -21.57 -16.07
O1N NAI I . 8.05 -21.73 -15.16
O2N NAI I . 5.54 -21.06 -15.53
O5D NAI I . 7.24 -20.63 -17.31
C5D NAI I . 6.31 -20.15 -18.30
C4D NAI I . 7.03 -19.39 -19.39
O4D NAI I . 7.60 -18.16 -18.87
C3D NAI I . 8.18 -20.15 -20.07
O3D NAI I . 8.06 -20.10 -21.49
C2D NAI I . 9.43 -19.45 -19.51
O2D NAI I . 10.58 -19.53 -20.35
C1D NAI I . 8.91 -18.03 -19.38
N1N NAI I . 9.73 -16.97 -18.73
C2N NAI I . 9.89 -15.67 -19.27
C3N NAI I . 10.65 -14.74 -18.67
C7N NAI I . 10.81 -13.34 -19.25
O7N NAI I . 10.20 -13.07 -20.30
N7N NAI I . 11.59 -12.45 -18.64
C4N NAI I . 11.37 -15.03 -17.35
C5N NAI I . 11.12 -16.43 -16.85
C6N NAI I . 10.37 -17.30 -17.48
C4 W13 J . 15.02 -23.10 -18.50
C5 W13 J . 16.05 -22.22 -18.85
C11 W13 J . 18.98 -25.24 -21.55
C7 W13 J . 17.95 -23.82 -19.76
C8 W13 J . 17.59 -25.04 -18.89
C9 W13 J . 18.27 -26.30 -19.46
C12 W13 J . 17.96 -24.13 -21.26
C13 W13 J . 15.87 -20.85 -18.62
C3 W13 J . 13.87 -22.62 -17.89
CL1 W13 J . 12.27 -20.72 -16.82
C2 W13 J . 13.70 -21.26 -17.65
N6 W13 J . 17.27 -22.55 -19.50
O10 W13 J . 19.34 -25.95 -20.35
CL14 W13 J . 17.14 -19.74 -19.05
C15 W13 J . 14.74 -20.38 -17.97
C16 W13 J . 14.65 -18.89 -17.80
C17 W13 J . 13.86 -18.18 -18.90
C18 W13 J . 14.31 -16.74 -18.92
C19 W13 J . 14.86 -16.12 -17.76
S20 W13 J . 15.32 -14.41 -17.90
C21 W13 J . 16.92 -14.35 -18.64
C22 W13 J . 17.66 -13.18 -18.53
CL23 W13 J . 17.03 -11.77 -17.72
C24 W13 J . 18.95 -13.13 -19.08
C25 W13 J . 19.48 -14.26 -19.73
C26 W13 J . 18.72 -15.42 -19.85
C27 W13 J . 17.45 -15.47 -19.31
C28 W13 J . 15.02 -16.78 -16.58
O29 W13 J . 15.55 -16.16 -15.51
C30 W13 J . 14.66 -18.24 -16.42
O31 W13 J . 14.21 -16.12 -19.96
N1 EPE K . -36.21 6.61 -9.24
C2 EPE K . -37.22 7.65 -9.53
C3 EPE K . -36.72 8.62 -10.58
N4 EPE K . -36.61 7.96 -11.89
C5 EPE K . -36.22 6.55 -11.73
C6 EPE K . -35.41 6.34 -10.45
C7 EPE K . -35.69 8.67 -12.80
C8 EPE K . -36.25 9.94 -13.40
O8 EPE K . -35.20 10.82 -13.77
C9 EPE K . -36.82 5.38 -8.71
C10 EPE K . -37.12 5.47 -7.22
S EPE K . -35.92 4.82 -6.20
O1S EPE K . -35.49 3.56 -6.80
O2S EPE K . -34.84 5.79 -6.16
O3S EPE K . -36.54 4.62 -4.91
PA NAI L . -15.53 24.76 4.37
O1A NAI L . -16.01 26.11 4.79
O2A NAI L . -14.04 24.56 4.68
O5B NAI L . -15.59 24.29 2.85
C5B NAI L . -16.69 24.29 1.93
C4B NAI L . -16.19 24.61 0.55
O4B NAI L . -17.27 24.51 -0.40
C3B NAI L . -15.57 26.00 0.36
O3B NAI L . -14.28 25.90 -0.24
C2B NAI L . -16.59 26.73 -0.53
O2B NAI L . -16.03 27.70 -1.41
C1B NAI L . -17.15 25.57 -1.32
N9A NAI L . -18.44 25.80 -1.98
C8A NAI L . -19.47 26.61 -1.57
N7A NAI L . -20.46 26.69 -2.42
C5A NAI L . -20.06 25.87 -3.47
C6A NAI L . -20.67 25.54 -4.70
N6A NAI L . -21.82 26.06 -5.12
N1A NAI L . -20.01 24.67 -5.50
C2A NAI L . -18.83 24.19 -5.11
N3A NAI L . -18.15 24.45 -4.00
C4A NAI L . -18.82 25.31 -3.21
O3 NAI L . -16.36 23.59 5.08
PN NAI L . -15.75 22.19 5.53
O1N NAI L . -15.05 22.21 6.84
O2N NAI L . -15.00 21.72 4.25
O5D NAI L . -17.07 21.28 5.59
C5D NAI L . -17.89 20.92 4.46
C4D NAI L . -19.13 20.21 4.92
O4D NAI L . -18.78 18.92 5.47
C3D NAI L . -19.98 20.93 5.98
O3D NAI L . -21.35 20.96 5.61
C2D NAI L . -19.69 20.13 7.25
O2D NAI L . -20.70 20.21 8.24
C1D NAI L . -19.51 18.74 6.67
N1N NAI L . -19.06 17.61 7.52
C2N NAI L . -19.68 16.33 7.49
C3N NAI L . -19.26 15.32 8.27
C7N NAI L . -19.94 13.96 8.25
O7N NAI L . -20.87 13.78 7.46
N7N NAI L . -19.51 13.00 9.07
C4N NAI L . -18.08 15.50 9.22
C5N NAI L . -17.48 16.87 9.16
C6N NAI L . -17.93 17.83 8.37
C4 W13 M . -19.40 23.66 13.44
C5 W13 M . -20.10 22.77 14.27
C11 W13 M . -22.65 26.65 14.88
C7 W13 M . -21.41 24.52 15.73
C8 W13 M . -20.29 25.43 16.26
C9 W13 M . -20.62 26.95 16.21
C12 W13 M . -22.42 25.13 14.72
C13 W13 M . -19.94 21.40 14.02
C3 W13 M . -18.59 23.18 12.42
CL1 W13 M . -17.38 21.31 10.90
C2 W13 M . -18.46 21.82 12.17
N6 W13 M . -20.94 23.17 15.35
O10 W13 M . -22.03 27.19 16.05
CL14 W13 M . -20.78 20.28 15.03
C15 W13 M . -19.12 20.90 13.01
C16 W13 M . -19.06 19.39 12.84
C17 W13 M . -19.90 18.79 11.70
C18 W13 M . -20.07 17.32 12.00
C19 W13 M . -19.10 16.59 12.76
S20 W13 M . -19.36 14.87 13.08
C21 W13 M . -20.35 14.82 14.54
C22 W13 M . -20.49 13.63 15.26
CL23 W13 M . -19.69 12.16 14.76
C24 W13 M . -21.27 13.61 16.42
C25 W13 M . -21.90 14.76 16.88
C26 W13 M . -21.79 15.94 16.15
C27 W13 M . -21.02 15.97 14.98
C28 W13 M . -17.97 17.20 13.25
O29 W13 M . -17.07 16.49 13.96
C30 W13 M . -17.72 18.68 13.05
O31 W13 M . -21.07 16.76 11.60
PA NAI N . 2.55 27.86 9.80
O1A NAI N . 2.34 29.29 10.13
O2A NAI N . 1.28 27.20 9.25
O5B NAI N . 3.00 26.82 10.90
C5B NAI N . 4.10 26.87 11.82
C4B NAI N . 3.68 26.23 13.12
O4B NAI N . 4.81 26.17 14.02
C3B NAI N . 2.54 26.91 13.88
O3B NAI N . 1.51 25.97 14.19
C2B NAI N . 3.24 27.49 15.12
O2B NAI N . 2.41 27.57 16.27
C1B NAI N . 4.33 26.47 15.32
N9A NAI N . 5.44 26.88 16.18
C8A NAI N . 5.95 28.14 16.35
N7A NAI N . 6.89 28.22 17.26
C5A NAI N . 7.02 26.91 17.71
C6A NAI N . 7.85 26.32 18.68
N6A NAI N . 8.71 27.01 19.45
N1A NAI N . 7.73 24.99 18.89
C2A NAI N . 6.84 24.31 18.18
N3A NAI N . 5.99 24.75 17.24
C4A NAI N . 6.14 26.08 17.05
O3 NAI N . 3.71 27.66 8.72
PN NAI N . 3.71 26.52 7.57
O1N NAI N . 2.91 26.87 6.35
O2N NAI N . 3.40 25.23 8.38
O5D NAI N . 5.28 26.45 7.26
C5D NAI N . 6.29 25.98 8.17
C4D NAI N . 7.67 26.21 7.59
O4D NAI N . 7.87 25.37 6.44
C3D NAI N . 7.99 27.65 7.14
O3D NAI N . 9.24 28.07 7.67
C2D NAI N . 7.93 27.54 5.61
O2D NAI N . 8.69 28.52 4.91
C1D NAI N . 8.45 26.13 5.40
N1N NAI N . 8.43 25.50 4.07
C2N NAI N . 9.55 24.78 3.55
C3N NAI N . 9.51 24.22 2.33
C7N NAI N . 10.72 23.47 1.78
O7N NAI N . 11.73 23.38 2.50
N7N NAI N . 10.66 22.94 0.56
C4N NAI N . 8.27 24.29 1.45
C5N NAI N . 7.13 25.04 2.09
C6N NAI N . 7.23 25.59 3.29
S SO4 O . 15.49 9.19 -9.34
O1 SO4 O . 15.73 10.24 -10.34
O2 SO4 O . 16.76 8.61 -8.92
O3 SO4 O . 14.61 8.15 -9.87
O4 SO4 O . 14.83 9.79 -8.19
C4 W13 P . 4.88 32.70 2.19
C5 W13 P . 5.58 32.86 1.00
C11 W13 P . 5.54 37.90 1.18
C7 W13 P . 5.17 35.46 0.58
C8 W13 P . 3.71 35.62 1.04
C9 W13 P . 3.24 37.08 0.86
C12 W13 P . 6.11 36.46 1.26
C13 W13 P . 6.20 31.72 0.45
C3 W13 P . 4.77 31.43 2.78
CL1 W13 P . 5.16 28.77 3.00
C2 W13 P . 5.38 30.31 2.22
N6 W13 P . 5.74 34.11 0.33
O10 W13 P . 4.29 37.98 0.46
CL14 W13 P . 7.09 31.86 -1.04
C15 W13 P . 6.09 30.46 1.02
C16 W13 P . 6.82 29.31 0.35
C17 W13 P . 8.04 28.79 1.11
C18 W13 P . 8.89 27.97 0.17
C19 W13 P . 8.30 27.31 -0.95
S20 W13 P . 9.38 26.36 -1.99
C21 W13 P . 10.04 27.43 -3.24
C22 W13 P . 10.54 26.86 -4.42
CL23 W13 P . 10.49 25.13 -4.63
C24 W13 P . 11.03 27.68 -5.44
C25 W13 P . 11.04 29.06 -5.26
C26 W13 P . 10.57 29.64 -4.08
C27 W13 P . 10.08 28.83 -3.07
C28 W13 P . 6.95 27.39 -1.21
O29 W13 P . 6.41 26.77 -2.27
C30 W13 P . 6.01 28.21 -0.34
O31 W13 P . 10.09 27.90 0.38
#